data_9NS5
#
_entry.id   9NS5
#
loop_
_entity.id
_entity.type
_entity.pdbx_description
1 polymer 'Ubiquitin-like protein MDY2'
2 polymer 'ATPase GET3'
3 polymer 'Golgi to ER traffic protein 4'
4 non-polymer 'ZINC ION'
5 non-polymer "ADENOSINE-5'-TRIPHOSPHATE"
6 non-polymer 'MAGNESIUM ION'
#
loop_
_entity_poly.entity_id
_entity_poly.type
_entity_poly.pdbx_seq_one_letter_code
_entity_poly.pdbx_strand_id
1 'polypeptide(L)'
;MSTSASGPEHEFVSKFLTLATLTEPKLPKSYTKPLKDVTNLGVPLPTLKYKYKQNRAKKLKLHQDQQGQDNAAVHLTLKK
IQAPKFSIEHDFSPSDTILQIKQHLISEEKASHISEIKLLLKGKVLHDNLFLSDLKVTPANSTITVMIKPNPTISKEPEA
EKSTNSPAPAPPQELTVPWDDIEALLKNNFENDQAAVRQVMERLQKGWSLAK
;
C,F
2 'polypeptide(L)'
;MGSSHHHHHHSSGENLYFQGHMMDLTVEPNLHSLITSTTHKWIFVGGKGGVGKTTSSCSIAIQMALSQPNKQFLLISTNP
AHNLSDAFGEKFGKDARKVTGMNNLSCMEIDPSAALKDMNDMAVSRANNNGSDGQGDDLGSLLQGGALADLTGSIPGIDE
ALSFMEVMKHIKRQEQGEGETFDTVIFDTAPTGHTLRFLQLPNTLSKLLEKFGEITNKLGPMLNSFMGAGNVDISGKLNE
LKANVETIRQQFTDPDLTTFVCVCISEFLSLYETERLIQELISYDMDVNSIIVNQLLFAENDQEHNCKRCQARWKMQKKY
LDQIDELYEDFHVVKMPLCAGEIRGLNNLTKFSQFLNKEYNPITDGKVIYELEDKE
;
A,D
3 'polypeptide(L)'
;MVPAESNAVQAKLAKTLQRFENKIKAGDYYEAHQTLRTIANRYVRSKSYEHAIELISQGALSFLKAKQGGSGTDLIFYLL
EVYDLAEVKVDDISVARLVRLIAELDPSEPNLKDVITGMNNWSIKFSEYKFGDPYLHNTIGSKLLEGDFVYEAERYFMLG
THDSMIKYVDLLWDWLCQVDDIEDSTVAEFFSRLVFNYLFISNISFAHESKDIFLERFIEKFHPKYEKIDKNGYEIVFFE
DYSDLNFLQLLLITCQTKDKSYFLNLKNHYLDFSQAYKSELEFLGQEYFNIVAPKQTNFLQDMMSGFLGGSKSGGGGGEN
LYFQGGSSHHHHHH
;
B,E
#
loop_
_chem_comp.id
_chem_comp.type
_chem_comp.name
_chem_comp.formula
ATP non-polymer ADENOSINE-5'-TRIPHOSPHATE 'C10 H16 N5 O13 P3'
MG non-polymer 'MAGNESIUM ION' 'Mg 2'
ZN non-polymer 'ZINC ION' 'Zn 2'
#
# COMPACT_ATOMS: atom_id res chain seq x y z
N GLY A 7 -36.05 62.95 -2.04
CA GLY A 7 -37.27 62.57 -1.35
C GLY A 7 -37.08 62.46 0.15
N PRO A 8 -37.92 61.64 0.80
CA PRO A 8 -37.81 61.48 2.27
C PRO A 8 -36.50 60.85 2.71
N GLU A 9 -35.79 60.16 1.81
CA GLU A 9 -34.53 59.53 2.20
C GLU A 9 -33.49 60.56 2.58
N HIS A 10 -33.51 61.74 1.95
CA HIS A 10 -32.59 62.81 2.35
C HIS A 10 -32.85 63.25 3.78
N GLU A 11 -34.12 63.45 4.14
CA GLU A 11 -34.46 63.84 5.50
C GLU A 11 -34.10 62.74 6.49
N PHE A 12 -34.33 61.48 6.12
CA PHE A 12 -33.96 60.38 7.01
C PHE A 12 -32.46 60.35 7.23
N VAL A 13 -31.67 60.52 6.17
CA VAL A 13 -30.22 60.49 6.29
C VAL A 13 -29.74 61.64 7.16
N SER A 14 -30.29 62.83 6.95
CA SER A 14 -29.90 63.99 7.75
C SER A 14 -30.23 63.78 9.23
N LYS A 15 -31.44 63.28 9.52
CA LYS A 15 -31.82 63.05 10.90
C LYS A 15 -30.95 61.96 11.54
N PHE A 16 -30.67 60.90 10.80
CA PHE A 16 -29.83 59.82 11.32
C PHE A 16 -28.42 60.33 11.62
N LEU A 17 -27.86 61.15 10.72
CA LEU A 17 -26.53 61.70 10.95
C LEU A 17 -26.51 62.62 12.15
N THR A 18 -27.54 63.47 12.28
CA THR A 18 -27.59 64.39 13.42
C THR A 18 -27.71 63.63 14.73
N LEU A 19 -28.56 62.60 14.77
CA LEU A 19 -28.71 61.81 15.99
C LEU A 19 -27.45 61.04 16.33
N ALA A 20 -26.79 60.45 15.31
CA ALA A 20 -25.58 59.69 15.56
C ALA A 20 -24.44 60.58 16.02
N THR A 21 -24.33 61.78 15.47
CA THR A 21 -23.26 62.70 15.80
C THR A 21 -23.65 63.71 16.87
N LEU A 22 -24.74 63.46 17.59
CA LEU A 22 -25.10 64.34 18.70
C LEU A 22 -24.02 64.34 19.77
N THR A 23 -23.48 63.16 20.10
CA THR A 23 -22.38 63.02 21.04
C THR A 23 -21.23 62.31 20.34
N GLU A 24 -20.03 62.51 20.87
CA GLU A 24 -18.86 61.84 20.32
C GLU A 24 -19.02 60.33 20.51
N PRO A 25 -18.80 59.53 19.46
CA PRO A 25 -19.01 58.09 19.60
C PRO A 25 -18.05 57.47 20.60
N LYS A 26 -18.49 56.38 21.24
CA LYS A 26 -17.67 55.69 22.23
C LYS A 26 -16.35 55.24 21.62
N LEU A 27 -16.40 54.72 20.40
CA LEU A 27 -15.19 54.30 19.71
C LEU A 27 -14.66 55.46 18.87
N PRO A 28 -13.39 55.82 18.98
CA PRO A 28 -12.86 56.97 18.24
C PRO A 28 -13.02 56.81 16.73
N LYS A 29 -12.92 57.94 16.03
CA LYS A 29 -13.03 57.94 14.57
C LYS A 29 -11.91 57.13 13.93
N SER A 30 -10.68 57.27 14.44
CA SER A 30 -9.51 56.61 13.89
C SER A 30 -9.10 55.39 14.71
N TYR A 31 -10.07 54.64 15.21
CA TYR A 31 -9.78 53.45 15.99
C TYR A 31 -9.19 52.36 15.09
N THR A 32 -8.17 51.67 15.61
CA THR A 32 -7.51 50.58 14.89
C THR A 32 -7.20 49.49 15.91
N LYS A 33 -8.06 48.47 15.97
CA LYS A 33 -7.79 47.35 16.85
C LYS A 33 -6.56 46.60 16.35
N PRO A 34 -5.58 46.32 17.22
CA PRO A 34 -4.37 45.64 16.77
C PRO A 34 -4.70 44.26 16.18
N LEU A 35 -3.95 43.90 15.14
CA LEU A 35 -4.18 42.62 14.46
C LEU A 35 -3.85 41.43 15.36
N LYS A 36 -3.08 41.64 16.43
CA LYS A 36 -2.73 40.54 17.31
C LYS A 36 -3.94 39.99 18.04
N ASP A 37 -4.96 40.83 18.27
CA ASP A 37 -6.12 40.45 19.06
C ASP A 37 -7.32 40.05 18.22
N VAL A 38 -7.18 40.03 16.90
CA VAL A 38 -8.28 39.68 16.01
C VAL A 38 -8.38 38.16 15.94
N THR A 39 -9.57 37.63 16.22
CA THR A 39 -9.80 36.19 16.26
C THR A 39 -10.64 35.66 15.10
N ASN A 40 -11.69 36.38 14.70
CA ASN A 40 -12.60 35.93 13.67
C ASN A 40 -12.67 36.97 12.56
N LEU A 41 -12.64 36.50 11.31
CA LEU A 41 -12.75 37.35 10.14
C LEU A 41 -14.18 37.48 9.62
N GLY A 42 -15.14 36.80 10.25
CA GLY A 42 -16.51 36.88 9.82
C GLY A 42 -16.84 35.96 8.66
N VAL A 43 -18.08 36.08 8.18
CA VAL A 43 -18.56 35.26 7.07
C VAL A 43 -17.85 35.67 5.79
N PRO A 44 -17.60 34.74 4.87
CA PRO A 44 -16.99 35.12 3.59
C PRO A 44 -17.96 35.94 2.75
N LEU A 45 -17.40 36.92 2.04
CA LEU A 45 -18.21 37.74 1.16
C LEU A 45 -18.56 36.95 -0.11
N PRO A 46 -19.67 37.26 -0.76
CA PRO A 46 -20.04 36.54 -1.98
C PRO A 46 -19.14 36.95 -3.14
N THR A 47 -18.84 35.98 -3.99
CA THR A 47 -18.00 36.25 -5.16
C THR A 47 -18.76 37.09 -6.17
N LEU A 48 -18.02 37.96 -6.85
CA LEU A 48 -18.62 38.85 -7.82
C LEU A 48 -18.90 38.10 -9.13
N LYS A 49 -19.84 38.66 -9.90
CA LYS A 49 -20.20 38.05 -11.20
C LYS A 49 -19.31 38.66 -12.31
N TYR A 50 -18.11 39.11 -11.96
CA TYR A 50 -17.17 39.62 -12.99
C TYR A 50 -15.88 38.81 -12.89
N LYS A 51 -14.79 39.32 -13.48
CA LYS A 51 -13.50 38.57 -13.45
C LYS A 51 -12.34 39.53 -13.72
N TYR A 52 -11.51 39.78 -12.70
CA TYR A 52 -10.40 40.74 -12.88
C TYR A 52 -9.47 40.22 -13.96
N LYS A 53 -9.28 40.99 -15.03
CA LYS A 53 -8.29 40.56 -16.04
C LYS A 53 -7.48 41.76 -16.52
N GLN A 54 -6.34 42.01 -15.90
CA GLN A 54 -5.46 43.14 -16.34
C GLN A 54 -4.15 42.55 -16.89
N GLY B 7 -25.37 -56.27 38.15
CA GLY B 7 -26.49 -55.62 38.82
C GLY B 7 -27.68 -55.41 37.93
N PRO B 8 -28.50 -54.41 38.26
CA PRO B 8 -29.70 -54.13 37.43
C PRO B 8 -29.36 -53.68 36.02
N GLU B 9 -28.14 -53.20 35.77
CA GLU B 9 -27.78 -52.75 34.43
C GLU B 9 -27.78 -53.90 33.43
N HIS B 10 -27.44 -55.12 33.87
CA HIS B 10 -27.51 -56.27 32.98
C HIS B 10 -28.95 -56.53 32.54
N GLU B 11 -29.89 -56.49 33.50
CA GLU B 11 -31.29 -56.69 33.16
C GLU B 11 -31.79 -55.58 32.25
N PHE B 12 -31.39 -54.34 32.52
CA PHE B 12 -31.82 -53.23 31.65
C PHE B 12 -31.28 -53.40 30.24
N VAL B 13 -30.02 -53.81 30.11
CA VAL B 13 -29.43 -54.00 28.78
C VAL B 13 -30.14 -55.13 28.04
N SER B 14 -30.42 -56.23 28.74
CA SER B 14 -31.11 -57.34 28.11
C SER B 14 -32.51 -56.95 27.66
N LYS B 15 -33.25 -56.24 28.51
CA LYS B 15 -34.60 -55.81 28.14
C LYS B 15 -34.56 -54.83 26.98
N PHE B 16 -33.61 -53.89 26.99
CA PHE B 16 -33.49 -52.93 25.90
C PHE B 16 -33.16 -53.63 24.59
N LEU B 17 -32.25 -54.60 24.63
CA LEU B 17 -31.91 -55.34 23.41
C LEU B 17 -33.10 -56.14 22.90
N THR B 18 -33.83 -56.80 23.80
CA THR B 18 -34.99 -57.58 23.37
C THR B 18 -36.06 -56.68 22.76
N LEU B 19 -36.33 -55.53 23.38
CA LEU B 19 -37.33 -54.63 22.84
C LEU B 19 -36.90 -54.03 21.50
N ALA B 20 -35.62 -53.66 21.38
CA ALA B 20 -35.13 -53.08 20.13
C ALA B 20 -35.15 -54.09 19.00
N THR B 21 -34.80 -55.35 19.30
CA THR B 21 -34.72 -56.39 18.29
C THR B 21 -35.99 -57.22 18.20
N LEU B 22 -37.10 -56.73 18.76
CA LEU B 22 -38.38 -57.43 18.62
C LEU B 22 -38.79 -57.51 17.15
N THR B 23 -38.63 -56.41 16.42
CA THR B 23 -38.89 -56.35 14.99
C THR B 23 -37.64 -55.91 14.27
N GLU B 24 -37.55 -56.25 12.99
CA GLU B 24 -36.42 -55.83 12.18
C GLU B 24 -36.42 -54.30 12.08
N PRO B 25 -35.28 -53.65 12.33
CA PRO B 25 -35.25 -52.18 12.31
C PRO B 25 -35.58 -51.64 10.92
N LYS B 26 -36.16 -50.44 10.89
CA LYS B 26 -36.52 -49.80 9.64
C LYS B 26 -35.30 -49.62 8.75
N LEU B 27 -34.18 -49.21 9.34
CA LEU B 27 -32.94 -49.08 8.59
C LEU B 27 -32.16 -50.37 8.66
N PRO B 28 -31.70 -50.92 7.53
CA PRO B 28 -31.00 -52.20 7.55
C PRO B 28 -29.75 -52.15 8.41
N LYS B 29 -29.27 -53.36 8.77
CA LYS B 29 -28.06 -53.46 9.58
C LYS B 29 -26.85 -52.92 8.85
N SER B 30 -26.73 -53.21 7.55
CA SER B 30 -25.59 -52.79 6.74
C SER B 30 -25.90 -51.59 5.88
N TYR B 31 -26.69 -50.65 6.40
CA TYR B 31 -27.02 -49.44 5.64
C TYR B 31 -25.79 -48.56 5.47
N THR B 32 -25.65 -48.00 4.27
CA THR B 32 -24.54 -47.09 3.95
C THR B 32 -25.11 -45.98 3.09
N LYS B 33 -25.39 -44.83 3.70
CA LYS B 33 -25.85 -43.69 2.93
C LYS B 33 -24.72 -43.20 2.03
N PRO B 34 -24.96 -43.00 0.74
CA PRO B 34 -23.89 -42.57 -0.16
C PRO B 34 -23.31 -41.22 0.28
N LEU B 35 -21.99 -41.08 0.12
CA LEU B 35 -21.32 -39.85 0.52
C LEU B 35 -21.73 -38.66 -0.31
N LYS B 36 -22.33 -38.89 -1.48
CA LYS B 36 -22.76 -37.77 -2.32
C LYS B 36 -23.88 -36.96 -1.68
N ASP B 37 -24.69 -37.61 -0.84
CA ASP B 37 -25.87 -36.98 -0.26
C ASP B 37 -25.64 -36.47 1.16
N VAL B 38 -24.44 -36.60 1.69
CA VAL B 38 -24.13 -36.16 3.04
C VAL B 38 -23.87 -34.65 3.02
N THR B 39 -24.58 -33.91 3.87
CA THR B 39 -24.50 -32.46 3.91
C THR B 39 -23.80 -31.92 5.15
N ASN B 40 -24.08 -32.49 6.33
CA ASN B 40 -23.53 -32.00 7.57
C ASN B 40 -22.77 -33.12 8.28
N LEU B 41 -21.61 -32.78 8.83
CA LEU B 41 -20.79 -33.71 9.58
C LEU B 41 -21.03 -33.66 11.08
N GLY B 42 -21.91 -32.78 11.54
CA GLY B 42 -22.21 -32.68 12.95
C GLY B 42 -21.21 -31.82 13.71
N VAL B 43 -21.39 -31.79 15.03
CA VAL B 43 -20.54 -31.02 15.92
C VAL B 43 -19.16 -31.64 15.97
N PRO B 44 -18.09 -30.86 16.11
CA PRO B 44 -16.76 -31.45 16.25
C PRO B 44 -16.62 -32.18 17.58
N LEU B 45 -15.90 -33.30 17.53
CA LEU B 45 -15.65 -34.06 18.74
C LEU B 45 -14.59 -33.34 19.59
N PRO B 46 -14.61 -33.53 20.91
CA PRO B 46 -13.61 -32.89 21.75
C PRO B 46 -12.24 -33.53 21.58
N THR B 47 -11.19 -32.71 21.65
CA THR B 47 -9.84 -33.22 21.53
C THR B 47 -9.46 -34.04 22.75
N LEU B 48 -8.65 -35.06 22.54
CA LEU B 48 -8.24 -35.93 23.62
C LEU B 48 -7.13 -35.28 24.44
N LYS B 49 -7.07 -35.62 25.72
CA LYS B 49 -6.06 -35.07 26.61
C LYS B 49 -4.67 -35.63 26.33
N TYR B 50 -4.60 -36.69 25.54
CA TYR B 50 -3.30 -37.35 25.24
C TYR B 50 -2.73 -36.76 23.95
N LYS B 51 -1.72 -37.42 23.39
CA LYS B 51 -1.14 -36.95 22.10
C LYS B 51 -0.45 -38.11 21.39
N TYR B 52 -0.75 -38.29 20.10
CA TYR B 52 -0.10 -39.37 19.33
C TYR B 52 1.40 -39.09 19.27
N LYS B 53 2.21 -40.15 19.27
CA LYS B 53 3.67 -39.95 19.13
C LYS B 53 4.14 -40.76 17.91
N GLN B 54 4.09 -42.09 18.01
CA GLN B 54 4.50 -42.97 16.90
C GLN B 54 5.79 -42.44 16.26
N THR C 26 37.93 6.42 11.96
CA THR C 26 38.28 5.01 11.77
C THR C 26 37.46 4.41 10.63
N VAL C 27 36.20 4.11 10.93
CA VAL C 27 35.22 3.48 10.03
C VAL C 27 35.86 2.67 8.92
N GLU C 28 36.16 1.41 9.21
CA GLU C 28 36.75 0.54 8.21
C GLU C 28 35.74 0.28 7.08
N PRO C 29 36.21 0.04 5.86
CA PRO C 29 35.32 -0.19 4.71
C PRO C 29 34.85 -1.64 4.59
N ASN C 30 34.29 -2.17 5.67
CA ASN C 30 33.74 -3.52 5.67
C ASN C 30 32.65 -3.62 6.72
N LEU C 31 31.82 -4.66 6.59
CA LEU C 31 30.73 -4.92 7.52
C LEU C 31 31.12 -5.87 8.64
N HIS C 32 32.41 -5.88 9.02
CA HIS C 32 32.86 -6.82 10.05
C HIS C 32 32.20 -6.56 11.40
N SER C 33 31.97 -5.29 11.73
CA SER C 33 31.31 -4.97 12.99
C SER C 33 29.89 -5.51 13.03
N LEU C 34 29.19 -5.45 11.89
CA LEU C 34 27.82 -5.96 11.82
C LEU C 34 27.80 -7.48 11.75
N ILE C 35 28.78 -8.08 11.07
CA ILE C 35 28.75 -9.53 10.83
C ILE C 35 29.01 -10.29 12.12
N THR C 36 29.98 -9.85 12.92
CA THR C 36 30.31 -10.52 14.17
C THR C 36 29.58 -9.94 15.37
N SER C 37 28.63 -9.03 15.15
CA SER C 37 27.87 -8.46 16.26
C SER C 37 26.96 -9.50 16.86
N THR C 38 26.98 -9.60 18.19
CA THR C 38 26.18 -10.57 18.91
C THR C 38 24.88 -9.99 19.46
N THR C 39 24.58 -8.72 19.17
CA THR C 39 23.41 -8.07 19.73
C THR C 39 22.33 -7.76 18.70
N HIS C 40 22.67 -7.65 17.43
CA HIS C 40 21.71 -7.24 16.42
C HIS C 40 20.62 -8.29 16.24
N LYS C 41 19.37 -7.83 16.15
CA LYS C 41 18.22 -8.71 15.97
C LYS C 41 17.55 -8.55 14.62
N TRP C 42 17.43 -7.33 14.12
CA TRP C 42 16.89 -7.06 12.79
C TRP C 42 17.91 -6.29 11.99
N ILE C 43 18.06 -6.64 10.71
CA ILE C 43 19.00 -5.98 9.83
C ILE C 43 18.30 -5.76 8.49
N PHE C 44 17.91 -4.52 8.22
CA PHE C 44 17.24 -4.19 6.97
C PHE C 44 18.28 -3.83 5.91
N VAL C 45 18.10 -4.36 4.72
CA VAL C 45 18.92 -4.03 3.56
C VAL C 45 18.02 -3.37 2.53
N GLY C 46 18.31 -2.12 2.20
CA GLY C 46 17.51 -1.37 1.26
C GLY C 46 18.39 -0.55 0.33
N GLY C 47 17.74 0.15 -0.60
CA GLY C 47 18.47 0.94 -1.55
C GLY C 47 17.61 1.46 -2.67
N LYS C 48 18.09 1.37 -3.91
CA LYS C 48 17.40 1.92 -5.07
C LYS C 48 17.39 0.88 -6.19
N GLY C 49 16.33 0.08 -6.24
CA GLY C 49 15.95 -0.60 -7.47
C GLY C 49 17.04 -1.28 -8.24
N GLY C 50 17.54 -2.42 -7.77
CA GLY C 50 18.47 -3.21 -8.53
C GLY C 50 19.92 -2.86 -8.32
N VAL C 51 20.25 -2.12 -7.28
CA VAL C 51 21.65 -1.89 -6.92
C VAL C 51 22.29 -3.11 -6.29
N GLY C 52 21.50 -4.13 -5.96
CA GLY C 52 22.05 -5.32 -5.32
C GLY C 52 21.46 -5.60 -3.95
N LYS C 53 20.22 -5.20 -3.73
CA LYS C 53 19.58 -5.44 -2.43
C LYS C 53 19.51 -6.92 -2.11
N THR C 54 19.02 -7.72 -3.06
CA THR C 54 18.87 -9.16 -2.81
C THR C 54 20.23 -9.84 -2.68
N THR C 55 21.14 -9.54 -3.61
CA THR C 55 22.47 -10.16 -3.56
C THR C 55 23.20 -9.79 -2.28
N SER C 56 23.16 -8.52 -1.90
CA SER C 56 23.86 -8.09 -0.70
C SER C 56 23.19 -8.60 0.57
N SER C 57 21.87 -8.71 0.58
CA SER C 57 21.19 -9.27 1.75
C SER C 57 21.53 -10.74 1.91
N CYS C 58 21.54 -11.50 0.82
CA CYS C 58 21.95 -12.89 0.88
C CYS C 58 23.40 -13.00 1.33
N SER C 59 24.26 -12.11 0.85
CA SER C 59 25.66 -12.13 1.24
C SER C 59 25.83 -11.84 2.73
N ILE C 60 25.11 -10.84 3.24
CA ILE C 60 25.18 -10.52 4.67
C ILE C 60 24.69 -11.69 5.49
N ALA C 61 23.57 -12.30 5.09
CA ALA C 61 23.04 -13.43 5.84
C ALA C 61 24.02 -14.60 5.85
N ILE C 62 24.63 -14.90 4.69
CA ILE C 62 25.57 -16.00 4.62
C ILE C 62 26.79 -15.73 5.48
N GLN C 63 27.33 -14.51 5.43
CA GLN C 63 28.50 -14.19 6.23
C GLN C 63 28.18 -14.25 7.72
N MET C 64 27.02 -13.74 8.12
CA MET C 64 26.64 -13.80 9.53
C MET C 64 26.50 -15.25 9.99
N ALA C 65 25.83 -16.09 9.21
CA ALA C 65 25.64 -17.47 9.60
C ALA C 65 26.94 -18.27 9.56
N LEU C 66 27.90 -17.85 8.74
CA LEU C 66 29.20 -18.50 8.76
C LEU C 66 30.00 -18.09 9.98
N SER C 67 29.95 -16.80 10.35
CA SER C 67 30.75 -16.30 11.46
C SER C 67 30.13 -16.56 12.82
N GLN C 68 28.84 -16.92 12.88
CA GLN C 68 28.15 -17.21 14.13
C GLN C 68 27.43 -18.55 13.99
N PRO C 69 28.15 -19.67 14.11
CA PRO C 69 27.51 -20.98 13.93
C PRO C 69 26.59 -21.39 15.07
N ASN C 70 26.56 -20.66 16.18
CA ASN C 70 25.71 -21.01 17.31
C ASN C 70 24.35 -20.32 17.27
N LYS C 71 24.13 -19.42 16.32
CA LYS C 71 22.87 -18.68 16.21
C LYS C 71 22.18 -19.03 14.91
N GLN C 72 20.86 -19.14 14.95
CA GLN C 72 20.07 -19.41 13.76
C GLN C 72 19.57 -18.10 13.18
N PHE C 73 19.82 -17.88 11.89
CA PHE C 73 19.48 -16.65 11.20
C PHE C 73 18.37 -16.90 10.19
N LEU C 74 17.50 -15.92 10.03
CA LEU C 74 16.43 -15.99 9.04
C LEU C 74 16.60 -14.85 8.06
N LEU C 75 16.20 -15.07 6.81
CA LEU C 75 16.31 -14.09 5.74
C LEU C 75 14.94 -13.95 5.10
N ILE C 76 14.25 -12.88 5.43
CA ILE C 76 12.91 -12.63 4.92
C ILE C 76 13.02 -11.75 3.68
N SER C 77 12.16 -12.00 2.70
CA SER C 77 12.07 -11.18 1.50
C SER C 77 10.75 -10.43 1.55
N THR C 78 10.81 -9.14 1.88
CA THR C 78 9.63 -8.30 1.96
C THR C 78 9.27 -7.65 0.63
N ASN C 79 10.07 -7.87 -0.40
CA ASN C 79 9.72 -7.38 -1.73
C ASN C 79 8.52 -8.16 -2.25
N PRO C 80 7.44 -7.50 -2.68
CA PRO C 80 6.26 -8.24 -3.13
C PRO C 80 6.52 -9.09 -4.36
N ALA C 81 7.57 -8.80 -5.11
CA ALA C 81 8.04 -9.66 -6.20
C ALA C 81 9.36 -10.26 -5.76
N HIS C 82 9.28 -11.39 -5.07
CA HIS C 82 10.44 -11.94 -4.37
C HIS C 82 11.49 -12.46 -5.34
N ASN C 83 12.76 -12.34 -4.94
CA ASN C 83 13.88 -12.83 -5.73
C ASN C 83 14.89 -13.62 -4.90
N LEU C 84 14.53 -14.01 -3.67
CA LEU C 84 15.44 -14.83 -2.87
C LEU C 84 15.68 -16.19 -3.52
N SER C 85 14.62 -16.80 -4.05
CA SER C 85 14.75 -18.11 -4.68
C SER C 85 15.68 -18.05 -5.88
N ASP C 86 15.54 -17.01 -6.71
CA ASP C 86 16.40 -16.89 -7.89
C ASP C 86 17.85 -16.71 -7.49
N ALA C 87 18.11 -15.90 -6.45
CA ALA C 87 19.49 -15.69 -6.00
C ALA C 87 20.09 -16.95 -5.42
N PHE C 88 19.32 -17.70 -4.63
CA PHE C 88 19.84 -18.90 -3.99
C PHE C 88 19.70 -20.15 -4.84
N GLY C 89 18.98 -20.08 -5.95
CA GLY C 89 18.77 -21.26 -6.78
C GLY C 89 18.00 -22.36 -6.10
N GLU C 90 16.97 -21.99 -5.34
CA GLU C 90 16.16 -22.95 -4.60
C GLU C 90 14.87 -22.28 -4.17
N LYS C 91 13.75 -22.97 -4.32
CA LYS C 91 12.45 -22.36 -4.12
C LYS C 91 12.13 -22.24 -2.63
N PHE C 92 11.82 -21.02 -2.20
CA PHE C 92 11.40 -20.74 -0.83
C PHE C 92 9.96 -20.26 -0.84
N GLY C 93 9.27 -20.46 0.28
CA GLY C 93 7.86 -20.12 0.35
C GLY C 93 7.52 -19.17 1.47
N LYS C 94 6.22 -19.11 1.81
CA LYS C 94 5.78 -18.27 2.92
C LYS C 94 6.30 -18.74 4.26
N ASP C 95 6.81 -19.97 4.33
CA ASP C 95 7.29 -20.57 5.57
C ASP C 95 8.80 -20.75 5.52
N ALA C 96 9.43 -20.71 6.69
CA ALA C 96 10.88 -20.76 6.77
C ALA C 96 11.39 -22.11 6.30
N ARG C 97 12.39 -22.08 5.42
CA ARG C 97 12.99 -23.29 4.87
C ARG C 97 14.51 -23.13 4.90
N LYS C 98 15.20 -24.13 5.44
CA LYS C 98 16.65 -24.04 5.58
C LYS C 98 17.30 -24.02 4.21
N VAL C 99 18.38 -23.23 4.09
CA VAL C 99 19.14 -23.18 2.85
C VAL C 99 20.01 -24.42 2.74
N THR C 100 19.93 -25.10 1.60
CA THR C 100 20.69 -26.33 1.41
C THR C 100 22.18 -26.05 1.48
N GLY C 101 22.89 -26.83 2.28
CA GLY C 101 24.31 -26.62 2.51
C GLY C 101 24.63 -25.67 3.64
N MET C 102 23.62 -25.07 4.27
CA MET C 102 23.83 -24.10 5.35
C MET C 102 22.91 -24.50 6.49
N ASN C 103 23.49 -24.91 7.61
CA ASN C 103 22.72 -25.50 8.71
C ASN C 103 22.15 -24.48 9.68
N ASN C 104 22.48 -23.19 9.53
CA ASN C 104 21.97 -22.17 10.44
C ASN C 104 21.52 -20.95 9.66
N LEU C 105 20.81 -21.16 8.56
CA LEU C 105 20.27 -20.05 7.79
C LEU C 105 19.01 -20.50 7.09
N SER C 106 17.87 -19.91 7.47
CA SER C 106 16.59 -20.20 6.85
C SER C 106 16.17 -19.01 6.01
N CYS C 107 15.40 -19.27 4.95
CA CYS C 107 14.95 -18.23 4.04
C CYS C 107 13.44 -18.30 3.89
N MET C 108 12.79 -17.13 3.92
CA MET C 108 11.34 -17.06 3.82
C MET C 108 10.96 -15.91 2.88
N GLU C 109 9.96 -16.15 2.05
CA GLU C 109 9.43 -15.14 1.13
C GLU C 109 7.96 -14.96 1.44
N ILE C 110 7.58 -13.78 1.91
CA ILE C 110 6.23 -13.56 2.45
C ILE C 110 5.23 -13.62 1.29
N ASP C 111 4.46 -14.71 1.25
CA ASP C 111 3.39 -14.81 0.27
C ASP C 111 2.25 -13.87 0.64
N PRO C 112 1.56 -13.28 -0.33
CA PRO C 112 0.47 -12.36 0.00
C PRO C 112 -0.78 -13.07 0.52
N SER C 113 -0.62 -13.80 1.62
CA SER C 113 -1.72 -14.48 2.33
C SER C 113 -2.38 -15.45 1.34
N ALA C 114 -3.69 -15.38 1.13
CA ALA C 114 -4.41 -16.31 0.25
C ALA C 114 -4.20 -17.75 0.70
N ALA C 115 -4.18 -17.97 2.02
CA ALA C 115 -4.00 -19.31 2.55
C ALA C 115 -5.17 -20.20 2.16
N LEU C 116 -4.85 -21.43 1.76
CA LEU C 116 -5.88 -22.35 1.30
C LEU C 116 -6.74 -22.82 2.46
N LYS C 117 -8.05 -22.72 2.29
CA LYS C 117 -9.02 -23.07 3.33
C LYS C 117 -10.03 -24.05 2.77
N ASP C 118 -10.54 -24.92 3.65
CA ASP C 118 -11.51 -25.92 3.23
C ASP C 118 -12.76 -25.25 2.67
N MET C 119 -13.22 -25.75 1.51
CA MET C 119 -14.39 -25.17 0.88
C MET C 119 -15.64 -25.39 1.74
N ASN C 120 -15.78 -26.55 2.35
CA ASN C 120 -16.93 -26.89 3.18
C ASN C 120 -16.49 -27.00 4.64
N ASP C 121 -17.41 -27.45 5.49
CA ASP C 121 -17.19 -27.39 6.94
C ASP C 121 -15.96 -28.17 7.36
N MET C 122 -16.00 -29.50 7.21
CA MET C 122 -14.90 -30.38 7.60
C MET C 122 -14.44 -30.07 9.02
N ALA C 123 -15.34 -30.34 9.96
CA ALA C 123 -15.12 -29.94 11.36
C ALA C 123 -14.01 -30.76 12.00
N VAL C 124 -12.79 -30.26 11.95
CA VAL C 124 -11.63 -30.88 12.58
C VAL C 124 -11.68 -30.56 14.07
N SER C 125 -11.41 -31.58 14.89
CA SER C 125 -11.47 -31.39 16.34
C SER C 125 -10.35 -30.45 16.79
N ARG C 126 -10.75 -29.31 17.34
CA ARG C 126 -9.79 -28.30 17.79
C ARG C 126 -9.91 -28.02 19.28
N ALA C 149 -12.24 -9.72 4.03
CA ALA C 149 -12.22 -10.99 3.33
C ALA C 149 -11.10 -11.04 2.30
N ASP C 150 -11.35 -11.73 1.19
CA ASP C 150 -10.35 -11.83 0.13
C ASP C 150 -10.08 -10.49 -0.54
N LEU C 151 -11.10 -9.61 -0.61
CA LEU C 151 -10.92 -8.32 -1.26
C LEU C 151 -9.85 -7.49 -0.56
N THR C 152 -9.82 -7.53 0.78
CA THR C 152 -8.77 -6.82 1.51
C THR C 152 -7.38 -7.35 1.19
N GLY C 153 -7.26 -8.60 0.72
CA GLY C 153 -5.97 -9.10 0.29
C GLY C 153 -5.48 -8.46 -0.99
N SER C 154 -6.40 -7.90 -1.78
CA SER C 154 -6.05 -7.23 -3.02
C SER C 154 -5.88 -5.72 -2.85
N ILE C 155 -6.11 -5.20 -1.66
CA ILE C 155 -5.96 -3.75 -1.41
C ILE C 155 -4.48 -3.39 -1.46
N PRO C 156 -4.10 -2.29 -2.12
CA PRO C 156 -2.69 -1.91 -2.17
C PRO C 156 -2.13 -1.64 -0.78
N GLY C 157 -0.86 -1.95 -0.59
CA GLY C 157 -0.24 -1.87 0.70
C GLY C 157 -0.46 -3.06 1.60
N ILE C 158 -1.09 -4.12 1.08
CA ILE C 158 -1.33 -5.31 1.88
C ILE C 158 -0.03 -6.01 2.24
N ASP C 159 0.97 -5.98 1.35
CA ASP C 159 2.23 -6.68 1.62
C ASP C 159 2.98 -6.05 2.78
N GLU C 160 2.93 -4.71 2.93
CA GLU C 160 3.55 -4.08 4.08
C GLU C 160 2.89 -4.52 5.38
N ALA C 161 1.55 -4.61 5.38
CA ALA C 161 0.84 -5.09 6.56
C ALA C 161 1.20 -6.54 6.86
N LEU C 162 1.33 -7.36 5.83
CA LEU C 162 1.71 -8.76 6.04
C LEU C 162 3.12 -8.88 6.58
N SER C 163 4.05 -8.05 6.09
CA SER C 163 5.41 -8.04 6.63
C SER C 163 5.42 -7.62 8.09
N PHE C 164 4.60 -6.62 8.45
CA PHE C 164 4.51 -6.21 9.84
C PHE C 164 3.91 -7.32 10.69
N MET C 165 2.92 -8.04 10.16
CA MET C 165 2.35 -9.17 10.90
C MET C 165 3.38 -10.28 11.10
N GLU C 166 4.22 -10.52 10.09
CA GLU C 166 5.29 -11.50 10.25
C GLU C 166 6.29 -11.06 11.30
N VAL C 167 6.62 -9.76 11.33
CA VAL C 167 7.50 -9.23 12.37
C VAL C 167 6.88 -9.42 13.74
N MET C 168 5.58 -9.16 13.86
CA MET C 168 4.88 -9.36 15.13
C MET C 168 4.92 -10.82 15.54
N LYS C 169 4.70 -11.73 14.60
CA LYS C 169 4.75 -13.15 14.91
C LYS C 169 6.14 -13.56 15.37
N HIS C 170 7.17 -13.03 14.73
CA HIS C 170 8.53 -13.40 15.09
C HIS C 170 8.93 -12.86 16.45
N ILE C 171 8.53 -11.63 16.77
CA ILE C 171 8.83 -11.09 18.10
C ILE C 171 8.04 -11.84 19.18
N LYS C 172 6.80 -12.23 18.86
CA LYS C 172 6.03 -13.05 19.80
C LYS C 172 6.69 -14.39 20.03
N ARG C 173 7.19 -15.02 18.97
CA ARG C 173 7.88 -16.31 19.11
C ARG C 173 9.15 -16.16 19.92
N GLN C 174 9.91 -15.09 19.68
CA GLN C 174 11.13 -14.86 20.45
C GLN C 174 10.82 -14.64 21.92
N GLU C 175 9.74 -13.91 22.22
CA GLU C 175 9.32 -13.76 23.61
C GLU C 175 8.94 -15.11 24.21
N GLN C 176 8.19 -15.92 23.46
CA GLN C 176 7.76 -17.22 23.95
C GLN C 176 8.89 -18.25 23.90
N GLY C 177 9.75 -18.17 22.89
CA GLY C 177 10.81 -19.14 22.72
C GLY C 177 10.33 -20.54 22.38
N GLU C 178 9.33 -20.65 21.50
CA GLU C 178 8.76 -21.92 21.12
C GLU C 178 8.84 -22.10 19.61
N GLY C 179 8.82 -23.36 19.18
CA GLY C 179 8.95 -23.66 17.77
C GLY C 179 10.33 -23.29 17.25
N GLU C 180 10.37 -22.85 16.00
CA GLU C 180 11.62 -22.38 15.42
C GLU C 180 11.96 -21.00 15.99
N THR C 181 13.19 -20.85 16.47
CA THR C 181 13.66 -19.60 17.05
C THR C 181 14.77 -19.06 16.18
N PHE C 182 14.58 -17.85 15.67
CA PHE C 182 15.55 -17.17 14.83
C PHE C 182 16.14 -16.00 15.61
N ASP C 183 17.44 -16.08 15.89
CA ASP C 183 18.07 -15.07 16.74
C ASP C 183 18.23 -13.74 15.99
N THR C 184 18.32 -13.77 14.67
CA THR C 184 18.43 -12.57 13.87
C THR C 184 17.64 -12.74 12.59
N VAL C 185 17.08 -11.64 12.10
CA VAL C 185 16.27 -11.63 10.89
C VAL C 185 16.80 -10.53 9.97
N ILE C 186 17.19 -10.92 8.76
CA ILE C 186 17.70 -9.99 7.76
C ILE C 186 16.63 -9.79 6.69
N PHE C 187 16.29 -8.54 6.43
CA PHE C 187 15.23 -8.20 5.49
C PHE C 187 15.82 -7.80 4.14
N ASP C 188 15.39 -8.47 3.07
CA ASP C 188 15.67 -8.04 1.71
C ASP C 188 14.50 -7.17 1.28
N THR C 189 14.63 -5.88 1.52
CA THR C 189 13.49 -4.98 1.42
C THR C 189 13.20 -4.61 -0.03
N ALA C 190 12.11 -3.89 -0.22
CA ALA C 190 11.71 -3.36 -1.51
C ALA C 190 12.55 -2.10 -1.81
N PRO C 191 12.38 -1.50 -2.99
CA PRO C 191 13.08 -0.24 -3.26
C PRO C 191 12.70 0.88 -2.31
N THR C 192 13.32 2.06 -2.50
CA THR C 192 13.37 3.08 -1.47
C THR C 192 11.99 3.45 -0.94
N GLY C 193 11.06 3.81 -1.82
CA GLY C 193 9.78 4.31 -1.36
C GLY C 193 8.99 3.30 -0.55
N HIS C 194 8.93 2.07 -1.03
CA HIS C 194 8.09 1.07 -0.39
C HIS C 194 8.71 0.53 0.89
N THR C 195 10.03 0.40 0.94
CA THR C 195 10.66 0.06 2.22
C THR C 195 10.53 1.21 3.22
N LEU C 196 10.53 2.45 2.74
CA LEU C 196 10.26 3.58 3.63
C LEU C 196 8.84 3.50 4.20
N ARG C 197 7.87 3.16 3.35
CA ARG C 197 6.50 3.00 3.84
C ARG C 197 6.42 1.86 4.85
N PHE C 198 7.12 0.76 4.59
CA PHE C 198 7.13 -0.36 5.53
C PHE C 198 7.68 0.08 6.88
N LEU C 199 8.82 0.78 6.88
CA LEU C 199 9.43 1.19 8.14
C LEU C 199 8.63 2.27 8.86
N GLN C 200 7.88 3.08 8.11
CA GLN C 200 7.05 4.11 8.71
C GLN C 200 5.70 3.56 9.18
N LEU C 201 5.34 2.36 8.73
CA LEU C 201 4.10 1.72 9.17
C LEU C 201 3.94 1.60 10.69
N PRO C 202 4.97 1.22 11.48
CA PRO C 202 4.75 1.15 12.93
C PRO C 202 4.28 2.46 13.55
N ASN C 203 4.80 3.60 13.10
CA ASN C 203 4.37 4.88 13.65
C ASN C 203 2.91 5.16 13.32
N THR C 204 2.51 4.89 12.08
CA THR C 204 1.12 5.08 11.68
C THR C 204 0.20 4.17 12.47
N LEU C 205 0.59 2.90 12.64
CA LEU C 205 -0.23 1.97 13.40
C LEU C 205 -0.35 2.39 14.85
N SER C 206 0.74 2.87 15.46
CA SER C 206 0.68 3.34 16.83
C SER C 206 -0.24 4.56 16.96
N LYS C 207 -0.15 5.50 16.02
CA LYS C 207 -1.00 6.68 16.07
C LYS C 207 -2.47 6.30 15.90
N LEU C 208 -2.76 5.40 14.96
CA LEU C 208 -4.13 4.97 14.75
C LEU C 208 -4.67 4.22 15.96
N LEU C 209 -3.84 3.39 16.59
CA LEU C 209 -4.25 2.69 17.80
C LEU C 209 -4.54 3.67 18.93
N GLU C 210 -3.69 4.70 19.08
CA GLU C 210 -3.95 5.70 20.10
C GLU C 210 -5.26 6.44 19.84
N LYS C 211 -5.51 6.80 18.58
CA LYS C 211 -6.75 7.48 18.25
C LYS C 211 -7.96 6.59 18.52
N PHE C 212 -7.87 5.31 18.15
CA PHE C 212 -8.97 4.38 18.40
C PHE C 212 -9.22 4.20 19.90
N GLY C 213 -8.14 4.10 20.68
CA GLY C 213 -8.30 4.01 22.12
C GLY C 213 -8.93 5.25 22.73
N GLU C 214 -8.53 6.42 22.24
CA GLU C 214 -9.14 7.67 22.72
C GLU C 214 -10.62 7.71 22.39
N ILE C 215 -10.99 7.30 21.16
CA ILE C 215 -12.39 7.28 20.77
C ILE C 215 -13.17 6.28 21.62
N THR C 216 -12.59 5.12 21.88
CA THR C 216 -13.25 4.12 22.73
C THR C 216 -13.45 4.64 24.14
N ASN C 217 -12.45 5.31 24.70
CA ASN C 217 -12.59 5.88 26.03
C ASN C 217 -13.66 6.97 26.06
N LYS C 218 -13.73 7.78 24.99
CA LYS C 218 -14.77 8.80 24.92
C LYS C 218 -16.17 8.19 24.84
N LEU C 219 -16.32 7.12 24.07
CA LEU C 219 -17.62 6.52 23.81
C LEU C 219 -17.95 5.37 24.75
N GLY C 220 -17.11 5.12 25.76
CA GLY C 220 -17.34 4.07 26.73
C GLY C 220 -18.77 3.91 27.20
N PRO C 221 -19.33 4.94 27.85
CA PRO C 221 -20.76 4.87 28.22
C PRO C 221 -21.67 4.67 27.02
N MET C 222 -21.38 5.33 25.90
CA MET C 222 -22.24 5.23 24.73
C MET C 222 -22.17 3.83 24.11
N LEU C 223 -20.97 3.25 24.01
CA LEU C 223 -20.86 1.90 23.47
C LEU C 223 -21.45 0.88 24.42
N ASN C 224 -21.32 1.10 25.73
CA ASN C 224 -21.95 0.20 26.70
C ASN C 224 -23.47 0.24 26.59
N SER C 225 -24.03 1.44 26.41
CA SER C 225 -25.48 1.57 26.25
C SER C 225 -25.97 1.07 24.90
N PHE C 226 -25.11 1.09 23.87
CA PHE C 226 -25.51 0.67 22.54
C PHE C 226 -25.31 -0.82 22.30
N MET C 227 -24.13 -1.34 22.60
CA MET C 227 -23.84 -2.74 22.37
C MET C 227 -24.55 -3.61 23.41
N GLY C 228 -24.58 -4.92 23.13
CA GLY C 228 -25.27 -5.87 23.99
C GLY C 228 -24.47 -6.24 25.22
N ALA C 229 -24.58 -7.51 25.61
CA ALA C 229 -23.94 -8.02 26.82
C ALA C 229 -22.58 -8.64 26.54
N GLY C 230 -21.87 -8.18 25.51
CA GLY C 230 -20.56 -8.70 25.19
C GLY C 230 -19.55 -8.51 26.30
N ASN C 231 -18.84 -9.58 26.65
CA ASN C 231 -17.84 -9.56 27.71
C ASN C 231 -16.41 -9.48 27.17
N VAL C 232 -16.26 -9.17 25.88
CA VAL C 232 -14.93 -9.07 25.28
C VAL C 232 -14.27 -7.78 25.74
N ASP C 233 -13.06 -7.90 26.28
CA ASP C 233 -12.31 -6.74 26.78
C ASP C 233 -11.64 -6.05 25.60
N ILE C 234 -12.36 -5.10 25.00
CA ILE C 234 -11.81 -4.33 23.88
C ILE C 234 -10.60 -3.52 24.34
N SER C 235 -10.70 -2.89 25.51
CA SER C 235 -9.60 -2.08 26.02
C SER C 235 -8.37 -2.93 26.29
N GLY C 236 -8.55 -4.13 26.85
CA GLY C 236 -7.40 -4.98 27.14
C GLY C 236 -6.67 -5.43 25.89
N LYS C 237 -7.41 -5.87 24.88
CA LYS C 237 -6.79 -6.29 23.63
C LYS C 237 -6.15 -5.10 22.91
N LEU C 238 -6.79 -3.94 22.95
CA LEU C 238 -6.21 -2.75 22.35
C LEU C 238 -4.89 -2.39 23.04
N ASN C 239 -4.86 -2.47 24.37
CA ASN C 239 -3.64 -2.17 25.11
C ASN C 239 -2.55 -3.21 24.83
N GLU C 240 -2.92 -4.48 24.69
CA GLU C 240 -1.94 -5.50 24.34
C GLU C 240 -1.33 -5.23 22.96
N LEU C 241 -2.18 -4.86 21.99
CA LEU C 241 -1.67 -4.53 20.66
C LEU C 241 -0.78 -3.29 20.71
N LYS C 242 -1.16 -2.29 21.49
CA LYS C 242 -0.34 -1.10 21.64
C LYS C 242 1.01 -1.42 22.25
N ALA C 243 1.02 -2.30 23.27
CA ALA C 243 2.28 -2.69 23.90
C ALA C 243 3.17 -3.45 22.92
N ASN C 244 2.58 -4.34 22.12
CA ASN C 244 3.36 -5.06 21.12
C ASN C 244 3.95 -4.12 20.08
N VAL C 245 3.15 -3.16 19.62
CA VAL C 245 3.64 -2.21 18.61
C VAL C 245 4.72 -1.31 19.23
N GLU C 246 4.56 -0.94 20.50
CA GLU C 246 5.57 -0.14 21.16
C GLU C 246 6.87 -0.90 21.33
N THR C 247 6.80 -2.20 21.65
CA THR C 247 8.01 -3.01 21.71
C THR C 247 8.68 -3.11 20.35
N ILE C 248 7.86 -3.26 19.29
CA ILE C 248 8.42 -3.29 17.94
C ILE C 248 9.14 -1.99 17.62
N ARG C 249 8.52 -0.86 17.96
CA ARG C 249 9.14 0.43 17.71
C ARG C 249 10.43 0.61 18.52
N GLN C 250 10.41 0.17 19.77
CA GLN C 250 11.60 0.29 20.62
C GLN C 250 12.74 -0.55 20.06
N GLN C 251 12.44 -1.74 19.52
CA GLN C 251 13.48 -2.54 18.90
C GLN C 251 13.92 -1.95 17.57
N PHE C 252 13.02 -1.29 16.85
CA PHE C 252 13.34 -0.72 15.54
C PHE C 252 14.08 0.61 15.63
N THR C 253 14.10 1.24 16.79
CA THR C 253 14.87 2.47 16.98
C THR C 253 16.04 2.29 17.94
N ASP C 254 16.52 1.07 18.12
CA ASP C 254 17.66 0.82 19.00
C ASP C 254 18.92 0.58 18.18
N PRO C 255 19.93 1.44 18.28
CA PRO C 255 21.14 1.24 17.46
C PRO C 255 21.85 -0.08 17.70
N ASP C 256 21.72 -0.67 18.89
CA ASP C 256 22.37 -1.92 19.20
C ASP C 256 21.50 -3.14 18.93
N LEU C 257 20.26 -2.94 18.46
CA LEU C 257 19.36 -4.03 18.17
C LEU C 257 18.95 -4.12 16.71
N THR C 258 18.85 -3.01 16.01
CA THR C 258 18.50 -2.99 14.60
C THR C 258 19.44 -2.06 13.85
N THR C 259 19.53 -2.27 12.54
CA THR C 259 20.37 -1.44 11.70
C THR C 259 19.84 -1.50 10.27
N PHE C 260 20.28 -0.53 9.47
CA PHE C 260 19.92 -0.46 8.06
C PHE C 260 21.20 -0.39 7.24
N VAL C 261 21.30 -1.23 6.21
CA VAL C 261 22.42 -1.24 5.30
C VAL C 261 21.93 -0.75 3.95
N CYS C 262 22.49 0.36 3.46
CA CYS C 262 22.03 1.00 2.24
C CYS C 262 22.95 0.59 1.10
N VAL C 263 22.49 -0.30 0.24
CA VAL C 263 23.24 -0.69 -0.94
C VAL C 263 22.94 0.30 -2.06
N CYS C 264 23.95 0.60 -2.87
CA CYS C 264 23.80 1.56 -3.94
C CYS C 264 24.90 1.32 -4.97
N ILE C 265 24.69 1.90 -6.15
CA ILE C 265 25.72 1.96 -7.19
C ILE C 265 26.12 3.42 -7.33
N SER C 266 27.36 3.64 -7.73
CA SER C 266 27.89 5.01 -7.81
C SER C 266 27.41 5.65 -9.10
N GLU C 267 26.21 6.24 -9.04
CA GLU C 267 25.63 6.98 -10.14
C GLU C 267 24.74 8.07 -9.56
N PHE C 268 24.43 9.07 -10.39
CA PHE C 268 23.70 10.24 -9.88
C PHE C 268 22.37 9.85 -9.28
N LEU C 269 21.56 9.11 -10.05
CA LEU C 269 20.23 8.72 -9.58
C LEU C 269 20.34 7.88 -8.33
N SER C 270 21.22 6.87 -8.35
CA SER C 270 21.35 5.97 -7.20
C SER C 270 21.92 6.68 -5.99
N LEU C 271 22.96 7.52 -6.19
CA LEU C 271 23.56 8.23 -5.07
C LEU C 271 22.55 9.16 -4.40
N TYR C 272 21.80 9.92 -5.18
CA TYR C 272 20.87 10.86 -4.55
C TYR C 272 19.62 10.17 -4.03
N GLU C 273 19.21 9.06 -4.63
CA GLU C 273 18.15 8.25 -4.03
C GLU C 273 18.60 7.69 -2.68
N THR C 274 19.84 7.24 -2.59
CA THR C 274 20.38 6.78 -1.31
C THR C 274 20.44 7.91 -0.30
N GLU C 275 20.80 9.12 -0.74
CA GLU C 275 20.82 10.26 0.17
C GLU C 275 19.42 10.55 0.71
N ARG C 276 18.42 10.55 -0.16
CA ARG C 276 17.05 10.78 0.28
C ARG C 276 16.58 9.67 1.23
N LEU C 277 16.92 8.43 0.91
CA LEU C 277 16.52 7.31 1.76
C LEU C 277 17.17 7.40 3.14
N ILE C 278 18.45 7.77 3.18
CA ILE C 278 19.15 7.91 4.46
C ILE C 278 18.54 9.05 5.26
N GLN C 279 18.20 10.16 4.60
CA GLN C 279 17.54 11.25 5.30
C GLN C 279 16.21 10.79 5.90
N GLU C 280 15.43 10.03 5.14
CA GLU C 280 14.15 9.55 5.64
C GLU C 280 14.34 8.59 6.81
N LEU C 281 15.35 7.71 6.73
CA LEU C 281 15.62 6.80 7.85
C LEU C 281 16.02 7.56 9.09
N ILE C 282 16.86 8.59 8.95
CA ILE C 282 17.26 9.41 10.09
C ILE C 282 16.05 10.13 10.67
N SER C 283 15.11 10.52 9.81
CA SER C 283 13.86 11.12 10.29
C SER C 283 13.09 10.14 11.17
N TYR C 284 13.02 8.87 10.76
CA TYR C 284 12.37 7.84 11.58
C TYR C 284 13.19 7.45 12.80
N ASP C 285 14.42 7.94 12.92
CA ASP C 285 15.34 7.56 13.98
C ASP C 285 15.58 6.05 13.95
N MET C 286 16.18 5.61 12.85
CA MET C 286 16.61 4.24 12.67
C MET C 286 18.10 4.25 12.35
N ASP C 287 18.87 3.42 13.05
CA ASP C 287 20.33 3.48 12.95
C ASP C 287 20.77 2.94 11.60
N VAL C 288 21.23 3.83 10.72
CA VAL C 288 21.83 3.44 9.45
C VAL C 288 23.25 4.01 9.41
N ASN C 289 24.24 3.12 9.37
CA ASN C 289 25.63 3.55 9.32
C ASN C 289 26.48 2.70 8.38
N SER C 290 25.88 1.92 7.49
CA SER C 290 26.62 1.11 6.53
C SER C 290 26.07 1.37 5.14
N ILE C 291 26.97 1.52 4.17
CA ILE C 291 26.63 1.73 2.76
C ILE C 291 27.44 0.75 1.94
N ILE C 292 26.80 0.08 0.99
CA ILE C 292 27.46 -0.88 0.13
C ILE C 292 27.42 -0.32 -1.29
N VAL C 293 28.54 0.24 -1.75
CA VAL C 293 28.66 0.69 -3.12
C VAL C 293 28.91 -0.52 -4.01
N ASN C 294 27.96 -0.85 -4.86
CA ASN C 294 27.94 -2.10 -5.58
C ASN C 294 28.22 -1.88 -7.06
N GLN C 295 28.65 -2.95 -7.72
CA GLN C 295 28.88 -2.98 -9.17
C GLN C 295 29.92 -1.93 -9.59
N LEU C 296 31.10 -2.04 -8.99
CA LEU C 296 32.21 -1.15 -9.30
C LEU C 296 33.13 -1.85 -10.30
N LEU C 297 33.53 -1.12 -11.34
CA LEU C 297 34.34 -1.73 -12.39
C LEU C 297 35.77 -1.98 -11.92
N PHE C 298 36.35 -1.03 -11.18
CA PHE C 298 37.75 -1.09 -10.77
C PHE C 298 38.66 -1.28 -11.97
N ALA C 299 38.44 -0.46 -13.00
CA ALA C 299 39.09 -0.61 -14.29
C ALA C 299 40.47 0.02 -14.36
N GLU C 300 40.98 0.56 -13.26
CA GLU C 300 42.34 1.10 -13.24
C GLU C 300 43.35 0.08 -12.73
N ASN C 301 43.15 -0.46 -11.54
CA ASN C 301 44.05 -1.43 -10.94
C ASN C 301 43.61 -2.86 -11.22
N ASP C 302 43.40 -3.19 -12.49
CA ASP C 302 43.08 -4.54 -12.92
C ASP C 302 44.01 -4.91 -14.09
N GLN C 303 43.75 -6.07 -14.70
CA GLN C 303 44.70 -6.61 -15.66
C GLN C 303 44.61 -5.94 -17.04
N GLU C 304 43.50 -6.12 -17.74
CA GLU C 304 43.34 -5.57 -19.08
C GLU C 304 41.95 -4.98 -19.20
N HIS C 305 41.60 -4.08 -18.27
CA HIS C 305 40.31 -3.40 -18.33
C HIS C 305 40.44 -2.11 -19.14
N ASN C 306 40.95 -2.26 -20.37
CA ASN C 306 41.20 -1.08 -21.25
C ASN C 306 40.22 -1.09 -22.42
N CYS C 307 38.93 -1.07 -22.12
CA CYS C 307 37.89 -1.00 -23.17
C CYS C 307 37.21 0.34 -22.99
N LYS C 308 37.21 1.17 -24.02
CA LYS C 308 36.68 2.53 -23.85
C LYS C 308 35.49 2.56 -22.88
N ARG C 309 34.45 1.74 -23.07
CA ARG C 309 33.27 1.91 -22.23
C ARG C 309 33.53 1.46 -20.80
N CYS C 310 34.20 0.31 -20.63
CA CYS C 310 34.49 -0.19 -19.31
C CYS C 310 35.52 0.67 -18.58
N GLN C 311 35.97 1.76 -19.19
CA GLN C 311 36.82 2.76 -18.56
C GLN C 311 36.14 4.10 -18.36
N ALA C 312 35.33 4.55 -19.32
CA ALA C 312 34.54 5.76 -19.10
C ALA C 312 33.52 5.54 -17.98
N ARG C 313 32.90 4.36 -17.94
CA ARG C 313 32.01 4.04 -16.84
C ARG C 313 32.75 4.06 -15.51
N TRP C 314 33.99 3.57 -15.49
CA TRP C 314 34.75 3.63 -14.25
C TRP C 314 35.13 5.06 -13.87
N LYS C 315 35.37 5.92 -14.85
CA LYS C 315 35.64 7.33 -14.53
C LYS C 315 34.43 7.95 -13.84
N MET C 316 33.24 7.72 -14.40
CA MET C 316 32.02 8.23 -13.75
C MET C 316 31.84 7.62 -12.37
N GLN C 317 32.08 6.31 -12.25
CA GLN C 317 31.91 5.64 -10.97
C GLN C 317 32.89 6.15 -9.93
N LYS C 318 34.12 6.47 -10.34
CA LYS C 318 35.10 7.00 -9.41
C LYS C 318 34.74 8.42 -8.98
N LYS C 319 34.21 9.22 -9.90
CA LYS C 319 33.71 10.55 -9.52
C LYS C 319 32.63 10.45 -8.44
N TYR C 320 31.65 9.58 -8.67
CA TYR C 320 30.58 9.46 -7.69
C TYR C 320 31.05 8.74 -6.42
N LEU C 321 32.09 7.92 -6.51
CA LEU C 321 32.69 7.34 -5.31
C LEU C 321 33.36 8.42 -4.46
N ASP C 322 34.05 9.36 -5.10
CA ASP C 322 34.62 10.48 -4.36
C ASP C 322 33.52 11.31 -3.71
N GLN C 323 32.42 11.54 -4.43
CA GLN C 323 31.30 12.26 -3.83
C GLN C 323 30.74 11.51 -2.63
N ILE C 324 30.57 10.19 -2.75
CA ILE C 324 30.04 9.39 -1.65
C ILE C 324 30.97 9.44 -0.45
N ASP C 325 32.28 9.32 -0.68
CA ASP C 325 33.23 9.37 0.42
C ASP C 325 33.26 10.75 1.08
N GLU C 326 33.01 11.81 0.30
CA GLU C 326 32.91 13.13 0.90
C GLU C 326 31.65 13.28 1.75
N LEU C 327 30.54 12.74 1.28
CA LEU C 327 29.27 12.89 1.99
C LEU C 327 29.26 12.10 3.28
N TYR C 328 29.43 10.78 3.19
CA TYR C 328 29.34 9.89 4.35
C TYR C 328 30.75 9.53 4.81
N GLU C 329 31.34 10.42 5.61
CA GLU C 329 32.66 10.17 6.16
C GLU C 329 32.63 9.25 7.37
N ASP C 330 31.48 9.11 8.02
CA ASP C 330 31.36 8.30 9.22
C ASP C 330 30.64 6.97 8.97
N PHE C 331 30.43 6.60 7.71
CA PHE C 331 29.74 5.38 7.36
C PHE C 331 30.73 4.28 7.01
N HIS C 332 30.28 3.04 7.15
CA HIS C 332 31.03 1.88 6.66
C HIS C 332 30.74 1.73 5.17
N VAL C 333 31.60 2.37 4.36
CA VAL C 333 31.42 2.34 2.91
C VAL C 333 32.18 1.14 2.36
N VAL C 334 31.47 0.09 1.98
CA VAL C 334 32.05 -1.13 1.46
C VAL C 334 31.96 -1.11 -0.05
N LYS C 335 33.11 -1.18 -0.71
CA LYS C 335 33.18 -1.15 -2.17
C LYS C 335 33.18 -2.57 -2.70
N MET C 336 32.20 -2.89 -3.54
CA MET C 336 32.05 -4.21 -4.10
C MET C 336 32.27 -4.20 -5.60
N PRO C 337 32.85 -5.25 -6.16
CA PRO C 337 33.18 -5.26 -7.59
C PRO C 337 32.01 -5.75 -8.44
N LEU C 338 32.17 -5.58 -9.75
CA LEU C 338 31.24 -6.12 -10.74
C LEU C 338 31.88 -7.39 -11.28
N CYS C 339 31.22 -8.52 -11.07
CA CYS C 339 31.80 -9.80 -11.44
C CYS C 339 31.51 -10.13 -12.89
N ALA C 340 32.11 -11.22 -13.37
CA ALA C 340 31.96 -11.64 -14.76
C ALA C 340 30.67 -12.38 -15.02
N GLY C 341 29.70 -12.28 -14.13
CA GLY C 341 28.42 -12.91 -14.33
C GLY C 341 27.50 -12.57 -13.19
N GLU C 342 26.29 -13.13 -13.25
CA GLU C 342 25.33 -12.95 -12.16
C GLU C 342 25.80 -13.68 -10.91
N ILE C 343 25.46 -13.13 -9.76
CA ILE C 343 25.81 -13.74 -8.47
C ILE C 343 24.59 -14.57 -8.05
N ARG C 344 24.63 -15.86 -8.36
CA ARG C 344 23.55 -16.77 -8.01
C ARG C 344 24.14 -18.07 -7.48
N GLY C 345 23.43 -18.68 -6.55
CA GLY C 345 23.90 -19.92 -5.96
C GLY C 345 24.62 -19.69 -4.64
N LEU C 346 24.59 -20.70 -3.78
CA LEU C 346 25.17 -20.55 -2.44
C LEU C 346 26.67 -20.38 -2.51
N ASN C 347 27.35 -21.15 -3.35
CA ASN C 347 28.80 -21.05 -3.45
C ASN C 347 29.22 -19.69 -4.02
N ASN C 348 28.55 -19.26 -5.08
CA ASN C 348 28.86 -17.96 -5.68
C ASN C 348 28.53 -16.82 -4.72
N LEU C 349 27.39 -16.92 -4.02
CA LEU C 349 27.03 -15.88 -3.06
C LEU C 349 28.03 -15.83 -1.91
N THR C 350 28.51 -16.98 -1.44
CA THR C 350 29.52 -17.00 -0.39
C THR C 350 30.83 -16.38 -0.88
N LYS C 351 31.25 -16.72 -2.10
CA LYS C 351 32.48 -16.16 -2.64
C LYS C 351 32.39 -14.66 -2.80
N PHE C 352 31.22 -14.15 -3.21
CA PHE C 352 31.03 -12.71 -3.32
C PHE C 352 30.91 -12.06 -1.95
N SER C 353 30.32 -12.76 -0.98
CA SER C 353 30.13 -12.22 0.36
C SER C 353 31.42 -12.14 1.14
N GLN C 354 32.41 -12.96 0.79
CA GLN C 354 33.69 -12.93 1.51
C GLN C 354 34.30 -11.53 1.56
N PHE C 355 33.84 -10.62 0.70
CA PHE C 355 34.31 -9.24 0.68
C PHE C 355 33.54 -8.31 1.62
N LEU C 356 32.49 -8.80 2.27
CA LEU C 356 31.87 -8.02 3.33
C LEU C 356 32.68 -8.07 4.61
N ASN C 357 33.29 -9.22 4.90
CA ASN C 357 34.12 -9.34 6.10
C ASN C 357 35.43 -8.60 5.93
N LYS C 358 36.08 -8.74 4.78
CA LYS C 358 37.35 -8.09 4.49
C LYS C 358 37.21 -7.23 3.25
N GLU C 359 37.77 -6.03 3.30
CA GLU C 359 37.61 -5.09 2.19
C GLU C 359 38.19 -5.66 0.91
N TYR C 360 37.51 -5.41 -0.20
CA TYR C 360 37.92 -5.93 -1.50
C TYR C 360 39.14 -5.16 -1.99
N ASN C 361 40.24 -5.87 -2.23
CA ASN C 361 41.44 -5.25 -2.75
C ASN C 361 41.59 -5.62 -4.22
N PRO C 362 41.30 -4.71 -5.16
CA PRO C 362 41.35 -5.07 -6.58
C PRO C 362 42.73 -5.45 -7.06
N ILE C 363 43.79 -5.03 -6.37
CA ILE C 363 45.14 -5.38 -6.78
C ILE C 363 45.41 -6.87 -6.55
N THR C 364 45.01 -7.39 -5.39
CA THR C 364 45.25 -8.78 -5.04
C THR C 364 44.04 -9.68 -5.30
N ASP C 365 42.86 -9.26 -4.88
CA ASP C 365 41.65 -10.07 -5.06
C ASP C 365 41.00 -9.82 -6.41
N GLY C 366 41.78 -9.92 -7.48
CA GLY C 366 41.28 -9.67 -8.80
C GLY C 366 40.79 -10.88 -9.54
N LYS C 367 41.12 -12.07 -9.06
CA LYS C 367 40.71 -13.31 -9.73
C LYS C 367 39.35 -13.82 -9.25
N VAL C 368 38.77 -13.21 -8.22
CA VAL C 368 37.48 -13.66 -7.73
C VAL C 368 36.37 -13.33 -8.71
N ILE C 369 36.42 -12.14 -9.32
CA ILE C 369 35.36 -11.73 -10.23
C ILE C 369 35.39 -12.54 -11.52
N TYR C 370 36.49 -13.22 -11.84
CA TYR C 370 36.56 -14.06 -13.02
C TYR C 370 36.33 -15.54 -12.72
N GLU C 371 36.55 -15.96 -11.47
CA GLU C 371 36.18 -17.29 -11.02
C GLU C 371 34.73 -17.36 -10.58
N LEU C 372 33.91 -16.42 -11.02
CA LEU C 372 32.55 -16.24 -10.53
C LEU C 372 31.57 -16.08 -11.69
N GLU C 373 31.84 -16.75 -12.79
CA GLU C 373 30.98 -16.67 -13.97
C GLU C 373 30.25 -17.98 -14.21
N ALA D 11 34.19 16.17 9.63
CA ALA D 11 33.35 16.65 8.55
C ALA D 11 33.43 18.16 8.43
N LYS D 12 33.82 18.64 7.24
CA LYS D 12 33.94 20.07 6.99
C LYS D 12 33.10 20.55 5.82
N LEU D 13 32.71 19.68 4.89
CA LEU D 13 31.93 20.06 3.70
C LEU D 13 32.66 21.12 2.88
N ALA D 14 33.99 21.03 2.82
CA ALA D 14 34.75 21.95 1.98
C ALA D 14 34.56 21.64 0.51
N LYS D 15 34.89 20.42 0.11
CA LYS D 15 34.73 19.99 -1.27
C LYS D 15 33.28 19.94 -1.71
N THR D 16 32.34 19.62 -0.82
CA THR D 16 30.94 19.63 -1.20
C THR D 16 30.47 21.04 -1.54
N LEU D 17 30.84 22.03 -0.72
CA LEU D 17 30.49 23.42 -1.03
C LEU D 17 31.20 23.90 -2.28
N GLN D 18 32.47 23.51 -2.48
CA GLN D 18 33.16 23.87 -3.70
C GLN D 18 32.46 23.30 -4.93
N ARG D 19 32.02 22.04 -4.85
CA ARG D 19 31.29 21.43 -5.94
C ARG D 19 29.96 22.12 -6.19
N PHE D 20 29.26 22.51 -5.12
CA PHE D 20 28.01 23.26 -5.29
C PHE D 20 28.26 24.57 -6.03
N GLU D 21 29.29 25.31 -5.64
CA GLU D 21 29.60 26.56 -6.32
C GLU D 21 29.99 26.33 -7.77
N ASN D 22 30.81 25.32 -8.03
CA ASN D 22 31.22 25.03 -9.40
C ASN D 22 30.02 24.65 -10.27
N LYS D 23 29.11 23.84 -9.73
CA LYS D 23 27.93 23.44 -10.49
C LYS D 23 27.01 24.62 -10.75
N ILE D 24 26.84 25.50 -9.75
CA ILE D 24 25.95 26.64 -9.96
C ILE D 24 26.56 27.64 -10.93
N LYS D 25 27.90 27.74 -10.97
CA LYS D 25 28.53 28.65 -11.93
C LYS D 25 28.54 28.07 -13.34
N ALA D 26 28.76 26.76 -13.47
CA ALA D 26 28.87 26.16 -14.79
C ALA D 26 27.56 26.23 -15.56
N GLY D 27 26.44 25.95 -14.90
CA GLY D 27 25.16 25.97 -15.56
C GLY D 27 24.26 24.82 -15.18
N ASP D 28 24.85 23.73 -14.70
CA ASP D 28 24.08 22.58 -14.24
C ASP D 28 23.40 22.92 -12.91
N TYR D 29 22.17 23.42 -12.98
CA TYR D 29 21.52 23.95 -11.78
C TYR D 29 20.88 22.85 -10.94
N TYR D 30 20.47 21.73 -11.53
CA TYR D 30 19.83 20.70 -10.73
C TYR D 30 20.83 19.96 -9.86
N GLU D 31 22.01 19.65 -10.40
CA GLU D 31 23.05 19.05 -9.57
C GLU D 31 23.47 19.98 -8.45
N ALA D 32 23.53 21.29 -8.75
CA ALA D 32 23.82 22.26 -7.70
C ALA D 32 22.73 22.30 -6.65
N HIS D 33 21.47 22.21 -7.07
CA HIS D 33 20.36 22.18 -6.11
C HIS D 33 20.44 20.94 -5.22
N GLN D 34 20.74 19.79 -5.80
CA GLN D 34 20.87 18.57 -5.00
C GLN D 34 22.05 18.64 -4.05
N THR D 35 23.19 19.17 -4.51
CA THR D 35 24.34 19.34 -3.63
C THR D 35 24.02 20.30 -2.49
N LEU D 36 23.29 21.39 -2.79
CA LEU D 36 22.89 22.33 -1.75
C LEU D 36 21.96 21.66 -0.75
N ARG D 37 21.04 20.83 -1.22
CA ARG D 37 20.17 20.09 -0.30
C ARG D 37 21.00 19.16 0.57
N THR D 38 22.03 18.52 0.01
CA THR D 38 22.89 17.66 0.80
C THR D 38 23.63 18.44 1.89
N ILE D 39 24.20 19.59 1.53
CA ILE D 39 24.93 20.40 2.50
C ILE D 39 23.98 20.89 3.59
N ALA D 40 22.78 21.30 3.21
CA ALA D 40 21.80 21.74 4.20
C ALA D 40 21.36 20.60 5.10
N ASN D 41 21.25 19.38 4.57
CA ASN D 41 20.94 18.23 5.41
C ASN D 41 22.04 18.01 6.44
N ARG D 42 23.30 18.08 6.01
CA ARG D 42 24.41 17.92 6.96
C ARG D 42 24.42 19.03 7.99
N TYR D 43 24.09 20.26 7.58
CA TYR D 43 24.07 21.38 8.50
C TYR D 43 22.98 21.22 9.54
N VAL D 44 21.76 20.89 9.10
CA VAL D 44 20.64 20.72 10.03
C VAL D 44 20.89 19.54 10.95
N ARG D 45 21.49 18.47 10.44
CA ARG D 45 21.80 17.32 11.28
C ARG D 45 22.75 17.70 12.40
N SER D 46 23.75 18.53 12.11
CA SER D 46 24.72 18.97 13.10
C SER D 46 24.20 20.09 13.99
N LYS D 47 22.89 20.34 13.97
CA LYS D 47 22.25 21.36 14.82
C LYS D 47 22.83 22.75 14.58
N SER D 48 23.23 23.03 13.34
CA SER D 48 23.75 24.34 12.95
C SER D 48 22.71 24.99 12.04
N TYR D 49 21.75 25.68 12.65
CA TYR D 49 20.60 26.19 11.90
C TYR D 49 20.89 27.51 11.22
N GLU D 50 21.81 28.32 11.76
CA GLU D 50 22.12 29.60 11.12
C GLU D 50 22.77 29.39 9.75
N HIS D 51 23.81 28.56 9.70
CA HIS D 51 24.50 28.31 8.44
C HIS D 51 23.54 27.71 7.42
N ALA D 52 22.71 26.76 7.85
CA ALA D 52 21.72 26.17 6.95
C ALA D 52 20.73 27.22 6.47
N ILE D 53 20.30 28.11 7.34
CA ILE D 53 19.30 29.11 6.96
C ILE D 53 19.84 30.04 5.90
N GLU D 54 21.04 30.61 6.14
CA GLU D 54 21.61 31.50 5.12
C GLU D 54 21.93 30.73 3.83
N LEU D 55 22.46 29.51 3.94
CA LEU D 55 22.80 28.75 2.75
C LEU D 55 21.57 28.46 1.89
N ILE D 56 20.50 27.99 2.53
CA ILE D 56 19.27 27.67 1.80
C ILE D 56 18.65 28.93 1.22
N SER D 57 18.62 30.02 1.99
CA SER D 57 18.02 31.25 1.48
C SER D 57 18.79 31.79 0.27
N GLN D 58 20.12 31.81 0.35
CA GLN D 58 20.91 32.30 -0.77
C GLN D 58 20.76 31.40 -1.99
N GLY D 59 20.75 30.07 -1.79
CA GLY D 59 20.56 29.17 -2.90
C GLY D 59 19.19 29.30 -3.56
N ALA D 60 18.15 29.44 -2.74
CA ALA D 60 16.81 29.65 -3.28
C ALA D 60 16.73 30.95 -4.07
N LEU D 61 17.34 32.01 -3.55
CA LEU D 61 17.36 33.27 -4.29
C LEU D 61 18.10 33.13 -5.61
N SER D 62 19.23 32.41 -5.61
CA SER D 62 19.99 32.22 -6.84
C SER D 62 19.21 31.41 -7.86
N PHE D 63 18.49 30.39 -7.41
CA PHE D 63 17.71 29.57 -8.35
C PHE D 63 16.47 30.31 -8.84
N LEU D 64 15.89 31.18 -8.02
CA LEU D 64 14.75 31.97 -8.47
C LEU D 64 15.18 33.05 -9.44
N LYS D 65 16.38 33.60 -9.26
CA LYS D 65 16.89 34.59 -10.21
C LYS D 65 17.17 33.95 -11.56
N ALA D 66 17.47 32.66 -11.59
CA ALA D 66 17.75 31.94 -12.83
C ALA D 66 16.49 31.45 -13.53
N LYS D 67 15.32 31.98 -13.14
CA LYS D 67 14.04 31.63 -13.76
C LYS D 67 13.78 30.12 -13.71
N GLN D 68 14.00 29.53 -12.53
CA GLN D 68 13.75 28.10 -12.31
C GLN D 68 12.84 27.95 -11.09
N GLY D 69 11.54 27.77 -11.36
CA GLY D 69 10.58 27.72 -10.28
C GLY D 69 10.73 26.50 -9.39
N GLY D 70 11.01 25.34 -9.98
CA GLY D 70 11.00 24.11 -9.20
C GLY D 70 12.04 24.06 -8.11
N SER D 71 13.30 24.32 -8.48
CA SER D 71 14.38 24.24 -7.50
C SER D 71 14.25 25.34 -6.44
N GLY D 72 13.97 26.57 -6.88
CA GLY D 72 13.82 27.66 -5.93
C GLY D 72 12.67 27.44 -4.97
N THR D 73 11.53 26.96 -5.48
CA THR D 73 10.38 26.70 -4.65
C THR D 73 10.63 25.56 -3.67
N ASP D 74 11.30 24.49 -4.12
CA ASP D 74 11.65 23.41 -3.21
C ASP D 74 12.59 23.89 -2.12
N LEU D 75 13.53 24.77 -2.46
CA LEU D 75 14.43 25.30 -1.45
C LEU D 75 13.72 26.28 -0.51
N ILE D 76 12.70 26.98 -0.99
CA ILE D 76 11.90 27.80 -0.09
C ILE D 76 11.16 26.92 0.90
N PHE D 77 10.62 25.79 0.43
CA PHE D 77 9.96 24.86 1.34
C PHE D 77 10.95 24.30 2.35
N TYR D 78 12.17 24.00 1.91
CA TYR D 78 13.21 23.55 2.83
C TYR D 78 13.54 24.63 3.86
N LEU D 79 13.62 25.89 3.41
CA LEU D 79 13.88 26.99 4.33
C LEU D 79 12.78 27.14 5.35
N LEU D 80 11.53 26.96 4.93
CA LEU D 80 10.42 27.04 5.88
C LEU D 80 10.44 25.87 6.85
N GLU D 81 10.84 24.69 6.39
CA GLU D 81 11.00 23.56 7.29
C GLU D 81 12.08 23.84 8.33
N VAL D 82 13.20 24.43 7.91
CA VAL D 82 14.26 24.80 8.84
C VAL D 82 13.79 25.89 9.79
N TYR D 83 12.97 26.82 9.29
CA TYR D 83 12.39 27.85 10.13
C TYR D 83 11.56 27.23 11.24
N ASP D 84 10.67 26.30 10.88
CA ASP D 84 9.83 25.65 11.87
C ASP D 84 10.66 24.83 12.86
N LEU D 85 11.66 24.12 12.36
CA LEU D 85 12.42 23.21 13.22
C LEU D 85 13.39 23.96 14.13
N ALA D 86 13.84 25.14 13.71
CA ALA D 86 14.78 25.94 14.47
C ALA D 86 14.12 26.97 15.38
N GLU D 87 12.79 27.06 15.34
CA GLU D 87 12.03 28.00 16.16
C GLU D 87 12.49 29.44 15.93
N VAL D 88 12.32 29.89 14.70
CA VAL D 88 12.67 31.25 14.30
C VAL D 88 11.45 32.15 14.50
N LYS D 89 11.60 33.19 15.30
CA LYS D 89 10.51 34.12 15.55
C LYS D 89 10.33 35.06 14.37
N VAL D 90 9.18 35.72 14.33
CA VAL D 90 8.85 36.66 13.27
C VAL D 90 9.48 38.01 13.63
N ASP D 91 10.57 38.35 12.94
CA ASP D 91 11.27 39.62 13.16
C ASP D 91 11.44 40.34 11.83
N ASP D 92 12.18 41.45 11.84
CA ASP D 92 12.40 42.18 10.60
C ASP D 92 13.27 41.39 9.63
N ILE D 93 14.40 40.88 10.11
CA ILE D 93 15.33 40.14 9.25
C ILE D 93 14.68 38.85 8.75
N SER D 94 14.02 38.11 9.65
CA SER D 94 13.44 36.83 9.26
C SER D 94 12.32 37.02 8.24
N VAL D 95 11.51 38.06 8.41
CA VAL D 95 10.45 38.33 7.45
C VAL D 95 11.04 38.82 6.12
N ALA D 96 12.08 39.66 6.18
CA ALA D 96 12.69 40.14 4.95
C ALA D 96 13.33 38.99 4.16
N ARG D 97 13.81 37.96 4.85
CA ARG D 97 14.37 36.81 4.16
C ARG D 97 13.34 36.15 3.25
N LEU D 98 12.10 36.02 3.72
CA LEU D 98 11.03 35.48 2.88
C LEU D 98 10.52 36.52 1.88
N VAL D 99 10.56 37.79 2.24
CA VAL D 99 10.08 38.84 1.34
C VAL D 99 10.93 38.91 0.08
N ARG D 100 12.24 38.71 0.23
CA ARG D 100 13.11 38.69 -0.94
C ARG D 100 12.74 37.54 -1.88
N LEU D 101 12.49 36.36 -1.32
CA LEU D 101 12.09 35.21 -2.14
C LEU D 101 10.77 35.46 -2.83
N ILE D 102 9.81 36.08 -2.12
CA ILE D 102 8.54 36.43 -2.77
C ILE D 102 8.77 37.40 -3.90
N ALA D 103 9.66 38.38 -3.70
CA ALA D 103 9.97 39.34 -4.75
C ALA D 103 10.54 38.66 -5.99
N GLU D 104 11.44 37.69 -5.79
CA GLU D 104 12.03 36.98 -6.91
C GLU D 104 11.15 35.85 -7.44
N LEU D 105 10.02 35.57 -6.80
CA LEU D 105 9.12 34.52 -7.25
C LEU D 105 8.46 34.91 -8.56
N ASP D 106 7.98 33.91 -9.29
CA ASP D 106 7.32 34.20 -10.56
C ASP D 106 5.81 34.16 -10.41
N PRO D 107 5.09 35.12 -11.00
CA PRO D 107 3.62 35.05 -10.96
C PRO D 107 3.06 33.77 -11.54
N SER D 108 3.70 33.21 -12.57
CA SER D 108 3.24 32.00 -13.22
C SER D 108 3.74 30.73 -12.54
N GLU D 109 4.13 30.82 -11.28
CA GLU D 109 4.61 29.64 -10.57
C GLU D 109 3.45 28.67 -10.34
N PRO D 110 3.58 27.41 -10.76
CA PRO D 110 2.47 26.47 -10.57
C PRO D 110 2.10 26.26 -9.11
N ASN D 111 3.06 26.32 -8.19
CA ASN D 111 2.80 26.15 -6.76
C ASN D 111 3.09 27.45 -6.01
N LEU D 112 2.70 28.58 -6.59
CA LEU D 112 2.83 29.86 -5.89
C LEU D 112 1.94 29.92 -4.67
N LYS D 113 0.72 29.39 -4.79
CA LYS D 113 -0.19 29.39 -3.64
C LYS D 113 0.35 28.51 -2.51
N ASP D 114 1.01 27.40 -2.86
CA ASP D 114 1.54 26.51 -1.83
C ASP D 114 2.64 27.20 -1.02
N VAL D 115 3.59 27.84 -1.70
CA VAL D 115 4.68 28.51 -0.99
C VAL D 115 4.14 29.72 -0.22
N ILE D 116 3.18 30.44 -0.78
CA ILE D 116 2.57 31.55 -0.06
C ILE D 116 1.90 31.07 1.21
N THR D 117 1.15 29.96 1.13
CA THR D 117 0.50 29.40 2.30
C THR D 117 1.52 28.93 3.33
N GLY D 118 2.64 28.36 2.86
CA GLY D 118 3.66 27.92 3.80
C GLY D 118 4.27 29.08 4.58
N MET D 119 4.61 30.16 3.87
CA MET D 119 5.15 31.33 4.55
C MET D 119 4.14 31.92 5.51
N ASN D 120 2.87 32.00 5.10
CA ASN D 120 1.85 32.53 5.98
C ASN D 120 1.65 31.66 7.21
N ASN D 121 1.68 30.34 7.03
CA ASN D 121 1.53 29.44 8.17
C ASN D 121 2.68 29.57 9.14
N TRP D 122 3.91 29.71 8.63
CA TRP D 122 5.04 29.94 9.51
C TRP D 122 4.87 31.25 10.27
N SER D 123 4.41 32.30 9.59
CA SER D 123 4.20 33.58 10.26
C SER D 123 3.13 33.46 11.34
N ILE D 124 2.10 32.66 11.08
CA ILE D 124 1.04 32.44 12.08
C ILE D 124 1.61 31.73 13.29
N LYS D 125 2.38 30.67 13.06
CA LYS D 125 2.80 29.80 14.17
C LYS D 125 3.78 30.50 15.10
N PHE D 126 4.68 31.30 14.56
CA PHE D 126 5.76 31.91 15.33
C PHE D 126 5.59 33.41 15.51
N SER D 127 4.35 33.85 15.74
CA SER D 127 4.08 35.26 16.01
C SER D 127 2.77 35.38 16.77
N GLU D 128 2.56 36.56 17.35
CA GLU D 128 1.33 36.81 18.09
C GLU D 128 0.14 37.01 17.17
N TYR D 129 0.36 37.34 15.90
CA TYR D 129 -0.74 37.51 14.96
C TYR D 129 -1.45 36.19 14.72
N LYS D 130 -2.77 36.24 14.70
CA LYS D 130 -3.59 35.04 14.47
C LYS D 130 -3.70 34.69 13.00
N PHE D 131 -3.24 35.56 12.09
CA PHE D 131 -3.35 35.30 10.66
C PHE D 131 -2.09 35.60 9.87
N GLY D 132 -1.07 36.17 10.48
CA GLY D 132 0.18 36.41 9.78
C GLY D 132 0.76 37.79 9.98
N ASP D 133 2.04 37.95 9.67
CA ASP D 133 2.68 39.26 9.82
C ASP D 133 2.16 40.22 8.76
N PRO D 134 1.67 41.41 9.15
CA PRO D 134 1.15 42.34 8.14
C PRO D 134 2.17 42.74 7.08
N TYR D 135 3.44 42.89 7.46
CA TYR D 135 4.47 43.22 6.48
C TYR D 135 4.62 42.10 5.46
N LEU D 136 4.58 40.85 5.92
CA LEU D 136 4.58 39.73 4.99
C LEU D 136 3.33 39.71 4.12
N HIS D 137 2.18 40.01 4.72
CA HIS D 137 0.93 40.00 3.98
C HIS D 137 0.91 41.04 2.88
N ASN D 138 1.58 42.18 3.10
CA ASN D 138 1.60 43.22 2.08
C ASN D 138 2.24 42.72 0.79
N THR D 139 3.35 41.99 0.88
CA THR D 139 3.98 41.44 -0.30
C THR D 139 3.24 40.20 -0.82
N ILE D 140 2.68 39.40 0.09
CA ILE D 140 1.99 38.18 -0.31
C ILE D 140 0.76 38.52 -1.15
N GLY D 141 -0.01 39.53 -0.73
CA GLY D 141 -1.19 39.90 -1.49
C GLY D 141 -0.85 40.42 -2.88
N SER D 142 0.19 41.24 -2.98
CA SER D 142 0.58 41.75 -4.29
C SER D 142 1.07 40.63 -5.20
N LYS D 143 1.86 39.70 -4.66
CA LYS D 143 2.33 38.59 -5.48
C LYS D 143 1.18 37.69 -5.93
N LEU D 144 0.21 37.45 -5.04
CA LEU D 144 -0.96 36.66 -5.43
C LEU D 144 -1.80 37.38 -6.48
N LEU D 145 -1.88 38.72 -6.38
CA LEU D 145 -2.61 39.48 -7.37
C LEU D 145 -1.92 39.39 -8.73
N GLU D 146 -0.59 39.40 -8.74
CA GLU D 146 0.14 39.23 -10.00
C GLU D 146 -0.16 37.88 -10.64
N GLY D 147 -0.43 36.87 -9.83
CA GLY D 147 -0.74 35.54 -10.31
C GLY D 147 -2.21 35.27 -10.55
N ASP D 148 -3.05 36.31 -10.59
CA ASP D 148 -4.49 36.19 -10.82
C ASP D 148 -5.15 35.34 -9.75
N PHE D 149 -4.91 35.70 -8.49
CA PHE D 149 -5.55 35.07 -7.35
C PHE D 149 -6.32 36.13 -6.57
N VAL D 150 -7.12 36.93 -7.29
CA VAL D 150 -7.65 38.18 -6.74
C VAL D 150 -8.47 37.92 -5.48
N TYR D 151 -9.32 36.90 -5.49
CA TYR D 151 -10.10 36.60 -4.29
C TYR D 151 -9.20 36.16 -3.15
N GLU D 152 -8.14 35.41 -3.45
CA GLU D 152 -7.17 35.04 -2.44
C GLU D 152 -6.24 36.19 -2.05
N ALA D 153 -6.01 37.14 -2.96
CA ALA D 153 -5.16 38.29 -2.68
C ALA D 153 -5.89 39.41 -1.95
N GLU D 154 -7.22 39.38 -1.93
CA GLU D 154 -8.00 40.35 -1.17
C GLU D 154 -7.97 40.05 0.32
N ARG D 155 -7.99 38.77 0.69
CA ARG D 155 -7.93 38.36 2.07
C ARG D 155 -6.55 38.58 2.69
N TYR D 156 -5.53 38.88 1.89
CA TYR D 156 -4.22 39.23 2.42
C TYR D 156 -4.02 40.72 2.56
N PHE D 157 -4.56 41.51 1.64
CA PHE D 157 -4.58 42.96 1.81
C PHE D 157 -5.44 43.38 3.01
N MET D 158 -6.36 42.52 3.43
CA MET D 158 -7.23 42.84 4.55
C MET D 158 -6.43 43.00 5.84
N LEU D 159 -5.53 42.06 6.12
CA LEU D 159 -4.72 42.07 7.33
C LEU D 159 -3.29 42.50 7.06
N GLY D 160 -3.11 43.48 6.17
CA GLY D 160 -1.81 44.02 5.86
C GLY D 160 -1.58 45.37 6.50
N THR D 161 -0.64 46.12 5.93
CA THR D 161 -0.32 47.45 6.42
C THR D 161 -1.18 48.50 5.72
N HIS D 162 -0.83 49.77 5.88
CA HIS D 162 -1.55 50.84 5.20
C HIS D 162 -1.40 50.72 3.69
N ASP D 163 -0.19 50.36 3.23
CA ASP D 163 0.01 50.13 1.80
C ASP D 163 -0.86 49.00 1.29
N SER D 164 -1.12 47.99 2.13
CA SER D 164 -2.05 46.94 1.75
C SER D 164 -3.45 47.49 1.52
N MET D 165 -3.89 48.42 2.38
CA MET D 165 -5.19 49.04 2.19
C MET D 165 -5.21 49.85 0.90
N ILE D 166 -4.14 50.59 0.62
CA ILE D 166 -4.07 51.37 -0.61
C ILE D 166 -4.16 50.46 -1.83
N LYS D 167 -3.41 49.34 -1.80
CA LYS D 167 -3.44 48.41 -2.93
C LYS D 167 -4.80 47.74 -3.05
N TYR D 168 -5.46 47.46 -1.93
CA TYR D 168 -6.81 46.90 -1.97
C TYR D 168 -7.79 47.86 -2.63
N VAL D 169 -7.72 49.14 -2.26
CA VAL D 169 -8.59 50.13 -2.88
C VAL D 169 -8.29 50.25 -4.37
N ASP D 170 -7.01 50.24 -4.74
CA ASP D 170 -6.65 50.32 -6.16
C ASP D 170 -7.16 49.11 -6.93
N LEU D 171 -7.04 47.92 -6.35
CA LEU D 171 -7.54 46.71 -7.01
C LEU D 171 -9.05 46.77 -7.19
N LEU D 172 -9.77 47.20 -6.16
CA LEU D 172 -11.23 47.29 -6.28
C LEU D 172 -11.63 48.33 -7.33
N TRP D 173 -10.94 49.46 -7.35
CA TRP D 173 -11.25 50.49 -8.35
C TRP D 173 -10.97 50.00 -9.75
N ASP D 174 -9.86 49.30 -9.96
CA ASP D 174 -9.55 48.75 -11.28
C ASP D 174 -10.56 47.70 -11.68
N TRP D 175 -10.98 46.86 -10.73
CA TRP D 175 -12.01 45.86 -11.02
C TRP D 175 -13.31 46.51 -11.43
N LEU D 176 -13.70 47.59 -10.75
CA LEU D 176 -14.91 48.31 -11.14
C LEU D 176 -14.77 48.95 -12.52
N CYS D 177 -13.61 49.56 -12.79
CA CYS D 177 -13.41 50.23 -14.07
C CYS D 177 -13.38 49.23 -15.22
N GLN D 178 -12.90 48.01 -14.99
CA GLN D 178 -12.82 47.02 -16.06
C GLN D 178 -14.18 46.52 -16.52
N VAL D 179 -15.23 46.73 -15.73
CA VAL D 179 -16.58 46.28 -16.09
C VAL D 179 -17.23 47.37 -16.94
N ASP D 180 -17.69 47.00 -18.14
CA ASP D 180 -18.28 47.97 -19.05
C ASP D 180 -19.62 48.49 -18.52
N ASP D 181 -20.50 47.58 -18.13
CA ASP D 181 -21.82 47.97 -17.66
C ASP D 181 -21.78 48.40 -16.20
N ILE D 182 -22.86 49.02 -15.76
CA ILE D 182 -22.99 49.46 -14.37
C ILE D 182 -24.25 48.87 -13.75
N GLU D 183 -25.40 49.13 -14.37
CA GLU D 183 -26.69 48.60 -13.91
C GLU D 183 -26.95 48.94 -12.45
N ASP D 184 -26.39 50.06 -11.99
CA ASP D 184 -26.54 50.58 -10.63
C ASP D 184 -26.40 49.49 -9.56
N SER D 185 -25.57 48.49 -9.83
CA SER D 185 -25.35 47.41 -8.86
C SER D 185 -23.87 47.10 -8.73
N THR D 186 -23.08 47.47 -9.75
CA THR D 186 -21.65 47.21 -9.70
C THR D 186 -20.98 47.97 -8.56
N VAL D 187 -21.20 49.30 -8.52
CA VAL D 187 -20.50 50.13 -7.55
C VAL D 187 -20.85 49.72 -6.13
N ALA D 188 -22.12 49.41 -5.89
CA ALA D 188 -22.54 48.95 -4.57
C ALA D 188 -21.83 47.66 -4.20
N GLU D 189 -21.75 46.71 -5.13
CA GLU D 189 -21.14 45.43 -4.84
C GLU D 189 -19.64 45.55 -4.61
N PHE D 190 -18.98 46.50 -5.27
CA PHE D 190 -17.57 46.73 -5.02
C PHE D 190 -17.34 47.44 -3.69
N PHE D 191 -18.16 48.44 -3.38
CA PHE D 191 -17.96 49.21 -2.15
C PHE D 191 -18.33 48.39 -0.91
N SER D 192 -19.27 47.45 -1.05
CA SER D 192 -19.66 46.63 0.08
C SER D 192 -18.49 45.80 0.59
N ARG D 193 -17.69 45.24 -0.32
CA ARG D 193 -16.52 44.49 0.11
C ARG D 193 -15.55 45.36 0.88
N LEU D 194 -15.28 46.56 0.36
CA LEU D 194 -14.32 47.46 1.01
C LEU D 194 -14.79 47.87 2.39
N VAL D 195 -16.11 48.10 2.55
CA VAL D 195 -16.62 48.49 3.86
C VAL D 195 -16.61 47.29 4.81
N PHE D 196 -17.15 46.15 4.37
CA PHE D 196 -17.36 45.03 5.27
C PHE D 196 -16.05 44.38 5.69
N ASN D 197 -15.10 44.25 4.77
CA ASN D 197 -13.83 43.60 5.11
C ASN D 197 -13.09 44.39 6.17
N TYR D 198 -13.10 45.71 6.09
CA TYR D 198 -12.41 46.54 7.07
C TYR D 198 -13.27 46.85 8.27
N LEU D 199 -14.56 46.50 8.26
CA LEU D 199 -15.37 46.56 9.47
C LEU D 199 -15.33 45.27 10.27
N PHE D 200 -15.07 44.13 9.61
CA PHE D 200 -15.02 42.86 10.32
C PHE D 200 -13.87 42.83 11.32
N ILE D 201 -12.69 43.29 10.91
CA ILE D 201 -11.52 43.30 11.77
C ILE D 201 -11.52 44.58 12.59
N SER D 202 -12.61 45.35 12.50
CA SER D 202 -12.80 46.57 13.28
C SER D 202 -11.70 47.60 13.04
N ASN D 203 -11.13 47.60 11.84
CA ASN D 203 -10.14 48.62 11.45
C ASN D 203 -10.89 49.80 10.82
N ILE D 204 -11.67 50.47 11.66
CA ILE D 204 -12.59 51.48 11.17
C ILE D 204 -11.86 52.69 10.60
N SER D 205 -10.65 52.99 11.09
CA SER D 205 -9.86 54.06 10.47
C SER D 205 -9.54 53.73 9.01
N PHE D 206 -9.08 52.49 8.77
CA PHE D 206 -8.82 52.07 7.39
C PHE D 206 -10.11 52.03 6.58
N ALA D 207 -11.21 51.60 7.20
CA ALA D 207 -12.48 51.59 6.49
C ALA D 207 -12.89 53.00 6.06
N HIS D 208 -12.73 53.98 6.95
CA HIS D 208 -13.08 55.35 6.62
C HIS D 208 -12.18 55.90 5.51
N GLU D 209 -10.88 55.66 5.62
CA GLU D 209 -9.96 56.18 4.60
C GLU D 209 -10.23 55.54 3.24
N SER D 210 -10.45 54.22 3.22
CA SER D 210 -10.76 53.53 1.97
C SER D 210 -12.08 54.01 1.39
N LYS D 211 -13.08 54.25 2.25
CA LYS D 211 -14.34 54.80 1.79
C LYS D 211 -14.15 56.16 1.16
N ASP D 212 -13.34 57.03 1.80
CA ASP D 212 -13.09 58.35 1.25
C ASP D 212 -12.43 58.25 -0.12
N ILE D 213 -11.41 57.39 -0.24
CA ILE D 213 -10.69 57.27 -1.50
C ILE D 213 -11.62 56.73 -2.60
N PHE D 214 -12.38 55.68 -2.28
CA PHE D 214 -13.27 55.07 -3.27
C PHE D 214 -14.37 56.04 -3.70
N LEU D 215 -14.95 56.77 -2.75
CA LEU D 215 -16.01 57.71 -3.10
C LEU D 215 -15.47 58.89 -3.90
N GLU D 216 -14.26 59.35 -3.57
CA GLU D 216 -13.65 60.41 -4.36
C GLU D 216 -13.39 59.95 -5.79
N ARG D 217 -12.88 58.73 -5.95
CA ARG D 217 -12.66 58.20 -7.29
C ARG D 217 -13.96 58.02 -8.06
N PHE D 218 -15.01 57.57 -7.35
CA PHE D 218 -16.32 57.43 -7.97
C PHE D 218 -16.87 58.77 -8.43
N ILE D 219 -16.72 59.79 -7.60
CA ILE D 219 -17.17 61.14 -7.96
C ILE D 219 -16.36 61.69 -9.12
N GLU D 220 -15.07 61.37 -9.18
CA GLU D 220 -14.23 61.86 -10.27
C GLU D 220 -14.58 61.20 -11.59
N LYS D 221 -14.46 59.87 -11.66
CA LYS D 221 -14.65 59.18 -12.93
C LYS D 221 -16.11 59.23 -13.39
N PHE D 222 -17.03 58.90 -12.50
CA PHE D 222 -18.45 59.00 -12.81
C PHE D 222 -18.96 60.40 -12.50
N HIS D 223 -20.22 60.65 -12.80
CA HIS D 223 -20.87 61.93 -12.53
C HIS D 223 -22.25 61.71 -11.94
N PRO D 224 -22.32 61.25 -10.68
CA PRO D 224 -23.63 61.13 -10.02
C PRO D 224 -24.03 62.41 -9.31
N LYS D 225 -25.18 62.40 -8.64
CA LYS D 225 -25.66 63.55 -7.88
C LYS D 225 -25.27 63.34 -6.42
N TYR D 226 -24.29 64.11 -5.95
CA TYR D 226 -23.75 63.97 -4.61
C TYR D 226 -24.00 65.22 -3.80
N GLU D 227 -24.31 65.04 -2.51
CA GLU D 227 -24.50 66.14 -1.58
C GLU D 227 -23.75 65.85 -0.30
N LYS D 228 -22.88 66.77 0.12
CA LYS D 228 -22.03 66.55 1.28
C LYS D 228 -22.79 66.93 2.55
N ILE D 229 -23.42 65.95 3.19
CA ILE D 229 -24.13 66.18 4.46
C ILE D 229 -23.06 66.06 5.54
N ASP D 230 -22.62 67.21 6.04
CA ASP D 230 -21.57 67.28 7.05
C ASP D 230 -22.12 67.87 8.33
N LYS D 231 -21.98 67.14 9.45
CA LYS D 231 -22.45 67.61 10.74
C LYS D 231 -21.53 67.11 11.82
N ASN D 232 -21.20 67.98 12.78
CA ASN D 232 -20.42 67.70 13.97
C ASN D 232 -18.98 67.32 13.66
N GLY D 233 -18.61 67.23 12.39
CA GLY D 233 -17.28 66.78 12.01
C GLY D 233 -17.35 65.56 11.11
N TYR D 234 -18.46 64.84 11.15
CA TYR D 234 -18.66 63.67 10.32
C TYR D 234 -19.36 64.09 9.03
N GLU D 235 -18.76 63.75 7.89
CA GLU D 235 -19.28 64.12 6.58
C GLU D 235 -19.62 62.86 5.81
N ILE D 236 -20.84 62.78 5.29
CA ILE D 236 -21.30 61.65 4.50
C ILE D 236 -21.81 62.19 3.17
N VAL D 237 -21.38 61.58 2.07
CA VAL D 237 -21.94 61.97 0.78
C VAL D 237 -23.29 61.27 0.59
N PHE D 238 -24.21 61.99 -0.05
CA PHE D 238 -25.56 61.53 -0.28
C PHE D 238 -25.83 61.45 -1.77
N PHE D 239 -26.34 60.29 -2.21
CA PHE D 239 -26.73 60.07 -3.58
C PHE D 239 -28.23 59.80 -3.63
N GLU D 240 -28.85 60.16 -4.75
CA GLU D 240 -30.28 59.93 -4.92
C GLU D 240 -30.56 58.53 -5.45
N ASP D 241 -30.01 58.19 -6.62
CA ASP D 241 -30.24 56.88 -7.21
C ASP D 241 -29.43 55.80 -6.50
N TYR D 242 -28.18 56.10 -6.12
CA TYR D 242 -27.30 55.13 -5.48
C TYR D 242 -27.51 55.15 -3.97
N SER D 243 -28.63 54.57 -3.54
CA SER D 243 -28.94 54.50 -2.12
C SER D 243 -28.06 53.49 -1.38
N ASP D 244 -27.47 52.53 -2.09
CA ASP D 244 -26.65 51.52 -1.45
C ASP D 244 -25.41 52.14 -0.81
N LEU D 245 -24.79 53.11 -1.49
CA LEU D 245 -23.64 53.78 -0.92
C LEU D 245 -24.01 54.52 0.37
N ASN D 246 -25.17 55.17 0.38
CA ASN D 246 -25.64 55.83 1.60
C ASN D 246 -25.89 54.82 2.70
N PHE D 247 -26.48 53.67 2.36
CA PHE D 247 -26.71 52.63 3.36
C PHE D 247 -25.38 52.14 3.95
N LEU D 248 -24.38 51.93 3.10
CA LEU D 248 -23.09 51.45 3.59
C LEU D 248 -22.41 52.50 4.46
N GLN D 249 -22.44 53.77 4.07
CA GLN D 249 -21.85 54.83 4.89
C GLN D 249 -22.55 54.94 6.24
N LEU D 250 -23.89 54.89 6.24
CA LEU D 250 -24.62 54.97 7.49
C LEU D 250 -24.38 53.74 8.35
N LEU D 251 -24.20 52.57 7.73
CA LEU D 251 -23.84 51.38 8.49
C LEU D 251 -22.48 51.52 9.14
N LEU D 252 -21.51 52.09 8.41
CA LEU D 252 -20.21 52.35 9.00
C LEU D 252 -20.33 53.31 10.19
N ILE D 253 -21.14 54.36 10.04
CA ILE D 253 -21.31 55.32 11.12
C ILE D 253 -21.97 54.66 12.33
N THR D 254 -23.00 53.85 12.10
CA THR D 254 -23.70 53.16 13.17
C THR D 254 -22.77 52.20 13.91
N CYS D 255 -21.98 51.43 13.15
CA CYS D 255 -21.01 50.55 13.78
C CYS D 255 -19.97 51.35 14.55
N GLN D 256 -19.66 52.56 14.09
CA GLN D 256 -18.73 53.43 14.82
C GLN D 256 -19.31 53.84 16.16
N THR D 257 -20.57 54.28 16.18
CA THR D 257 -21.16 54.75 17.41
C THR D 257 -21.53 53.63 18.37
N LYS D 258 -21.72 52.41 17.86
CA LYS D 258 -21.97 51.22 18.68
C LYS D 258 -23.19 51.40 19.58
N ASP D 259 -24.34 51.59 18.95
CA ASP D 259 -25.61 51.70 19.67
C ASP D 259 -26.67 50.85 18.98
N LYS D 260 -27.54 50.25 19.78
CA LYS D 260 -28.53 49.32 19.23
C LYS D 260 -29.64 50.05 18.49
N SER D 261 -30.06 51.22 19.00
CA SER D 261 -31.20 51.91 18.41
C SER D 261 -30.92 52.35 16.99
N TYR D 262 -29.72 52.90 16.73
CA TYR D 262 -29.37 53.31 15.38
C TYR D 262 -29.32 52.11 14.43
N PHE D 263 -28.78 50.99 14.91
CA PHE D 263 -28.74 49.79 14.09
C PHE D 263 -30.14 49.30 13.76
N LEU D 264 -31.05 49.32 14.73
CA LEU D 264 -32.42 48.89 14.48
C LEU D 264 -33.11 49.82 13.47
N ASN D 265 -32.91 51.13 13.62
CA ASN D 265 -33.52 52.07 12.68
C ASN D 265 -32.99 51.86 11.28
N LEU D 266 -31.68 51.69 11.13
CA LEU D 266 -31.11 51.46 9.81
C LEU D 266 -31.58 50.14 9.22
N LYS D 267 -31.68 49.10 10.06
CA LYS D 267 -32.08 47.79 9.55
C LYS D 267 -33.53 47.77 9.10
N ASN D 268 -34.44 48.36 9.89
CA ASN D 268 -35.84 48.33 9.51
C ASN D 268 -36.21 49.44 8.53
N HIS D 269 -35.29 50.38 8.27
CA HIS D 269 -35.51 51.30 7.15
C HIS D 269 -35.08 50.67 5.84
N TYR D 270 -33.81 50.27 5.74
CA TYR D 270 -33.29 49.61 4.54
C TYR D 270 -33.53 48.10 4.67
N LEU D 271 -34.81 47.73 4.61
CA LEU D 271 -35.18 46.33 4.78
C LEU D 271 -34.65 45.47 3.65
N ASP D 272 -34.73 45.96 2.41
CA ASP D 272 -34.29 45.16 1.27
C ASP D 272 -32.79 44.88 1.33
N PHE D 273 -31.99 45.91 1.61
CA PHE D 273 -30.55 45.73 1.67
C PHE D 273 -30.13 44.93 2.89
N SER D 274 -30.86 45.07 4.00
CA SER D 274 -30.60 44.23 5.16
C SER D 274 -30.88 42.77 4.83
N GLN D 275 -31.94 42.50 4.08
CA GLN D 275 -32.21 41.13 3.63
C GLN D 275 -31.12 40.64 2.70
N ALA D 276 -30.63 41.51 1.80
CA ALA D 276 -29.60 41.10 0.86
C ALA D 276 -28.28 40.78 1.54
N TYR D 277 -27.94 41.49 2.61
CA TYR D 277 -26.68 41.32 3.33
C TYR D 277 -26.89 40.75 4.74
N LYS D 278 -27.84 39.81 4.88
CA LYS D 278 -28.24 39.37 6.22
C LYS D 278 -27.06 38.84 7.03
N SER D 279 -26.20 38.05 6.40
CA SER D 279 -25.05 37.50 7.12
C SER D 279 -24.14 38.61 7.63
N GLU D 280 -23.87 39.61 6.79
CA GLU D 280 -22.96 40.68 7.17
C GLU D 280 -23.52 41.50 8.32
N LEU D 281 -24.80 41.88 8.24
CA LEU D 281 -25.39 42.65 9.33
C LEU D 281 -25.48 41.85 10.63
N GLU D 282 -25.83 40.56 10.55
CA GLU D 282 -25.92 39.82 11.80
C GLU D 282 -24.54 39.60 12.42
N PHE D 283 -23.51 39.38 11.59
CA PHE D 283 -22.16 39.29 12.15
C PHE D 283 -21.71 40.62 12.75
N LEU D 284 -22.04 41.73 12.08
CA LEU D 284 -21.67 43.04 12.62
C LEU D 284 -22.37 43.30 13.95
N GLY D 285 -23.65 42.93 14.04
CA GLY D 285 -24.35 43.08 15.29
C GLY D 285 -23.77 42.23 16.41
N GLN D 286 -23.39 40.98 16.07
CA GLN D 286 -22.77 40.12 17.07
C GLN D 286 -21.43 40.68 17.52
N GLU D 287 -20.65 41.23 16.59
CA GLU D 287 -19.31 41.69 16.92
C GLU D 287 -19.33 43.00 17.70
N TYR D 288 -20.25 43.91 17.34
CA TYR D 288 -20.23 45.26 17.88
C TYR D 288 -21.27 45.51 18.96
N PHE D 289 -22.52 45.12 18.71
CA PHE D 289 -23.64 45.46 19.58
C PHE D 289 -23.96 44.37 20.60
N ASN D 290 -23.07 43.39 20.76
CA ASN D 290 -23.25 42.31 21.74
C ASN D 290 -24.58 41.59 21.54
N ILE D 291 -24.91 41.34 20.28
CA ILE D 291 -26.10 40.58 19.93
C ILE D 291 -25.73 39.11 19.85
N VAL D 292 -26.39 38.28 20.66
CA VAL D 292 -26.05 36.86 20.74
C VAL D 292 -26.66 36.18 19.52
N ALA D 293 -25.84 35.97 18.49
CA ALA D 293 -26.30 35.27 17.30
C ALA D 293 -26.57 33.80 17.62
N PRO D 294 -27.51 33.18 16.91
CA PRO D 294 -27.77 31.76 17.15
C PRO D 294 -26.55 30.90 16.86
N LYS D 295 -26.38 29.85 17.66
CA LYS D 295 -25.22 28.98 17.53
C LYS D 295 -25.33 28.13 16.27
N GLN D 296 -24.21 27.51 15.89
CA GLN D 296 -24.17 26.67 14.71
C GLN D 296 -25.13 25.49 14.84
N THR D 297 -25.91 25.25 13.79
CA THR D 297 -26.92 24.18 13.79
C THR D 297 -26.24 22.89 13.34
N ASN D 298 -25.61 22.21 14.28
CA ASN D 298 -24.96 20.94 13.99
C ASN D 298 -26.00 19.90 13.60
N PHE D 299 -25.68 19.13 12.56
CA PHE D 299 -26.65 18.15 12.03
C PHE D 299 -26.98 17.08 13.06
N LEU D 300 -25.95 16.51 13.70
CA LEU D 300 -26.17 15.46 14.69
C LEU D 300 -26.96 15.99 15.88
N GLN D 301 -26.61 17.18 16.37
CA GLN D 301 -27.35 17.76 17.48
C GLN D 301 -28.80 18.06 17.09
N ASP D 302 -29.01 18.53 15.85
CA ASP D 302 -30.37 18.80 15.39
C ASP D 302 -31.19 17.51 15.35
N MET D 303 -30.60 16.42 14.85
CA MET D 303 -31.32 15.15 14.84
C MET D 303 -31.60 14.67 16.26
N MET D 304 -30.64 14.80 17.16
CA MET D 304 -30.83 14.33 18.52
C MET D 304 -31.92 15.13 19.23
N SER D 305 -31.96 16.44 19.03
CA SER D 305 -32.96 17.27 19.69
C SER D 305 -34.34 17.10 19.08
N GLY D 306 -34.42 17.00 17.75
CA GLY D 306 -35.71 16.93 17.08
C GLY D 306 -36.33 15.56 17.05
N PHE D 307 -35.51 14.51 17.15
CA PHE D 307 -35.99 13.14 17.05
C PHE D 307 -35.75 12.33 18.31
N LEU D 308 -34.53 12.35 18.85
CA LEU D 308 -34.21 11.58 20.04
C LEU D 308 -34.65 12.31 21.31
N THR E 26 6.55 -11.24 -38.11
CA THR E 26 7.11 -9.95 -38.47
C THR E 26 7.81 -9.34 -37.26
N VAL E 27 7.00 -8.81 -36.33
CA VAL E 27 7.40 -8.12 -35.10
C VAL E 27 8.81 -7.53 -35.20
N GLU E 28 8.90 -6.31 -35.72
CA GLU E 28 10.18 -5.64 -35.81
C GLU E 28 10.72 -5.34 -34.41
N PRO E 29 12.05 -5.29 -34.24
CA PRO E 29 12.66 -5.02 -32.94
C PRO E 29 12.77 -3.54 -32.60
N ASN E 30 11.65 -2.82 -32.70
CA ASN E 30 11.62 -1.41 -32.34
C ASN E 30 10.20 -1.03 -31.93
N LEU E 31 10.09 0.10 -31.24
CA LEU E 31 8.81 0.62 -30.77
C LEU E 31 8.17 1.60 -31.76
N HIS E 32 8.44 1.44 -33.06
CA HIS E 32 7.93 2.39 -34.04
C HIS E 32 6.41 2.36 -34.10
N SER E 33 5.81 1.18 -33.94
CA SER E 33 4.35 1.11 -33.97
C SER E 33 3.73 1.85 -32.80
N LEU E 34 4.38 1.80 -31.63
CA LEU E 34 3.87 2.52 -30.47
C LEU E 34 4.17 4.01 -30.56
N ILE E 35 5.32 4.38 -31.12
CA ILE E 35 5.74 5.78 -31.12
C ILE E 35 4.86 6.61 -32.05
N THR E 36 4.56 6.09 -33.23
CA THR E 36 3.75 6.81 -34.20
C THR E 36 2.26 6.48 -34.09
N SER E 37 1.86 5.71 -33.09
CA SER E 37 0.46 5.37 -32.92
C SER E 37 -0.34 6.61 -32.52
N THR E 38 -1.46 6.82 -33.19
CA THR E 38 -2.32 7.98 -32.95
C THR E 38 -3.50 7.66 -32.04
N THR E 39 -3.59 6.44 -31.51
CA THR E 39 -4.73 6.03 -30.71
C THR E 39 -4.40 5.80 -29.25
N HIS E 40 -3.15 5.52 -28.91
CA HIS E 40 -2.80 5.18 -27.54
C HIS E 40 -2.98 6.37 -26.61
N LYS E 41 -3.57 6.11 -25.44
CA LYS E 41 -3.83 7.14 -24.44
C LYS E 41 -3.01 6.97 -23.18
N TRP E 42 -2.82 5.74 -22.71
CA TRP E 42 -1.96 5.44 -21.57
C TRP E 42 -0.91 4.43 -21.99
N ILE E 43 0.32 4.64 -21.54
CA ILE E 43 1.43 3.75 -21.85
C ILE E 43 2.22 3.53 -20.57
N PHE E 44 2.07 2.35 -19.97
CA PHE E 44 2.79 2.01 -18.75
C PHE E 44 4.13 1.39 -19.09
N VAL E 45 5.17 1.84 -18.40
CA VAL E 45 6.50 1.26 -18.52
C VAL E 45 6.86 0.67 -17.17
N GLY E 46 7.10 -0.64 -17.15
CA GLY E 46 7.42 -1.34 -15.92
C GLY E 46 8.50 -2.38 -16.15
N GLY E 47 8.88 -3.05 -15.07
CA GLY E 47 9.93 -4.03 -15.15
C GLY E 47 10.41 -4.51 -13.81
N LYS E 48 11.73 -4.60 -13.63
CA LYS E 48 12.32 -5.14 -12.41
C LYS E 48 13.45 -4.24 -11.94
N GLY E 49 13.12 -3.28 -11.08
CA GLY E 49 14.10 -2.67 -10.21
C GLY E 49 15.41 -2.24 -10.84
N GLY E 50 15.41 -1.16 -11.61
CA GLY E 50 16.64 -0.61 -12.13
C GLY E 50 17.10 -1.15 -13.45
N VAL E 51 16.22 -1.85 -14.18
CA VAL E 51 16.54 -2.26 -15.54
C VAL E 51 16.50 -1.11 -16.51
N GLY E 52 15.99 0.05 -16.10
CA GLY E 52 15.90 1.19 -16.99
C GLY E 52 14.47 1.69 -17.18
N LYS E 53 13.62 1.53 -16.17
CA LYS E 53 12.23 1.97 -16.29
C LYS E 53 12.16 3.48 -16.51
N THR E 54 12.88 4.25 -15.71
CA THR E 54 12.82 5.71 -15.84
C THR E 54 13.47 6.17 -17.14
N THR E 55 14.65 5.66 -17.45
CA THR E 55 15.34 6.05 -18.67
C THR E 55 14.52 5.69 -19.90
N SER E 56 13.96 4.48 -19.93
CA SER E 56 13.19 4.07 -21.09
C SER E 56 11.85 4.79 -21.18
N SER E 57 11.23 5.11 -20.04
CA SER E 57 9.99 5.87 -20.09
C SER E 57 10.25 7.29 -20.60
N CYS E 58 11.32 7.93 -20.14
CA CYS E 58 11.68 9.24 -20.66
C CYS E 58 12.00 9.16 -22.15
N SER E 59 12.68 8.09 -22.57
CA SER E 59 13.00 7.93 -23.99
C SER E 59 11.75 7.75 -24.83
N ILE E 60 10.80 6.93 -24.37
CA ILE E 60 9.55 6.74 -25.09
C ILE E 60 8.79 8.05 -25.19
N ALA E 61 8.70 8.79 -24.08
CA ALA E 61 7.98 10.06 -24.10
C ALA E 61 8.63 11.05 -25.05
N ILE E 62 9.96 11.13 -25.04
CA ILE E 62 10.66 12.06 -25.92
C ILE E 62 10.44 11.68 -27.38
N GLN E 63 10.55 10.39 -27.70
CA GLN E 63 10.35 9.96 -29.08
C GLN E 63 8.92 10.21 -29.54
N MET E 64 7.94 9.94 -28.68
CA MET E 64 6.55 10.19 -29.05
C MET E 64 6.31 11.68 -29.30
N ALA E 65 6.81 12.54 -28.40
CA ALA E 65 6.60 13.96 -28.57
C ALA E 65 7.39 14.53 -29.74
N LEU E 66 8.48 13.89 -30.14
CA LEU E 66 9.18 14.33 -31.34
C LEU E 66 8.43 13.91 -32.60
N SER E 67 7.88 12.69 -32.61
CA SER E 67 7.22 12.17 -33.79
C SER E 67 5.78 12.66 -33.94
N GLN E 68 5.19 13.22 -32.89
CA GLN E 68 3.82 13.74 -32.93
C GLN E 68 3.82 15.15 -32.36
N PRO E 69 4.24 16.14 -33.15
CA PRO E 69 4.30 17.53 -32.64
C PRO E 69 2.94 18.18 -32.44
N ASN E 70 1.85 17.57 -32.89
CA ASN E 70 0.53 18.15 -32.74
C ASN E 70 -0.19 17.70 -31.47
N LYS E 71 0.38 16.75 -30.73
CA LYS E 71 -0.24 16.22 -29.52
C LYS E 71 0.62 16.56 -28.32
N GLN E 72 -0.03 16.88 -27.20
CA GLN E 72 0.68 17.15 -25.96
C GLN E 72 0.73 15.89 -25.12
N PHE E 73 1.93 15.51 -24.69
CA PHE E 73 2.17 14.29 -23.94
C PHE E 73 2.56 14.63 -22.51
N LEU E 74 2.13 13.79 -21.57
CA LEU E 74 2.50 13.92 -20.17
C LEU E 74 3.24 12.68 -19.73
N LEU E 75 4.16 12.87 -18.79
CA LEU E 75 5.00 11.78 -18.27
C LEU E 75 4.89 11.79 -16.76
N ILE E 76 4.09 10.88 -16.23
CA ILE E 76 3.87 10.80 -14.79
C ILE E 76 4.85 9.80 -14.20
N SER E 77 5.33 10.09 -13.00
CA SER E 77 6.20 9.19 -12.25
C SER E 77 5.41 8.67 -11.06
N THR E 78 4.94 7.43 -11.15
CA THR E 78 4.18 6.80 -10.09
C THR E 78 5.06 6.09 -9.06
N ASN E 79 6.37 6.08 -9.27
CA ASN E 79 7.28 5.54 -8.27
C ASN E 79 7.29 6.44 -7.05
N PRO E 80 7.03 5.92 -5.84
CA PRO E 80 7.00 6.80 -4.67
C PRO E 80 8.32 7.48 -4.37
N ALA E 81 9.42 6.95 -4.88
CA ALA E 81 10.72 7.62 -4.83
C ALA E 81 11.06 8.03 -6.25
N HIS E 82 10.60 9.22 -6.63
CA HIS E 82 10.63 9.65 -8.02
C HIS E 82 12.05 9.89 -8.50
N ASN E 83 12.29 9.61 -9.79
CA ASN E 83 13.58 9.85 -10.42
C ASN E 83 13.46 10.53 -11.78
N LEU E 84 12.29 11.10 -12.10
CA LEU E 84 12.16 11.82 -13.36
C LEU E 84 13.05 13.06 -13.39
N SER E 85 13.11 13.78 -12.26
CA SER E 85 13.92 14.99 -12.19
C SER E 85 15.40 14.67 -12.40
N ASP E 86 15.88 13.60 -11.78
CA ASP E 86 17.29 13.23 -11.93
C ASP E 86 17.60 12.85 -13.37
N ALA E 87 16.71 12.13 -14.02
CA ALA E 87 16.93 11.73 -15.41
C ALA E 87 16.90 12.93 -16.35
N PHE E 88 15.98 13.86 -16.13
CA PHE E 88 15.87 15.02 -17.01
C PHE E 88 16.74 16.19 -16.58
N GLY E 89 17.35 16.13 -15.41
CA GLY E 89 18.16 17.25 -14.94
C GLY E 89 17.37 18.51 -14.71
N GLU E 90 16.17 18.38 -14.15
CA GLU E 90 15.31 19.53 -13.91
C GLU E 90 14.21 19.11 -12.93
N LYS E 91 13.93 19.96 -11.96
CA LYS E 91 13.03 19.60 -10.87
C LYS E 91 11.58 19.66 -11.32
N PHE E 92 10.86 18.56 -11.14
CA PHE E 92 9.43 18.47 -11.42
C PHE E 92 8.68 18.24 -10.12
N GLY E 93 7.42 18.65 -10.09
CA GLY E 93 6.64 18.54 -8.88
C GLY E 93 5.35 17.77 -9.04
N LYS E 94 4.42 17.96 -8.09
CA LYS E 94 3.13 17.30 -8.15
C LYS E 94 2.29 17.81 -9.31
N ASP E 95 2.66 18.94 -9.90
CA ASP E 95 1.92 19.57 -10.98
C ASP E 95 2.71 19.50 -12.28
N ALA E 96 1.98 19.47 -13.40
CA ALA E 96 2.60 19.29 -14.70
C ALA E 96 3.47 20.50 -15.04
N ARG E 97 4.69 20.22 -15.47
CA ARG E 97 5.65 21.26 -15.84
C ARG E 97 6.32 20.87 -17.15
N LYS E 98 6.33 21.78 -18.11
CA LYS E 98 6.89 21.48 -19.42
C LYS E 98 8.39 21.23 -19.33
N VAL E 99 8.87 20.27 -20.12
CA VAL E 99 10.29 19.98 -20.16
C VAL E 99 10.99 21.05 -20.99
N THR E 100 12.05 21.63 -20.42
CA THR E 100 12.78 22.69 -21.09
C THR E 100 13.39 22.18 -22.39
N GLY E 101 13.15 22.92 -23.48
CA GLY E 101 13.58 22.50 -24.79
C GLY E 101 12.60 21.62 -25.55
N MET E 102 11.49 21.25 -24.92
CA MET E 102 10.49 20.37 -25.53
C MET E 102 9.13 21.02 -25.33
N ASN E 103 8.50 21.44 -26.43
CA ASN E 103 7.28 22.25 -26.35
C ASN E 103 6.01 21.42 -26.24
N ASN E 104 6.09 20.10 -26.34
CA ASN E 104 4.90 19.25 -26.25
C ASN E 104 5.16 18.05 -25.36
N LEU E 105 5.81 18.26 -24.22
CA LEU E 105 6.05 17.18 -23.27
C LEU E 105 6.13 17.78 -21.87
N SER E 106 5.17 17.41 -21.02
CA SER E 106 5.15 17.83 -19.63
C SER E 106 5.49 16.65 -18.74
N CYS E 107 6.08 16.93 -17.58
CA CYS E 107 6.49 15.89 -16.65
C CYS E 107 5.91 16.19 -15.27
N MET E 108 5.40 15.15 -14.62
CA MET E 108 4.78 15.30 -13.31
C MET E 108 5.23 14.14 -12.42
N GLU E 109 5.51 14.46 -11.15
CA GLU E 109 5.90 13.47 -10.16
C GLU E 109 4.91 13.57 -9.01
N ILE E 110 4.14 12.50 -8.80
CA ILE E 110 3.01 12.55 -7.88
C ILE E 110 3.53 12.68 -6.45
N ASP E 111 3.38 13.85 -5.86
CA ASP E 111 3.74 14.04 -4.47
C ASP E 111 2.72 13.33 -3.57
N PRO E 112 3.15 12.76 -2.44
CA PRO E 112 2.20 12.07 -1.56
C PRO E 112 1.27 13.01 -0.81
N SER E 113 0.51 13.81 -1.55
CA SER E 113 -0.51 14.72 -1.02
C SER E 113 0.18 15.68 -0.06
N ALA E 114 -0.26 15.80 1.20
CA ALA E 114 0.30 16.75 2.16
C ALA E 114 0.25 18.18 1.63
N ALA E 115 -0.85 18.51 0.94
CA ALA E 115 -1.02 19.85 0.40
C ALA E 115 -1.09 20.88 1.52
N LEU E 116 -0.39 22.00 1.33
CA LEU E 116 -0.33 23.03 2.35
C LEU E 116 -1.67 23.73 2.49
N LYS E 117 -2.16 23.83 3.72
CA LYS E 117 -3.46 24.41 4.01
C LYS E 117 -3.30 25.49 5.07
N ASP E 118 -4.15 26.51 4.99
CA ASP E 118 -4.10 27.61 5.95
C ASP E 118 -4.30 27.09 7.37
N MET E 119 -3.45 27.55 8.28
CA MET E 119 -3.55 27.13 9.67
C MET E 119 -4.85 27.60 10.31
N ASN E 120 -5.25 28.84 10.03
CA ASN E 120 -6.46 29.43 10.58
C ASN E 120 -7.50 29.60 9.47
N ASP E 121 -8.60 30.27 9.81
CA ASP E 121 -9.76 30.31 8.92
C ASP E 121 -9.41 30.93 7.57
N MET E 122 -9.10 32.22 7.56
CA MET E 122 -8.77 32.95 6.33
C MET E 122 -9.84 32.70 5.26
N ALA E 123 -11.04 33.20 5.55
CA ALA E 123 -12.20 32.90 4.72
C ALA E 123 -12.10 33.60 3.36
N VAL E 124 -11.56 32.89 2.37
CA VAL E 124 -11.46 33.38 1.00
C VAL E 124 -12.82 33.23 0.35
N SER E 125 -13.25 34.25 -0.39
CA SER E 125 -14.55 34.22 -1.03
C SER E 125 -14.57 33.16 -2.13
N ARG E 126 -15.42 32.15 -1.95
CA ARG E 126 -15.52 31.04 -2.90
C ARG E 126 -16.91 30.93 -3.51
N ALA E 149 -7.72 11.88 7.71
CA ALA E 149 -6.91 13.06 7.92
C ALA E 149 -5.47 12.84 7.45
N ASP E 150 -4.52 13.45 8.15
CA ASP E 150 -3.11 13.29 7.79
C ASP E 150 -2.62 11.86 8.02
N LEU E 151 -3.19 11.16 9.02
CA LEU E 151 -2.75 9.80 9.30
C LEU E 151 -2.98 8.88 8.11
N THR E 152 -4.10 9.03 7.41
CA THR E 152 -4.37 8.25 6.22
C THR E 152 -3.35 8.51 5.12
N GLY E 153 -2.68 9.67 5.13
CA GLY E 153 -1.62 9.92 4.18
C GLY E 153 -0.38 9.09 4.44
N SER E 154 -0.22 8.62 5.67
CA SER E 154 0.91 7.78 6.05
C SER E 154 0.61 6.29 5.96
N ILE E 155 -0.61 5.92 5.62
CA ILE E 155 -1.00 4.51 5.51
C ILE E 155 -0.32 3.90 4.28
N PRO E 156 0.27 2.70 4.38
CA PRO E 156 0.91 2.10 3.22
C PRO E 156 -0.07 1.87 2.08
N GLY E 157 0.42 2.00 0.85
CA GLY E 157 -0.43 1.93 -0.32
C GLY E 157 -1.11 3.23 -0.68
N ILE E 158 -0.79 4.32 0.03
CA ILE E 158 -1.41 5.60 -0.27
C ILE E 158 -1.00 6.11 -1.65
N ASP E 159 0.24 5.84 -2.06
CA ASP E 159 0.72 6.35 -3.35
C ASP E 159 -0.03 5.72 -4.51
N GLU E 160 -0.40 4.44 -4.42
CA GLU E 160 -1.20 3.83 -5.45
C GLU E 160 -2.57 4.49 -5.56
N ALA E 161 -3.19 4.78 -4.42
CA ALA E 161 -4.47 5.48 -4.43
C ALA E 161 -4.33 6.87 -5.02
N LEU E 162 -3.24 7.57 -4.70
CA LEU E 162 -3.02 8.90 -5.27
C LEU E 162 -2.81 8.84 -6.78
N SER E 163 -2.08 7.83 -7.25
CA SER E 163 -1.90 7.67 -8.69
C SER E 163 -3.23 7.38 -9.37
N PHE E 164 -4.08 6.56 -8.75
CA PHE E 164 -5.39 6.31 -9.32
C PHE E 164 -6.25 7.57 -9.31
N MET E 165 -6.14 8.39 -8.27
CA MET E 165 -6.87 9.65 -8.24
C MET E 165 -6.38 10.60 -9.34
N GLU E 166 -5.06 10.62 -9.59
CA GLU E 166 -4.54 11.42 -10.69
C GLU E 166 -5.05 10.92 -12.03
N VAL E 167 -5.13 9.59 -12.20
CA VAL E 167 -5.69 9.03 -13.43
C VAL E 167 -7.14 9.44 -13.59
N MET E 168 -7.90 9.40 -12.49
CA MET E 168 -9.30 9.83 -12.53
C MET E 168 -9.41 11.30 -12.90
N LYS E 169 -8.55 12.15 -12.33
CA LYS E 169 -8.56 13.57 -12.66
C LYS E 169 -8.24 13.79 -14.13
N HIS E 170 -7.28 13.04 -14.66
CA HIS E 170 -6.89 13.23 -16.06
C HIS E 170 -7.98 12.76 -17.01
N ILE E 171 -8.64 11.64 -16.70
CA ILE E 171 -9.73 11.19 -17.57
C ILE E 171 -10.91 12.15 -17.48
N LYS E 172 -11.18 12.70 -16.29
CA LYS E 172 -12.22 13.71 -16.16
C LYS E 172 -11.89 14.96 -16.98
N ARG E 173 -10.63 15.39 -16.94
CA ARG E 173 -10.22 16.55 -17.73
C ARG E 173 -10.35 16.28 -19.22
N GLN E 174 -9.95 15.08 -19.65
CA GLN E 174 -10.07 14.74 -21.07
C GLN E 174 -11.53 14.71 -21.51
N GLU E 175 -12.41 14.20 -20.65
CA GLU E 175 -13.84 14.25 -20.95
C GLU E 175 -14.33 15.69 -21.04
N GLN E 176 -13.91 16.54 -20.10
CA GLN E 176 -14.33 17.94 -20.09
C GLN E 176 -13.58 18.75 -21.14
N GLY E 177 -12.31 18.44 -21.38
CA GLY E 177 -11.51 19.21 -22.31
C GLY E 177 -11.22 20.63 -21.85
N GLU E 178 -10.91 20.81 -20.57
CA GLU E 178 -10.65 22.13 -20.00
C GLU E 178 -9.28 22.14 -19.35
N GLY E 179 -8.71 23.34 -19.24
CA GLY E 179 -7.38 23.49 -18.69
C GLY E 179 -6.34 22.85 -19.60
N GLU E 180 -5.30 22.29 -18.98
CA GLU E 180 -4.28 21.57 -19.74
C GLU E 180 -4.83 20.23 -20.18
N THR E 181 -4.70 19.93 -21.46
CA THR E 181 -5.18 18.68 -22.04
C THR E 181 -3.98 17.88 -22.53
N PHE E 182 -3.82 16.67 -21.99
CA PHE E 182 -2.74 15.77 -22.36
C PHE E 182 -3.33 14.61 -23.15
N ASP E 183 -2.95 14.51 -24.43
CA ASP E 183 -3.54 13.49 -25.28
C ASP E 183 -3.04 12.10 -24.93
N THR E 184 -1.84 11.99 -24.37
CA THR E 184 -1.29 10.70 -23.96
C THR E 184 -0.53 10.87 -22.65
N VAL E 185 -0.54 9.83 -21.83
CA VAL E 185 0.12 9.84 -20.53
C VAL E 185 0.99 8.60 -20.43
N ILE E 186 2.29 8.80 -20.21
CA ILE E 186 3.25 7.72 -20.08
C ILE E 186 3.64 7.59 -18.61
N PHE E 187 3.51 6.38 -18.07
CA PHE E 187 3.76 6.14 -16.66
C PHE E 187 5.14 5.52 -16.47
N ASP E 188 5.96 6.15 -15.64
CA ASP E 188 7.22 5.56 -15.17
C ASP E 188 6.89 4.84 -13.87
N THR E 189 6.54 3.57 -13.97
CA THR E 189 5.95 2.88 -12.85
C THR E 189 7.01 2.41 -11.85
N ALA E 190 6.54 1.86 -10.75
CA ALA E 190 7.39 1.28 -9.72
C ALA E 190 7.84 -0.10 -10.18
N PRO E 191 8.69 -0.79 -9.40
CA PRO E 191 9.05 -2.17 -9.75
C PRO E 191 7.87 -3.12 -9.79
N THR E 192 8.14 -4.39 -10.12
CA THR E 192 7.10 -5.31 -10.58
C THR E 192 5.93 -5.40 -9.60
N GLY E 193 6.20 -5.69 -8.33
CA GLY E 193 5.11 -5.94 -7.40
C GLY E 193 4.20 -4.74 -7.20
N HIS E 194 4.79 -3.56 -7.04
CA HIS E 194 4.00 -2.38 -6.72
C HIS E 194 3.27 -1.84 -7.93
N THR E 195 3.86 -1.91 -9.12
CA THR E 195 3.11 -1.56 -10.31
C THR E 195 2.00 -2.56 -10.59
N LEU E 196 2.21 -3.84 -10.24
CA LEU E 196 1.13 -4.82 -10.33
C LEU E 196 -0.02 -4.46 -9.40
N ARG E 197 0.31 -4.06 -8.17
CA ARG E 197 -0.73 -3.62 -7.23
C ARG E 197 -1.46 -2.40 -7.76
N PHE E 198 -0.73 -1.46 -8.35
CA PHE E 198 -1.36 -0.26 -8.92
C PHE E 198 -2.34 -0.67 -10.02
N LEU E 199 -1.91 -1.53 -10.94
CA LEU E 199 -2.78 -1.91 -12.05
C LEU E 199 -3.95 -2.78 -11.61
N GLN E 200 -3.79 -3.52 -10.51
CA GLN E 200 -4.87 -4.35 -9.99
C GLN E 200 -5.83 -3.55 -9.11
N LEU E 201 -5.41 -2.35 -8.68
CA LEU E 201 -6.29 -1.49 -7.88
C LEU E 201 -7.65 -1.20 -8.50
N PRO E 202 -7.79 -0.92 -9.81
CA PRO E 202 -9.14 -0.68 -10.35
C PRO E 202 -10.10 -1.82 -10.12
N ASN E 203 -9.66 -3.07 -10.25
CA ASN E 203 -10.54 -4.21 -10.02
C ASN E 203 -10.98 -4.28 -8.57
N THR E 204 -10.06 -4.08 -7.64
CA THR E 204 -10.40 -4.08 -6.22
C THR E 204 -11.38 -2.96 -5.89
N LEU E 205 -11.14 -1.77 -6.45
CA LEU E 205 -12.04 -0.64 -6.19
C LEU E 205 -13.42 -0.90 -6.75
N SER E 206 -13.50 -1.49 -7.95
CA SER E 206 -14.80 -1.82 -8.53
C SER E 206 -15.54 -2.84 -7.68
N LYS E 207 -14.83 -3.88 -7.22
CA LYS E 207 -15.47 -4.89 -6.39
C LYS E 207 -15.95 -4.31 -5.06
N LEU E 208 -15.13 -3.46 -4.43
CA LEU E 208 -15.53 -2.83 -3.19
C LEU E 208 -16.71 -1.89 -3.39
N LEU E 209 -16.73 -1.16 -4.49
CA LEU E 209 -17.86 -0.29 -4.80
C LEU E 209 -19.14 -1.09 -5.01
N GLU E 210 -19.03 -2.23 -5.71
CA GLU E 210 -20.19 -3.09 -5.90
C GLU E 210 -20.70 -3.62 -4.57
N LYS E 211 -19.79 -4.06 -3.69
CA LYS E 211 -20.21 -4.55 -2.39
C LYS E 211 -20.86 -3.46 -1.56
N PHE E 212 -20.30 -2.25 -1.58
CA PHE E 212 -20.88 -1.15 -0.84
C PHE E 212 -22.27 -0.78 -1.38
N GLY E 213 -22.43 -0.79 -2.70
CA GLY E 213 -23.73 -0.52 -3.28
C GLY E 213 -24.75 -1.59 -2.92
N GLU E 214 -24.33 -2.86 -2.91
CA GLU E 214 -25.23 -3.93 -2.50
C GLU E 214 -25.65 -3.78 -1.04
N ILE E 215 -24.70 -3.43 -0.17
CA ILE E 215 -25.02 -3.22 1.24
C ILE E 215 -25.97 -2.04 1.40
N THR E 216 -25.73 -0.96 0.65
CA THR E 216 -26.61 0.21 0.73
C THR E 216 -28.02 -0.14 0.25
N ASN E 217 -28.14 -0.91 -0.83
CA ASN E 217 -29.45 -1.33 -1.30
C ASN E 217 -30.15 -2.21 -0.29
N LYS E 218 -29.40 -3.10 0.38
CA LYS E 218 -29.99 -3.95 1.40
C LYS E 218 -30.47 -3.13 2.60
N LEU E 219 -29.71 -2.12 3.00
CA LEU E 219 -30.00 -1.35 4.20
C LEU E 219 -30.79 -0.07 3.92
N GLY E 220 -31.23 0.13 2.67
CA GLY E 220 -32.02 1.28 2.30
C GLY E 220 -33.08 1.72 3.30
N PRO E 221 -34.07 0.86 3.56
CA PRO E 221 -35.04 1.20 4.61
C PRO E 221 -34.41 1.41 5.97
N MET E 222 -33.40 0.62 6.32
CA MET E 222 -32.78 0.75 7.64
C MET E 222 -31.99 2.05 7.74
N LEU E 223 -31.24 2.41 6.70
CA LEU E 223 -30.50 3.67 6.74
C LEU E 223 -31.44 4.87 6.69
N ASN E 224 -32.56 4.75 5.96
CA ASN E 224 -33.55 5.82 5.95
C ASN E 224 -34.17 6.02 7.33
N SER E 225 -34.47 4.92 8.01
CA SER E 225 -35.05 5.01 9.35
C SER E 225 -34.03 5.45 10.39
N PHE E 226 -32.74 5.20 10.15
CA PHE E 226 -31.70 5.53 11.12
C PHE E 226 -31.16 6.95 10.92
N MET E 227 -30.78 7.30 9.70
CA MET E 227 -30.22 8.61 9.42
C MET E 227 -31.31 9.68 9.45
N GLY E 228 -30.88 10.93 9.49
CA GLY E 228 -31.79 12.07 9.58
C GLY E 228 -32.42 12.41 8.24
N ALA E 229 -32.62 13.72 8.03
CA ALA E 229 -33.28 14.23 6.83
C ALA E 229 -32.29 14.60 5.73
N GLY E 230 -31.14 13.93 5.67
CA GLY E 230 -30.15 14.20 4.64
C GLY E 230 -30.68 13.96 3.24
N ASN E 231 -30.47 14.93 2.35
CA ASN E 231 -30.92 14.85 0.96
C ASN E 231 -29.78 14.49 0.01
N VAL E 232 -28.65 14.05 0.53
CA VAL E 232 -27.52 13.68 -0.31
C VAL E 232 -27.80 12.35 -0.99
N ASP E 233 -27.68 12.31 -2.31
CA ASP E 233 -27.94 11.11 -3.10
C ASP E 233 -26.71 10.21 -3.04
N ILE E 234 -26.69 9.34 -2.03
CA ILE E 234 -25.58 8.39 -1.89
C ILE E 234 -25.54 7.44 -3.08
N SER E 235 -26.71 6.95 -3.51
CA SER E 235 -26.75 6.03 -4.64
C SER E 235 -26.26 6.69 -5.92
N GLY E 236 -26.64 7.95 -6.15
CA GLY E 236 -26.22 8.63 -7.36
C GLY E 236 -24.72 8.83 -7.43
N LYS E 237 -24.12 9.30 -6.33
CA LYS E 237 -22.67 9.49 -6.30
C LYS E 237 -21.94 8.16 -6.39
N LEU E 238 -22.47 7.11 -5.74
CA LEU E 238 -21.86 5.79 -5.84
C LEU E 238 -21.89 5.29 -7.29
N ASN E 239 -23.02 5.49 -7.97
CA ASN E 239 -23.13 5.08 -9.36
C ASN E 239 -22.21 5.89 -10.27
N GLU E 240 -22.06 7.18 -10.00
CA GLU E 240 -21.12 8.00 -10.77
C GLU E 240 -19.69 7.50 -10.59
N LEU E 241 -19.30 7.20 -9.35
CA LEU E 241 -17.97 6.65 -9.11
C LEU E 241 -17.79 5.30 -9.79
N LYS E 242 -18.81 4.45 -9.74
CA LYS E 242 -18.73 3.16 -10.42
C LYS E 242 -18.57 3.34 -11.92
N ALA E 243 -19.31 4.28 -12.51
CA ALA E 243 -19.19 4.53 -13.95
C ALA E 243 -17.80 5.04 -14.31
N ASN E 244 -17.26 5.93 -13.49
CA ASN E 244 -15.90 6.43 -13.75
C ASN E 244 -14.87 5.30 -13.65
N VAL E 245 -15.00 4.44 -12.64
CA VAL E 245 -14.06 3.33 -12.50
C VAL E 245 -14.22 2.34 -13.64
N GLU E 246 -15.45 2.13 -14.10
CA GLU E 246 -15.69 1.23 -15.22
C GLU E 246 -15.08 1.79 -16.50
N THR E 247 -15.20 3.10 -16.71
CA THR E 247 -14.55 3.72 -17.87
C THR E 247 -13.03 3.58 -17.78
N ILE E 248 -12.47 3.75 -16.58
CA ILE E 248 -11.04 3.58 -16.40
C ILE E 248 -10.63 2.15 -16.74
N ARG E 249 -11.39 1.16 -16.27
CA ARG E 249 -11.09 -0.23 -16.57
C ARG E 249 -11.20 -0.52 -18.06
N GLN E 250 -12.24 0.02 -18.70
CA GLN E 250 -12.42 -0.19 -20.14
C GLN E 250 -11.26 0.39 -20.93
N GLN E 251 -10.75 1.55 -20.51
CA GLN E 251 -9.59 2.12 -21.19
C GLN E 251 -8.32 1.34 -20.87
N PHE E 252 -8.23 0.77 -19.67
CA PHE E 252 -7.04 0.04 -19.26
C PHE E 252 -6.98 -1.38 -19.80
N THR E 253 -8.08 -1.90 -20.34
CA THR E 253 -8.07 -3.22 -20.97
C THR E 253 -8.32 -3.14 -22.47
N ASP E 254 -8.06 -2.00 -23.11
CA ASP E 254 -8.24 -1.85 -24.54
C ASP E 254 -6.90 -1.89 -25.24
N PRO E 255 -6.64 -2.88 -26.10
CA PRO E 255 -5.32 -2.96 -26.76
C PRO E 255 -4.99 -1.75 -27.62
N ASP E 256 -5.98 -1.05 -28.14
CA ASP E 256 -5.75 0.12 -28.99
C ASP E 256 -5.74 1.42 -28.20
N LEU E 257 -5.94 1.38 -26.89
CA LEU E 257 -5.94 2.58 -26.06
C LEU E 257 -4.85 2.59 -25.01
N THR E 258 -4.47 1.44 -24.46
CA THR E 258 -3.42 1.35 -23.47
C THR E 258 -2.48 0.21 -23.82
N THR E 259 -1.27 0.28 -23.28
CA THR E 259 -0.26 -0.74 -23.52
C THR E 259 0.73 -0.74 -22.37
N PHE E 260 1.48 -1.84 -22.27
CA PHE E 260 2.52 -1.98 -21.26
C PHE E 260 3.81 -2.33 -21.96
N VAL E 261 4.89 -1.62 -21.61
CA VAL E 261 6.22 -1.88 -22.14
C VAL E 261 7.08 -2.40 -21.00
N CYS E 262 7.58 -3.62 -21.15
CA CYS E 262 8.32 -4.30 -20.09
C CYS E 262 9.81 -4.16 -20.37
N VAL E 263 10.48 -3.29 -19.63
CA VAL E 263 11.91 -3.13 -19.73
C VAL E 263 12.58 -4.17 -18.83
N CYS E 264 13.71 -4.69 -19.29
CA CYS E 264 14.43 -5.72 -18.54
C CYS E 264 15.87 -5.76 -19.00
N ILE E 265 16.71 -6.39 -18.19
CA ILE E 265 18.08 -6.72 -18.58
C ILE E 265 18.15 -8.24 -18.72
N SER E 266 19.06 -8.69 -19.57
CA SER E 266 19.17 -10.12 -19.86
C SER E 266 19.94 -10.80 -18.75
N GLU E 267 19.23 -11.18 -17.69
CA GLU E 267 19.80 -11.92 -16.57
C GLU E 267 18.69 -12.79 -15.99
N PHE E 268 19.10 -13.81 -15.23
CA PHE E 268 18.14 -14.79 -14.73
C PHE E 268 17.04 -14.12 -13.89
N LEU E 269 17.45 -13.35 -12.89
CA LEU E 269 16.48 -12.71 -12.01
C LEU E 269 15.58 -11.77 -12.80
N SER E 270 16.16 -10.93 -13.64
CA SER E 270 15.38 -9.96 -14.40
C SER E 270 14.49 -10.64 -15.44
N LEU E 271 15.01 -11.65 -16.14
CA LEU E 271 14.22 -12.34 -17.15
C LEU E 271 13.01 -13.02 -16.52
N TYR E 272 13.21 -13.72 -15.41
CA TYR E 272 12.08 -14.44 -14.83
C TYR E 272 11.13 -13.52 -14.07
N GLU E 273 11.64 -12.41 -13.53
CA GLU E 273 10.76 -11.39 -12.98
C GLU E 273 9.89 -10.78 -14.07
N THR E 274 10.47 -10.54 -15.25
CA THR E 274 9.70 -10.05 -16.38
C THR E 274 8.66 -11.07 -16.82
N GLU E 275 9.02 -12.36 -16.80
CA GLU E 275 8.06 -13.40 -17.16
C GLU E 275 6.88 -13.41 -16.19
N ARG E 276 7.17 -13.33 -14.88
CA ARG E 276 6.09 -13.30 -13.89
C ARG E 276 5.23 -12.05 -14.05
N LEU E 277 5.87 -10.90 -14.31
CA LEU E 277 5.12 -9.66 -14.49
C LEU E 277 4.22 -9.72 -15.72
N ILE E 278 4.73 -10.29 -16.82
CA ILE E 278 3.93 -10.41 -18.04
C ILE E 278 2.76 -11.37 -17.80
N GLN E 279 3.00 -12.46 -17.06
CA GLN E 279 1.90 -13.36 -16.73
C GLN E 279 0.83 -12.65 -15.92
N GLU E 280 1.25 -11.84 -14.94
CA GLU E 280 0.27 -11.12 -14.13
C GLU E 280 -0.49 -10.10 -14.95
N LEU E 281 0.19 -9.40 -15.88
CA LEU E 281 -0.50 -8.45 -16.74
C LEU E 281 -1.52 -9.15 -17.62
N ILE E 282 -1.15 -10.30 -18.19
CA ILE E 282 -2.08 -11.06 -19.01
C ILE E 282 -3.27 -11.51 -18.18
N SER E 283 -3.03 -11.84 -16.91
CA SER E 283 -4.13 -12.18 -16.01
C SER E 283 -5.10 -11.01 -15.87
N TYR E 284 -4.59 -9.78 -15.73
CA TYR E 284 -5.43 -8.60 -15.66
C TYR E 284 -6.05 -8.23 -17.00
N ASP E 285 -5.64 -8.90 -18.08
CA ASP E 285 -6.08 -8.57 -19.44
C ASP E 285 -5.69 -7.14 -19.77
N MET E 286 -4.37 -6.89 -19.79
CA MET E 286 -3.80 -5.62 -20.21
C MET E 286 -2.82 -5.91 -21.33
N ASP E 287 -2.93 -5.16 -22.42
CA ASP E 287 -2.16 -5.46 -23.62
C ASP E 287 -0.69 -5.12 -23.41
N VAL E 288 0.15 -6.15 -23.29
CA VAL E 288 1.59 -5.99 -23.22
C VAL E 288 2.20 -6.77 -24.39
N ASN E 289 2.85 -6.06 -25.30
CA ASN E 289 3.48 -6.71 -26.44
C ASN E 289 4.83 -6.10 -26.80
N SER E 290 5.44 -5.32 -25.91
CA SER E 290 6.76 -4.74 -26.16
C SER E 290 7.67 -5.03 -24.98
N ILE E 291 8.91 -5.42 -25.27
CA ILE E 291 9.92 -5.69 -24.26
C ILE E 291 11.17 -4.94 -24.66
N ILE E 292 11.81 -4.28 -23.69
CA ILE E 292 13.02 -3.52 -23.93
C ILE E 292 14.14 -4.20 -23.16
N VAL E 293 14.98 -4.96 -23.85
CA VAL E 293 16.15 -5.56 -23.24
C VAL E 293 17.23 -4.49 -23.14
N ASN E 294 17.57 -4.10 -21.91
CA ASN E 294 18.39 -2.94 -21.67
C ASN E 294 19.78 -3.33 -21.16
N GLN E 295 20.72 -2.40 -21.31
CA GLN E 295 22.09 -2.55 -20.81
C GLN E 295 22.77 -3.79 -21.39
N LEU E 296 22.81 -3.83 -22.73
CA LEU E 296 23.48 -4.90 -23.45
C LEU E 296 24.88 -4.47 -23.83
N LEU E 297 25.86 -5.33 -23.59
CA LEU E 297 27.25 -4.97 -23.83
C LEU E 297 27.55 -4.90 -25.32
N PHE E 298 27.04 -5.86 -26.11
CA PHE E 298 27.36 -5.98 -27.53
C PHE E 298 28.87 -6.06 -27.74
N ALA E 299 29.51 -6.92 -26.97
CA ALA E 299 30.97 -7.00 -26.92
C ALA E 299 31.58 -7.84 -28.01
N GLU E 300 30.78 -8.36 -28.95
CA GLU E 300 31.31 -9.10 -30.08
C GLU E 300 31.53 -8.22 -31.30
N ASN E 301 30.47 -7.54 -31.76
CA ASN E 301 30.54 -6.67 -32.94
C ASN E 301 30.80 -5.22 -32.54
N ASP E 302 31.86 -4.99 -31.77
CA ASP E 302 32.30 -3.65 -31.42
C ASP E 302 33.81 -3.54 -31.69
N GLN E 303 34.40 -2.42 -31.27
CA GLN E 303 35.77 -2.13 -31.67
C GLN E 303 36.81 -2.91 -30.86
N GLU E 304 36.92 -2.61 -29.57
CA GLU E 304 37.92 -3.26 -28.72
C GLU E 304 37.27 -3.63 -27.40
N HIS E 305 36.16 -4.37 -27.46
CA HIS E 305 35.49 -4.85 -26.26
C HIS E 305 36.05 -6.21 -25.86
N ASN E 306 37.36 -6.24 -25.69
CA ASN E 306 38.09 -7.46 -25.38
C ASN E 306 38.43 -7.59 -23.89
N CYS E 307 37.81 -6.70 -23.09
CA CYS E 307 37.98 -6.75 -21.63
C CYS E 307 37.43 -8.11 -21.18
N LYS E 308 38.23 -8.90 -20.47
CA LYS E 308 37.78 -10.26 -20.11
C LYS E 308 36.36 -10.19 -19.51
N ARG E 309 36.11 -9.22 -18.62
CA ARG E 309 34.78 -9.19 -17.95
C ARG E 309 33.72 -8.78 -18.96
N CYS E 310 33.94 -7.66 -19.63
CA CYS E 310 32.91 -7.14 -20.56
C CYS E 310 32.65 -8.18 -21.63
N GLN E 311 33.36 -9.30 -21.59
CA GLN E 311 33.06 -10.35 -22.55
C GLN E 311 32.34 -11.54 -21.93
N ALA E 312 32.72 -11.95 -20.70
CA ALA E 312 31.95 -12.98 -20.02
C ALA E 312 30.54 -12.51 -19.71
N ARG E 313 30.41 -11.24 -19.29
CA ARG E 313 29.08 -10.68 -19.09
C ARG E 313 28.28 -10.69 -20.38
N TRP E 314 28.93 -10.41 -21.51
CA TRP E 314 28.20 -10.47 -22.78
C TRP E 314 27.83 -11.90 -23.15
N LYS E 315 28.65 -12.88 -22.81
CA LYS E 315 28.27 -14.27 -23.06
C LYS E 315 27.01 -14.63 -22.30
N MET E 316 26.95 -14.27 -21.01
CA MET E 316 25.75 -14.50 -20.22
C MET E 316 24.55 -13.74 -20.81
N GLN E 317 24.77 -12.49 -21.20
CA GLN E 317 23.70 -11.68 -21.73
C GLN E 317 23.18 -12.24 -23.05
N LYS E 318 24.05 -12.79 -23.88
CA LYS E 318 23.63 -13.38 -25.14
C LYS E 318 22.86 -14.68 -24.90
N LYS E 319 23.28 -15.47 -23.91
CA LYS E 319 22.50 -16.66 -23.56
C LYS E 319 21.08 -16.29 -23.15
N TYR E 320 20.95 -15.30 -22.26
CA TYR E 320 19.61 -14.91 -21.84
C TYR E 320 18.85 -14.16 -22.93
N LEU E 321 19.55 -13.53 -23.87
CA LEU E 321 18.89 -12.95 -25.03
C LEU E 321 18.29 -14.03 -25.92
N ASP E 322 19.03 -15.12 -26.12
CA ASP E 322 18.48 -16.25 -26.87
C ASP E 322 17.26 -16.83 -26.16
N GLN E 323 17.33 -16.95 -24.83
CA GLN E 323 16.16 -17.42 -24.09
C GLN E 323 14.98 -16.48 -24.26
N ILE E 324 15.21 -15.17 -24.18
CA ILE E 324 14.14 -14.20 -24.33
C ILE E 324 13.52 -14.27 -25.73
N ASP E 325 14.36 -14.39 -26.76
CA ASP E 325 13.86 -14.49 -28.12
C ASP E 325 13.08 -15.78 -28.33
N GLU E 326 13.46 -16.86 -27.64
CA GLU E 326 12.68 -18.09 -27.73
C GLU E 326 11.33 -17.95 -27.04
N LEU E 327 11.30 -17.29 -25.87
CA LEU E 327 10.05 -17.17 -25.12
C LEU E 327 9.06 -16.26 -25.83
N TYR E 328 9.44 -15.01 -26.05
CA TYR E 328 8.53 -14.01 -26.62
C TYR E 328 8.86 -13.84 -28.10
N GLU E 329 8.30 -14.73 -28.92
CA GLU E 329 8.48 -14.64 -30.36
C GLU E 329 7.58 -13.61 -31.01
N ASP E 330 6.48 -13.24 -30.35
CA ASP E 330 5.51 -12.29 -30.91
C ASP E 330 5.60 -10.91 -30.28
N PHE E 331 6.64 -10.64 -29.52
CA PHE E 331 6.82 -9.35 -28.86
C PHE E 331 7.78 -8.47 -29.66
N HIS E 332 7.64 -7.16 -29.46
CA HIS E 332 8.60 -6.19 -29.97
C HIS E 332 9.79 -6.14 -29.00
N VAL E 333 10.79 -6.97 -29.30
CA VAL E 333 11.96 -7.05 -28.43
C VAL E 333 13.00 -6.05 -28.94
N VAL E 334 13.15 -4.94 -28.23
CA VAL E 334 14.06 -3.88 -28.60
C VAL E 334 15.33 -4.03 -27.78
N LYS E 335 16.47 -4.21 -28.45
CA LYS E 335 17.74 -4.39 -27.79
C LYS E 335 18.44 -3.04 -27.67
N MET E 336 18.76 -2.65 -26.44
CA MET E 336 19.38 -1.38 -26.16
C MET E 336 20.79 -1.57 -25.61
N PRO E 337 21.72 -0.68 -25.93
CA PRO E 337 23.11 -0.86 -25.52
C PRO E 337 23.37 -0.27 -24.13
N LEU E 338 24.56 -0.58 -23.62
CA LEU E 338 25.06 0.00 -22.38
C LEU E 338 26.04 1.09 -22.78
N CYS E 339 25.73 2.33 -22.42
CA CYS E 339 26.51 3.46 -22.87
C CYS E 339 27.70 3.69 -21.93
N ALA E 340 28.56 4.63 -22.31
CA ALA E 340 29.77 4.93 -21.55
C ALA E 340 29.51 5.84 -20.36
N GLY E 341 28.26 5.98 -19.95
CA GLY E 341 27.93 6.79 -18.80
C GLY E 341 26.44 6.71 -18.54
N GLU E 342 26.01 7.44 -17.52
CA GLU E 342 24.59 7.52 -17.20
C GLU E 342 23.85 8.29 -18.28
N ILE E 343 22.59 7.91 -18.51
CA ILE E 343 21.75 8.57 -19.50
C ILE E 343 20.94 9.62 -18.73
N ARG E 344 21.43 10.85 -18.73
CA ARG E 344 20.76 11.95 -18.05
C ARG E 344 20.79 13.19 -18.94
N GLY E 345 19.74 13.99 -18.85
CA GLY E 345 19.65 15.19 -19.66
C GLY E 345 18.83 14.97 -20.91
N LEU E 346 18.21 16.04 -21.39
CA LEU E 346 17.31 15.93 -22.53
C LEU E 346 18.04 15.52 -23.80
N ASN E 347 19.23 16.09 -24.04
CA ASN E 347 19.98 15.75 -25.24
C ASN E 347 20.45 14.29 -25.20
N ASN E 348 20.99 13.87 -24.05
CA ASN E 348 21.44 12.49 -23.91
C ASN E 348 20.28 11.51 -23.99
N LEU E 349 19.15 11.86 -23.36
CA LEU E 349 17.98 10.99 -23.41
C LEU E 349 17.45 10.88 -24.84
N THR E 350 17.45 11.99 -25.58
CA THR E 350 17.02 11.94 -26.98
C THR E 350 17.96 11.08 -27.82
N LYS E 351 19.27 11.23 -27.62
CA LYS E 351 20.23 10.43 -28.38
C LYS E 351 20.09 8.95 -28.07
N PHE E 352 19.82 8.60 -26.80
CA PHE E 352 19.59 7.21 -26.45
C PHE E 352 18.24 6.71 -26.96
N SER E 353 17.23 7.59 -26.99
CA SER E 353 15.89 7.21 -27.43
C SER E 353 15.82 7.01 -28.93
N GLN E 354 16.72 7.62 -29.69
CA GLN E 354 16.70 7.45 -31.14
C GLN E 354 16.72 5.99 -31.56
N PHE E 355 17.10 5.08 -30.66
CA PHE E 355 17.12 3.65 -30.93
C PHE E 355 15.80 2.95 -30.64
N LEU E 356 14.81 3.66 -30.09
CA LEU E 356 13.48 3.09 -29.99
C LEU E 356 12.76 3.13 -31.33
N ASN E 357 12.98 4.19 -32.11
CA ASN E 357 12.35 4.29 -33.43
C ASN E 357 13.00 3.33 -34.42
N LYS E 358 14.32 3.26 -34.43
CA LYS E 358 15.06 2.40 -35.32
C LYS E 358 15.94 1.45 -34.51
N GLU E 359 15.97 0.19 -34.91
CA GLU E 359 16.70 -0.82 -34.14
C GLU E 359 18.18 -0.47 -34.07
N TYR E 360 18.77 -0.71 -32.90
CA TYR E 360 20.18 -0.39 -32.68
C TYR E 360 21.07 -1.39 -33.42
N ASN E 361 21.91 -0.88 -34.31
CA ASN E 361 22.83 -1.73 -35.05
C ASN E 361 24.23 -1.54 -34.49
N PRO E 362 24.75 -2.47 -33.70
CA PRO E 362 26.06 -2.25 -33.08
C PRO E 362 27.20 -2.15 -34.07
N ILE E 363 27.03 -2.67 -35.30
CA ILE E 363 28.09 -2.58 -36.30
C ILE E 363 28.26 -1.14 -36.77
N THR E 364 27.15 -0.45 -37.04
CA THR E 364 27.18 0.91 -37.56
C THR E 364 26.97 1.97 -36.48
N ASP E 365 25.98 1.78 -35.62
CA ASP E 365 25.68 2.75 -34.55
C ASP E 365 26.52 2.48 -33.30
N GLY E 366 27.83 2.35 -33.47
CA GLY E 366 28.70 2.06 -32.35
C GLY E 366 29.31 3.26 -31.68
N LYS E 367 29.23 4.43 -32.31
CA LYS E 367 29.81 5.65 -31.75
C LYS E 367 28.84 6.41 -30.85
N VAL E 368 27.58 6.00 -30.80
CA VAL E 368 26.60 6.70 -29.97
C VAL E 368 26.89 6.45 -28.49
N ILE E 369 27.24 5.22 -28.13
CA ILE E 369 27.47 4.90 -26.72
C ILE E 369 28.73 5.57 -26.18
N TYR E 370 29.63 6.03 -27.06
CA TYR E 370 30.82 6.74 -26.61
C TYR E 370 30.69 8.26 -26.71
N GLU E 371 29.78 8.75 -27.54
CA GLU E 371 29.43 10.16 -27.57
C GLU E 371 28.37 10.51 -26.54
N LEU E 372 28.22 9.68 -25.51
CA LEU E 372 27.12 9.76 -24.57
C LEU E 372 27.63 9.64 -23.14
N GLU E 373 28.83 10.16 -22.89
CA GLU E 373 29.43 10.10 -21.56
C GLU E 373 29.50 11.49 -20.92
N ALA F 11 5.24 -20.45 -32.83
CA ALA F 11 5.70 -20.89 -31.51
C ALA F 11 5.61 -22.41 -31.39
N LYS F 12 6.74 -23.04 -31.10
CA LYS F 12 6.80 -24.50 -30.95
C LYS F 12 7.33 -24.95 -29.60
N LEU F 13 8.08 -24.12 -28.89
CA LEU F 13 8.68 -24.48 -27.60
C LEU F 13 9.57 -25.71 -27.73
N ALA F 14 10.27 -25.84 -28.85
CA ALA F 14 11.20 -26.95 -29.02
C ALA F 14 12.45 -26.75 -28.16
N LYS F 15 13.14 -25.64 -28.36
CA LYS F 15 14.33 -25.33 -27.59
C LYS F 15 14.03 -25.08 -26.12
N THR F 16 12.86 -24.53 -25.78
CA THR F 16 12.53 -24.36 -24.37
C THR F 16 12.37 -25.70 -23.66
N LEU F 17 11.69 -26.65 -24.29
CA LEU F 17 11.57 -27.99 -23.72
C LEU F 17 12.91 -28.70 -23.66
N GLN F 18 13.74 -28.53 -24.70
CA GLN F 18 15.08 -29.11 -24.67
C GLN F 18 15.90 -28.55 -23.52
N ARG F 19 15.81 -27.23 -23.30
CA ARG F 19 16.52 -26.62 -22.18
C ARG F 19 15.99 -27.12 -20.84
N PHE F 20 14.67 -27.29 -20.73
CA PHE F 20 14.12 -27.84 -19.49
C PHE F 20 14.65 -29.24 -19.21
N GLU F 21 14.69 -30.09 -20.24
CA GLU F 21 15.22 -31.44 -20.05
C GLU F 21 16.70 -31.41 -19.70
N ASN F 22 17.48 -30.57 -20.37
CA ASN F 22 18.91 -30.48 -20.08
C ASN F 22 19.15 -29.99 -18.66
N LYS F 23 18.38 -29.01 -18.21
CA LYS F 23 18.56 -28.49 -16.85
C LYS F 23 18.15 -29.53 -15.82
N ILE F 24 17.07 -30.27 -16.07
CA ILE F 24 16.63 -31.26 -15.09
C ILE F 24 17.61 -32.44 -15.05
N LYS F 25 18.26 -32.76 -16.17
CA LYS F 25 19.23 -33.85 -16.18
C LYS F 25 20.56 -33.41 -15.55
N ALA F 26 20.98 -32.17 -15.79
CA ALA F 26 22.28 -31.72 -15.31
C ALA F 26 22.31 -31.66 -13.78
N GLY F 27 21.26 -31.14 -13.17
CA GLY F 27 21.22 -31.02 -11.72
C GLY F 27 20.65 -29.70 -11.24
N ASP F 28 20.70 -28.68 -12.09
CA ASP F 28 20.11 -27.39 -11.74
C ASP F 28 18.59 -27.48 -11.78
N TYR F 29 17.99 -27.79 -10.64
CA TYR F 29 16.56 -28.09 -10.61
C TYR F 29 15.69 -26.83 -10.58
N TYR F 30 16.20 -25.71 -10.05
CA TYR F 30 15.36 -24.52 -9.96
C TYR F 30 15.20 -23.86 -11.33
N GLU F 31 16.28 -23.82 -12.12
CA GLU F 31 16.15 -23.31 -13.48
C GLU F 31 15.23 -24.19 -14.31
N ALA F 32 15.29 -25.51 -14.09
CA ALA F 32 14.38 -26.42 -14.77
C ALA F 32 12.93 -26.18 -14.34
N HIS F 33 12.72 -25.92 -13.04
CA HIS F 33 11.38 -25.63 -12.55
C HIS F 33 10.83 -24.35 -13.17
N GLN F 34 11.67 -23.32 -13.27
CA GLN F 34 11.24 -22.06 -13.88
C GLN F 34 10.96 -22.23 -15.37
N THR F 35 11.81 -22.98 -16.07
CA THR F 35 11.56 -23.25 -17.49
C THR F 35 10.27 -24.03 -17.68
N LEU F 36 10.01 -25.01 -16.81
CA LEU F 36 8.77 -25.77 -16.87
C LEU F 36 7.57 -24.88 -16.63
N ARG F 37 7.67 -23.95 -15.67
CA ARG F 37 6.59 -23.01 -15.45
C ARG F 37 6.37 -22.13 -16.68
N THR F 38 7.45 -21.73 -17.35
CA THR F 38 7.31 -20.95 -18.57
C THR F 38 6.59 -21.72 -19.66
N ILE F 39 7.00 -22.98 -19.87
CA ILE F 39 6.36 -23.81 -20.90
C ILE F 39 4.90 -24.03 -20.57
N ALA F 40 4.58 -24.27 -19.30
CA ALA F 40 3.20 -24.46 -18.90
C ALA F 40 2.38 -23.18 -19.08
N ASN F 41 2.99 -22.02 -18.82
CA ASN F 41 2.31 -20.76 -19.08
C ASN F 41 1.96 -20.62 -20.56
N ARG F 42 2.92 -20.94 -21.44
CA ARG F 42 2.65 -20.85 -22.87
C ARG F 42 1.58 -21.86 -23.29
N TYR F 43 1.59 -23.06 -22.68
CA TYR F 43 0.59 -24.07 -23.01
C TYR F 43 -0.80 -23.63 -22.59
N VAL F 44 -0.93 -23.16 -21.35
CA VAL F 44 -2.24 -22.73 -20.85
C VAL F 44 -2.74 -21.51 -21.62
N ARG F 45 -1.83 -20.61 -22.00
CA ARG F 45 -2.22 -19.44 -22.79
C ARG F 45 -2.81 -19.86 -24.13
N SER F 46 -2.22 -20.87 -24.78
CA SER F 46 -2.70 -21.37 -26.05
C SER F 46 -3.89 -22.30 -25.93
N LYS F 47 -4.54 -22.34 -24.76
CA LYS F 47 -5.73 -23.16 -24.53
C LYS F 47 -5.47 -24.64 -24.79
N SER F 48 -4.25 -25.10 -24.50
CA SER F 48 -3.88 -26.50 -24.64
C SER F 48 -3.68 -27.05 -23.23
N TYR F 49 -4.78 -27.53 -22.63
CA TYR F 49 -4.75 -27.91 -21.22
C TYR F 49 -4.24 -29.32 -21.02
N GLU F 50 -4.40 -30.22 -22.00
CA GLU F 50 -3.91 -31.58 -21.83
C GLU F 50 -2.39 -31.61 -21.75
N HIS F 51 -1.71 -30.96 -22.71
CA HIS F 51 -0.26 -30.93 -22.69
C HIS F 51 0.27 -30.29 -21.42
N ALA F 52 -0.34 -29.19 -21.01
CA ALA F 52 0.07 -28.54 -19.77
C ALA F 52 -0.14 -29.45 -18.57
N ILE F 53 -1.27 -30.19 -18.55
CA ILE F 53 -1.57 -31.04 -17.39
C ILE F 53 -0.53 -32.14 -17.27
N GLU F 54 -0.26 -32.87 -18.36
CA GLU F 54 0.75 -33.92 -18.27
C GLU F 54 2.14 -33.35 -18.00
N LEU F 55 2.48 -32.22 -18.61
CA LEU F 55 3.80 -31.64 -18.39
C LEU F 55 4.00 -31.25 -16.94
N ILE F 56 3.03 -30.54 -16.36
CA ILE F 56 3.12 -30.11 -14.98
C ILE F 56 3.14 -31.30 -14.03
N SER F 57 2.28 -32.30 -14.28
CA SER F 57 2.24 -33.45 -13.40
C SER F 57 3.56 -34.21 -13.41
N GLN F 58 4.12 -34.43 -14.61
CA GLN F 58 5.38 -35.15 -14.70
C GLN F 58 6.52 -34.35 -14.06
N GLY F 59 6.55 -33.04 -14.26
CA GLY F 59 7.58 -32.23 -13.64
C GLY F 59 7.47 -32.20 -12.13
N ALA F 60 6.25 -32.10 -11.61
CA ALA F 60 6.05 -32.13 -10.16
C ALA F 60 6.48 -33.47 -9.59
N LEU F 61 6.16 -34.57 -10.28
CA LEU F 61 6.61 -35.87 -9.81
C LEU F 61 8.12 -35.97 -9.82
N SER F 62 8.76 -35.46 -10.86
CA SER F 62 10.22 -35.50 -10.94
C SER F 62 10.87 -34.69 -9.83
N PHE F 63 10.30 -33.52 -9.52
CA PHE F 63 10.87 -32.68 -8.46
C PHE F 63 10.59 -33.25 -7.08
N LEU F 64 9.46 -33.93 -6.90
CA LEU F 64 9.19 -34.57 -5.61
C LEU F 64 10.07 -35.80 -5.41
N LYS F 65 10.38 -36.52 -6.49
CA LYS F 65 11.30 -37.65 -6.38
C LYS F 65 12.71 -37.20 -6.01
N ALA F 66 13.09 -35.99 -6.38
CA ALA F 66 14.40 -35.43 -6.08
C ALA F 66 14.48 -34.82 -4.69
N LYS F 67 13.51 -35.11 -3.82
CA LYS F 67 13.49 -34.62 -2.44
C LYS F 67 13.56 -33.10 -2.38
N GLN F 68 12.76 -32.44 -3.20
CA GLN F 68 12.67 -30.98 -3.23
C GLN F 68 11.22 -30.57 -3.06
N GLY F 69 10.85 -30.21 -1.82
CA GLY F 69 9.47 -29.91 -1.51
C GLY F 69 8.96 -28.65 -2.19
N GLY F 70 9.80 -27.60 -2.27
CA GLY F 70 9.31 -26.32 -2.74
C GLY F 70 8.88 -26.34 -4.19
N SER F 71 9.75 -26.83 -5.07
CA SER F 71 9.42 -26.83 -6.50
C SER F 71 8.28 -27.79 -6.80
N GLY F 72 8.32 -28.99 -6.23
CA GLY F 72 7.25 -29.95 -6.46
C GLY F 72 5.91 -29.47 -5.95
N THR F 73 5.90 -28.86 -4.77
CA THR F 73 4.66 -28.34 -4.20
C THR F 73 4.12 -27.17 -5.02
N ASP F 74 5.00 -26.27 -5.47
CA ASP F 74 4.55 -25.17 -6.32
C ASP F 74 3.97 -25.70 -7.62
N LEU F 75 4.57 -26.75 -8.18
CA LEU F 75 4.03 -27.31 -9.41
C LEU F 75 2.73 -28.07 -9.16
N ILE F 76 2.55 -28.65 -7.97
CA ILE F 76 1.26 -29.24 -7.65
C ILE F 76 0.19 -28.16 -7.57
N PHE F 77 0.52 -27.01 -6.98
CA PHE F 77 -0.42 -25.90 -6.94
C PHE F 77 -0.74 -25.41 -8.35
N TYR F 78 0.27 -25.35 -9.22
CA TYR F 78 0.02 -25.00 -10.62
C TYR F 78 -0.88 -26.01 -11.31
N LEU F 79 -0.66 -27.30 -11.04
CA LEU F 79 -1.50 -28.33 -11.61
C LEU F 79 -2.94 -28.21 -11.15
N LEU F 80 -3.14 -27.87 -9.87
CA LEU F 80 -4.49 -27.69 -9.36
C LEU F 80 -5.14 -26.45 -9.97
N GLU F 81 -4.36 -25.40 -10.20
CA GLU F 81 -4.88 -24.22 -10.90
C GLU F 81 -5.32 -24.59 -12.31
N VAL F 82 -4.51 -25.38 -13.02
CA VAL F 82 -4.88 -25.81 -14.36
C VAL F 82 -6.10 -26.73 -14.31
N TYR F 83 -6.20 -27.55 -13.27
CA TYR F 83 -7.38 -28.40 -13.08
C TYR F 83 -8.64 -27.56 -12.96
N ASP F 84 -8.58 -26.53 -12.11
CA ASP F 84 -9.74 -25.65 -11.92
C ASP F 84 -10.08 -24.90 -13.20
N LEU F 85 -9.06 -24.40 -13.90
CA LEU F 85 -9.29 -23.55 -15.07
C LEU F 85 -9.74 -24.37 -16.27
N ALA F 86 -9.35 -25.64 -16.35
CA ALA F 86 -9.70 -26.50 -17.47
C ALA F 86 -10.96 -27.31 -17.24
N GLU F 87 -11.57 -27.20 -16.05
CA GLU F 87 -12.80 -27.92 -15.72
C GLU F 87 -12.61 -29.43 -15.86
N VAL F 88 -11.70 -29.97 -15.06
CA VAL F 88 -11.40 -31.40 -15.05
C VAL F 88 -12.28 -32.06 -14.01
N LYS F 89 -13.08 -33.04 -14.44
CA LYS F 89 -13.95 -33.75 -13.52
C LYS F 89 -13.17 -34.76 -12.70
N VAL F 90 -13.79 -35.22 -11.61
CA VAL F 90 -13.17 -36.20 -10.72
C VAL F 90 -13.40 -37.58 -11.32
N ASP F 91 -12.34 -38.16 -11.90
CA ASP F 91 -12.41 -39.49 -12.48
C ASP F 91 -11.30 -40.37 -11.91
N ASP F 92 -11.12 -41.57 -12.46
CA ASP F 92 -10.07 -42.44 -11.97
C ASP F 92 -8.68 -41.90 -12.33
N ILE F 93 -8.49 -41.52 -13.60
CA ILE F 93 -7.19 -41.02 -14.03
C ILE F 93 -6.86 -39.71 -13.36
N SER F 94 -7.82 -38.79 -13.30
CA SER F 94 -7.56 -37.47 -12.72
C SER F 94 -7.24 -37.57 -11.24
N VAL F 95 -7.93 -38.45 -10.51
CA VAL F 95 -7.64 -38.64 -9.10
C VAL F 95 -6.30 -39.33 -8.91
N ALA F 96 -5.98 -40.31 -9.76
CA ALA F 96 -4.70 -41.00 -9.65
C ALA F 96 -3.54 -40.06 -9.92
N ARG F 97 -3.74 -39.06 -10.77
CA ARG F 97 -2.69 -38.08 -11.03
C ARG F 97 -2.29 -37.36 -9.75
N LEU F 98 -3.26 -36.98 -8.92
CA LEU F 98 -2.96 -36.36 -7.63
C LEU F 98 -2.49 -37.38 -6.60
N VAL F 99 -2.98 -38.62 -6.69
CA VAL F 99 -2.61 -39.65 -5.74
C VAL F 99 -1.13 -39.97 -5.86
N ARG F 100 -0.60 -39.98 -7.08
CA ARG F 100 0.84 -40.20 -7.26
C ARG F 100 1.64 -39.11 -6.58
N LEU F 101 1.23 -37.85 -6.75
CA LEU F 101 1.94 -36.74 -6.12
C LEU F 101 1.87 -36.84 -4.60
N ILE F 102 0.71 -37.22 -4.06
CA ILE F 102 0.61 -37.42 -2.61
C ILE F 102 1.55 -38.53 -2.17
N ALA F 103 1.64 -39.60 -2.95
CA ALA F 103 2.54 -40.70 -2.60
C ALA F 103 3.99 -40.24 -2.57
N GLU F 104 4.39 -39.41 -3.52
CA GLU F 104 5.76 -38.91 -3.55
C GLU F 104 5.98 -37.71 -2.64
N LEU F 105 4.93 -37.20 -1.99
CA LEU F 105 5.08 -36.07 -1.10
C LEU F 105 5.84 -36.47 0.16
N ASP F 106 6.40 -35.47 0.83
CA ASP F 106 7.13 -35.78 2.05
C ASP F 106 6.30 -35.47 3.28
N PRO F 107 6.32 -36.35 4.28
CA PRO F 107 5.61 -36.06 5.54
C PRO F 107 6.05 -34.75 6.18
N SER F 108 7.33 -34.40 6.08
CA SER F 108 7.87 -33.20 6.69
C SER F 108 7.72 -31.98 5.80
N GLU F 109 6.80 -32.01 4.85
CA GLU F 109 6.59 -30.86 3.98
C GLU F 109 6.00 -29.71 4.78
N PRO F 110 6.63 -28.52 4.76
CA PRO F 110 6.09 -27.39 5.53
C PRO F 110 4.68 -26.99 5.13
N ASN F 111 4.33 -27.13 3.84
CA ASN F 111 3.00 -26.79 3.36
C ASN F 111 2.28 -28.03 2.85
N LEU F 112 2.42 -29.14 3.58
CA LEU F 112 1.67 -30.36 3.25
C LEU F 112 0.17 -30.14 3.43
N LYS F 113 -0.22 -29.44 4.49
CA LYS F 113 -1.63 -29.19 4.72
C LYS F 113 -2.22 -28.32 3.61
N ASP F 114 -1.44 -27.36 3.11
CA ASP F 114 -1.92 -26.48 2.06
C ASP F 114 -2.22 -27.25 0.78
N VAL F 115 -1.28 -28.10 0.35
CA VAL F 115 -1.50 -28.86 -0.88
C VAL F 115 -2.61 -29.89 -0.68
N ILE F 116 -2.70 -30.49 0.50
CA ILE F 116 -3.78 -31.43 0.78
C ILE F 116 -5.13 -30.71 0.68
N THR F 117 -5.22 -29.53 1.27
CA THR F 117 -6.46 -28.76 1.21
C THR F 117 -6.79 -28.35 -0.22
N GLY F 118 -5.77 -28.03 -1.02
CA GLY F 118 -6.03 -27.67 -2.40
C GLY F 118 -6.59 -28.82 -3.21
N MET F 119 -5.99 -30.01 -3.06
CA MET F 119 -6.51 -31.18 -3.75
C MET F 119 -7.93 -31.52 -3.28
N ASN F 120 -8.18 -31.42 -1.97
CA ASN F 120 -9.52 -31.71 -1.47
C ASN F 120 -10.54 -30.70 -1.98
N ASN F 121 -10.15 -29.42 -2.05
CA ASN F 121 -11.06 -28.40 -2.56
C ASN F 121 -11.38 -28.63 -4.03
N TRP F 122 -10.37 -29.00 -4.83
CA TRP F 122 -10.65 -29.34 -6.22
C TRP F 122 -11.60 -30.52 -6.31
N SER F 123 -11.39 -31.55 -5.48
CA SER F 123 -12.27 -32.71 -5.51
C SER F 123 -13.69 -32.32 -5.12
N ILE F 124 -13.84 -31.40 -4.17
CA ILE F 124 -15.16 -30.92 -3.77
C ILE F 124 -15.84 -30.19 -4.92
N LYS F 125 -15.10 -29.29 -5.58
CA LYS F 125 -15.71 -28.40 -6.57
C LYS F 125 -16.18 -29.15 -7.81
N PHE F 126 -15.41 -30.15 -8.25
CA PHE F 126 -15.66 -30.84 -9.51
C PHE F 126 -16.15 -32.27 -9.30
N SER F 127 -17.00 -32.48 -8.30
CA SER F 127 -17.58 -33.79 -8.07
C SER F 127 -18.88 -33.63 -7.29
N GLU F 128 -19.67 -34.70 -7.29
CA GLU F 128 -20.93 -34.69 -6.56
C GLU F 128 -20.73 -34.77 -5.05
N TYR F 129 -19.58 -35.25 -4.60
CA TYR F 129 -19.31 -35.34 -3.17
C TYR F 129 -19.22 -33.95 -2.56
N LYS F 130 -19.85 -33.79 -1.39
CA LYS F 130 -19.83 -32.50 -0.69
C LYS F 130 -18.56 -32.27 0.09
N PHE F 131 -17.70 -33.28 0.23
CA PHE F 131 -16.48 -33.14 1.00
C PHE F 131 -15.23 -33.71 0.32
N GLY F 132 -15.37 -34.39 -0.81
CA GLY F 132 -14.21 -34.88 -1.53
C GLY F 132 -14.34 -36.33 -1.99
N ASP F 133 -13.49 -36.72 -2.93
CA ASP F 133 -13.52 -38.08 -3.43
C ASP F 133 -13.01 -39.05 -2.38
N PRO F 134 -13.76 -40.09 -2.04
CA PRO F 134 -13.29 -41.02 -1.00
C PRO F 134 -11.94 -41.68 -1.33
N TYR F 135 -11.70 -42.00 -2.61
CA TYR F 135 -10.42 -42.57 -2.97
C TYR F 135 -9.28 -41.59 -2.72
N LEU F 136 -9.50 -40.31 -3.02
CA LEU F 136 -8.50 -39.30 -2.68
C LEU F 136 -8.35 -39.17 -1.17
N HIS F 137 -9.47 -39.21 -0.44
CA HIS F 137 -9.42 -39.08 1.01
C HIS F 137 -8.63 -40.20 1.65
N ASN F 138 -8.69 -41.41 1.09
CA ASN F 138 -7.96 -42.54 1.66
C ASN F 138 -6.46 -42.27 1.70
N THR F 139 -5.90 -41.71 0.62
CA THR F 139 -4.48 -41.38 0.60
C THR F 139 -4.20 -40.10 1.38
N ILE F 140 -5.11 -39.14 1.34
CA ILE F 140 -4.91 -37.87 2.03
C ILE F 140 -4.80 -38.09 3.53
N GLY F 141 -5.70 -38.91 4.08
CA GLY F 141 -5.65 -39.17 5.51
C GLY F 141 -4.38 -39.85 5.96
N SER F 142 -3.92 -40.85 5.18
CA SER F 142 -2.69 -41.53 5.52
C SER F 142 -1.50 -40.59 5.45
N LYS F 143 -1.43 -39.75 4.41
CA LYS F 143 -0.32 -38.81 4.30
C LYS F 143 -0.34 -37.79 5.43
N LEU F 144 -1.52 -37.31 5.82
CA LEU F 144 -1.61 -36.39 6.94
C LEU F 144 -1.22 -37.06 8.25
N LEU F 145 -1.56 -38.34 8.41
CA LEU F 145 -1.17 -39.08 9.60
C LEU F 145 0.35 -39.22 9.65
N GLU F 146 0.99 -39.45 8.50
CA GLU F 146 2.44 -39.52 8.47
C GLU F 146 3.08 -38.21 8.92
N GLY F 147 2.42 -37.09 8.67
CA GLY F 147 2.90 -35.78 9.05
C GLY F 147 2.45 -35.30 10.41
N ASP F 148 1.92 -36.20 11.25
CA ASP F 148 1.46 -35.87 12.60
C ASP F 148 0.35 -34.81 12.57
N PHE F 149 -0.68 -35.10 11.78
CA PHE F 149 -1.88 -34.27 11.72
C PHE F 149 -3.08 -35.12 12.10
N VAL F 150 -2.96 -35.84 13.22
CA VAL F 150 -3.89 -36.93 13.53
C VAL F 150 -5.32 -36.43 13.59
N TYR F 151 -5.56 -35.29 14.23
CA TYR F 151 -6.91 -34.75 14.30
C TYR F 151 -7.41 -34.37 12.92
N GLU F 152 -6.52 -33.82 12.08
CA GLU F 152 -6.89 -33.52 10.70
C GLU F 152 -6.96 -34.76 9.82
N ALA F 153 -6.22 -35.81 10.15
CA ALA F 153 -6.24 -37.05 9.39
C ALA F 153 -7.40 -37.96 9.77
N GLU F 154 -8.04 -37.72 10.91
CA GLU F 154 -9.23 -38.49 11.30
C GLU F 154 -10.45 -38.06 10.52
N ARG F 155 -10.57 -36.75 10.23
CA ARG F 155 -11.68 -36.23 9.46
C ARG F 155 -11.61 -36.61 7.99
N TYR F 156 -10.48 -37.15 7.53
CA TYR F 156 -10.36 -37.64 6.16
C TYR F 156 -10.63 -39.14 6.05
N PHE F 157 -10.22 -39.92 7.06
CA PHE F 157 -10.61 -41.32 7.12
C PHE F 157 -12.11 -41.47 7.32
N MET F 158 -12.78 -40.45 7.84
CA MET F 158 -14.22 -40.52 8.07
C MET F 158 -14.99 -40.68 6.76
N LEU F 159 -14.65 -39.88 5.75
CA LEU F 159 -15.33 -39.90 4.45
C LEU F 159 -14.47 -40.58 3.39
N GLY F 160 -13.77 -41.64 3.76
CA GLY F 160 -12.97 -42.42 2.84
C GLY F 160 -13.64 -43.72 2.46
N THR F 161 -12.83 -44.67 1.99
CA THR F 161 -13.30 -45.97 1.59
C THR F 161 -13.27 -46.93 2.78
N HIS F 162 -13.45 -48.23 2.52
CA HIS F 162 -13.37 -49.21 3.58
C HIS F 162 -11.97 -49.27 4.17
N ASP F 163 -10.95 -49.16 3.32
CA ASP F 163 -9.58 -49.10 3.82
C ASP F 163 -9.36 -47.89 4.72
N SER F 164 -10.06 -46.79 4.44
CA SER F 164 -9.99 -45.64 5.33
C SER F 164 -10.55 -45.98 6.71
N MET F 165 -11.65 -46.73 6.76
CA MET F 165 -12.20 -47.16 8.04
C MET F 165 -11.23 -48.08 8.77
N ILE F 166 -10.58 -48.99 8.04
CA ILE F 166 -9.62 -49.89 8.66
C ILE F 166 -8.45 -49.09 9.25
N LYS F 167 -7.95 -48.11 8.49
CA LYS F 167 -6.85 -47.29 8.97
C LYS F 167 -7.27 -46.43 10.15
N TYR F 168 -8.51 -45.95 10.15
CA TYR F 168 -9.02 -45.18 11.28
C TYR F 168 -9.07 -46.02 12.54
N VAL F 169 -9.55 -47.26 12.42
CA VAL F 169 -9.59 -48.17 13.58
C VAL F 169 -8.18 -48.46 14.05
N ASP F 170 -7.25 -48.69 13.12
CA ASP F 170 -5.87 -48.96 13.52
C ASP F 170 -5.25 -47.77 14.23
N LEU F 171 -5.50 -46.56 13.73
CA LEU F 171 -4.97 -45.36 14.36
C LEU F 171 -5.53 -45.18 15.76
N LEU F 172 -6.84 -45.40 15.94
CA LEU F 172 -7.43 -45.26 17.26
C LEU F 172 -6.88 -46.31 18.22
N TRP F 173 -6.71 -47.55 17.74
CA TRP F 173 -6.17 -48.61 18.59
C TRP F 173 -4.74 -48.29 18.99
N ASP F 174 -3.92 -47.81 18.05
CA ASP F 174 -2.55 -47.45 18.39
C ASP F 174 -2.50 -46.27 19.37
N TRP F 175 -3.40 -45.30 19.19
CA TRP F 175 -3.47 -44.18 20.12
C TRP F 175 -3.83 -44.65 21.52
N LEU F 176 -4.77 -45.59 21.62
CA LEU F 176 -5.13 -46.13 22.93
C LEU F 176 -3.97 -46.91 23.54
N CYS F 177 -3.29 -47.72 22.73
CA CYS F 177 -2.18 -48.53 23.24
C CYS F 177 -1.01 -47.68 23.69
N GLN F 178 -0.80 -46.53 23.05
CA GLN F 178 0.33 -45.67 23.40
C GLN F 178 0.16 -44.99 24.76
N VAL F 179 -1.05 -44.97 25.31
CA VAL F 179 -1.30 -44.35 26.61
C VAL F 179 -1.06 -45.39 27.70
N ASP F 180 -0.17 -45.06 28.64
CA ASP F 180 0.18 -46.01 29.69
C ASP F 180 -0.99 -46.25 30.64
N ASP F 181 -1.60 -45.18 31.13
CA ASP F 181 -2.69 -45.30 32.08
C ASP F 181 -4.01 -45.59 31.37
N ILE F 182 -5.01 -45.99 32.15
CA ILE F 182 -6.34 -46.27 31.62
C ILE F 182 -7.38 -45.44 32.35
N GLU F 183 -7.42 -45.56 33.68
CA GLU F 183 -8.35 -44.80 34.52
C GLU F 183 -9.79 -44.94 34.06
N ASP F 184 -10.11 -46.10 33.46
CA ASP F 184 -11.44 -46.46 32.96
C ASP F 184 -12.12 -45.32 32.22
N SER F 185 -11.34 -44.47 31.54
CA SER F 185 -11.90 -43.37 30.78
C SER F 185 -11.27 -43.28 29.40
N THR F 186 -10.07 -43.87 29.25
CA THR F 186 -9.39 -43.83 27.95
C THR F 186 -10.18 -44.59 26.89
N VAL F 187 -10.54 -45.85 27.19
CA VAL F 187 -11.17 -46.70 26.18
C VAL F 187 -12.50 -46.10 25.75
N ALA F 188 -13.27 -45.57 26.71
CA ALA F 188 -14.53 -44.93 26.37
C ALA F 188 -14.31 -43.73 25.45
N GLU F 189 -13.31 -42.91 25.75
CA GLU F 189 -13.07 -41.71 24.96
C GLU F 189 -12.58 -42.05 23.56
N PHE F 190 -11.85 -43.15 23.41
CA PHE F 190 -11.43 -43.59 22.08
C PHE F 190 -12.59 -44.19 21.29
N PHE F 191 -13.41 -45.02 21.95
CA PHE F 191 -14.51 -45.69 21.25
C PHE F 191 -15.63 -44.71 20.89
N SER F 192 -15.79 -43.64 21.67
CA SER F 192 -16.83 -42.66 21.39
C SER F 192 -16.59 -41.99 20.05
N ARG F 193 -15.33 -41.65 19.73
CA ARG F 193 -15.02 -41.06 18.45
C ARG F 193 -15.37 -42.01 17.31
N LEU F 194 -14.99 -43.28 17.45
CA LEU F 194 -15.24 -44.25 16.38
C LEU F 194 -16.73 -44.44 16.15
N VAL F 195 -17.52 -44.45 17.23
CA VAL F 195 -18.96 -44.62 17.08
C VAL F 195 -19.60 -43.37 16.49
N PHE F 196 -19.28 -42.20 17.05
CA PHE F 196 -19.98 -40.97 16.70
C PHE F 196 -19.62 -40.50 15.29
N ASN F 197 -18.35 -40.61 14.91
CA ASN F 197 -17.94 -40.15 13.58
C ASN F 197 -18.64 -40.94 12.49
N TYR F 198 -18.78 -42.26 12.67
CA TYR F 198 -19.44 -43.08 11.67
C TYR F 198 -20.95 -43.14 11.86
N LEU F 199 -21.47 -42.59 12.95
CA LEU F 199 -22.92 -42.40 13.05
C LEU F 199 -23.38 -41.06 12.50
N PHE F 200 -22.52 -40.06 12.50
CA PHE F 200 -22.90 -38.74 11.98
C PHE F 200 -23.21 -38.80 10.50
N ILE F 201 -22.37 -39.49 9.73
CA ILE F 201 -22.57 -39.61 8.28
C ILE F 201 -23.50 -40.78 8.00
N SER F 202 -24.04 -41.37 9.06
CA SER F 202 -25.01 -42.47 8.96
C SER F 202 -24.45 -43.67 8.22
N ASN F 203 -23.14 -43.89 8.33
CA ASN F 203 -22.50 -45.07 7.75
C ASN F 203 -22.49 -46.17 8.81
N ILE F 204 -23.69 -46.63 9.15
CA ILE F 204 -23.87 -47.53 10.28
C ILE F 204 -23.23 -48.89 10.04
N SER F 205 -23.13 -49.32 8.78
CA SER F 205 -22.39 -50.56 8.50
C SER F 205 -20.92 -50.42 8.91
N PHE F 206 -20.30 -49.31 8.51
CA PHE F 206 -18.91 -49.06 8.92
C PHE F 206 -18.81 -48.90 10.42
N ALA F 207 -19.79 -48.24 11.04
CA ALA F 207 -19.79 -48.09 12.49
C ALA F 207 -19.82 -49.45 13.18
N HIS F 208 -20.68 -50.35 12.71
CA HIS F 208 -20.77 -51.68 13.30
C HIS F 208 -19.49 -52.46 13.11
N GLU F 209 -18.91 -52.43 11.91
CA GLU F 209 -17.68 -53.18 11.66
C GLU F 209 -16.52 -52.63 12.50
N SER F 210 -16.40 -51.31 12.58
CA SER F 210 -15.36 -50.70 13.39
C SER F 210 -15.56 -51.01 14.87
N LYS F 211 -16.81 -51.00 15.33
CA LYS F 211 -17.10 -51.38 16.71
C LYS F 211 -16.68 -52.82 16.97
N ASP F 212 -16.99 -53.73 16.04
CA ASP F 212 -16.61 -55.12 16.22
C ASP F 212 -15.09 -55.26 16.31
N ILE F 213 -14.37 -54.60 15.40
CA ILE F 213 -12.91 -54.71 15.39
C ILE F 213 -12.32 -54.14 16.68
N PHE F 214 -12.79 -52.95 17.08
CA PHE F 214 -12.26 -52.31 18.28
C PHE F 214 -12.55 -53.11 19.53
N LEU F 215 -13.77 -53.65 19.65
CA LEU F 215 -14.12 -54.44 20.82
C LEU F 215 -13.37 -55.76 20.86
N GLU F 216 -13.15 -56.38 19.69
CA GLU F 216 -12.34 -57.60 19.65
C GLU F 216 -10.90 -57.31 20.08
N ARG F 217 -10.33 -56.20 19.60
CA ARG F 217 -8.98 -55.85 20.02
C ARG F 217 -8.91 -55.53 21.51
N PHE F 218 -9.95 -54.86 22.03
CA PHE F 218 -10.00 -54.56 23.46
C PHE F 218 -10.08 -55.85 24.28
N ILE F 219 -10.89 -56.80 23.84
CA ILE F 219 -11.01 -58.08 24.54
C ILE F 219 -9.71 -58.87 24.46
N GLU F 220 -8.99 -58.75 23.33
CA GLU F 220 -7.73 -59.49 23.19
C GLU F 220 -6.64 -58.90 24.07
N LYS F 221 -6.32 -57.62 23.88
CA LYS F 221 -5.19 -57.02 24.61
C LYS F 221 -5.49 -56.89 26.09
N PHE F 222 -6.66 -56.33 26.43
CA PHE F 222 -7.06 -56.23 27.82
C PHE F 222 -7.81 -57.50 28.24
N HIS F 223 -8.18 -57.56 29.51
CA HIS F 223 -8.93 -58.70 30.06
C HIS F 223 -10.06 -58.20 30.94
N PRO F 224 -11.11 -57.63 30.35
CA PRO F 224 -12.28 -57.23 31.14
C PRO F 224 -13.29 -58.36 31.26
N LYS F 225 -14.41 -58.10 31.92
CA LYS F 225 -15.48 -59.09 32.08
C LYS F 225 -16.53 -58.80 31.00
N TYR F 226 -16.58 -59.66 30.00
CA TYR F 226 -17.47 -59.49 28.85
C TYR F 226 -18.50 -60.61 28.79
N GLU F 227 -19.72 -60.26 28.41
CA GLU F 227 -20.80 -61.23 28.24
C GLU F 227 -21.51 -60.93 26.92
N LYS F 228 -21.61 -61.95 26.05
CA LYS F 228 -22.19 -61.75 24.72
C LYS F 228 -23.70 -61.89 24.81
N ILE F 229 -24.40 -60.76 24.94
CA ILE F 229 -25.86 -60.75 24.94
C ILE F 229 -26.28 -60.70 23.48
N ASP F 230 -26.68 -61.86 22.96
CA ASP F 230 -27.07 -61.99 21.56
C ASP F 230 -28.55 -62.37 21.47
N LYS F 231 -29.32 -61.58 20.72
CA LYS F 231 -30.74 -61.84 20.56
C LYS F 231 -31.16 -61.38 19.16
N ASN F 232 -31.97 -62.22 18.49
CA ASN F 232 -32.60 -61.94 17.21
C ASN F 232 -31.58 -61.84 16.08
N GLY F 233 -30.28 -61.92 16.37
CA GLY F 233 -29.27 -61.73 15.37
C GLY F 233 -28.32 -60.61 15.75
N TYR F 234 -28.78 -59.72 16.63
CA TYR F 234 -27.95 -58.62 17.09
C TYR F 234 -27.24 -59.03 18.38
N GLU F 235 -25.92 -58.91 18.39
CA GLU F 235 -25.09 -59.31 19.51
C GLU F 235 -24.37 -58.08 20.06
N ILE F 236 -24.48 -57.87 21.37
CA ILE F 236 -23.83 -56.75 22.05
C ILE F 236 -23.02 -57.32 23.20
N VAL F 237 -21.76 -56.90 23.30
CA VAL F 237 -20.97 -57.30 24.46
C VAL F 237 -21.32 -56.43 25.66
N PHE F 238 -21.33 -57.06 26.83
CA PHE F 238 -21.70 -56.40 28.08
C PHE F 238 -20.52 -56.42 29.03
N PHE F 239 -20.19 -55.25 29.57
CA PHE F 239 -19.15 -55.09 30.57
C PHE F 239 -19.77 -54.59 31.86
N GLU F 240 -19.16 -54.95 33.00
CA GLU F 240 -19.65 -54.51 34.30
C GLU F 240 -19.10 -53.13 34.66
N ASP F 241 -17.77 -53.01 34.72
CA ASP F 241 -17.16 -51.73 35.08
C ASP F 241 -17.22 -50.73 33.93
N TYR F 242 -17.01 -51.20 32.70
CA TYR F 242 -16.98 -50.32 31.54
C TYR F 242 -18.40 -50.17 30.97
N SER F 243 -19.21 -49.37 31.68
CA SER F 243 -20.58 -49.12 31.25
C SER F 243 -20.64 -48.20 30.04
N ASP F 244 -19.58 -47.43 29.77
CA ASP F 244 -19.59 -46.50 28.65
C ASP F 244 -19.65 -47.24 27.32
N LEU F 245 -18.94 -48.36 27.22
CA LEU F 245 -19.00 -49.16 25.99
C LEU F 245 -20.40 -49.70 25.75
N ASN F 246 -21.07 -50.16 26.82
CA ASN F 246 -22.44 -50.61 26.68
C ASN F 246 -23.36 -49.47 26.27
N PHE F 247 -23.16 -48.28 26.84
CA PHE F 247 -23.97 -47.14 26.44
C PHE F 247 -23.78 -46.81 24.97
N LEU F 248 -22.53 -46.85 24.49
CA LEU F 248 -22.27 -46.53 23.08
C LEU F 248 -22.86 -47.59 22.16
N GLN F 249 -22.74 -48.87 22.52
CA GLN F 249 -23.34 -49.92 21.70
C GLN F 249 -24.86 -49.79 21.66
N LEU F 250 -25.48 -49.54 22.80
CA LEU F 250 -26.93 -49.37 22.83
C LEU F 250 -27.37 -48.11 22.09
N LEU F 251 -26.55 -47.06 22.12
CA LEU F 251 -26.86 -45.87 21.33
C LEU F 251 -26.80 -46.17 19.85
N LEU F 252 -25.81 -46.95 19.42
CA LEU F 252 -25.74 -47.36 18.02
C LEU F 252 -26.97 -48.17 17.64
N ILE F 253 -27.39 -49.09 18.50
CA ILE F 253 -28.57 -49.91 18.21
C ILE F 253 -29.82 -49.04 18.13
N THR F 254 -29.97 -48.10 19.06
CA THR F 254 -31.13 -47.21 19.08
C THR F 254 -31.17 -46.34 17.83
N CYS F 255 -30.02 -45.78 17.44
CA CYS F 255 -29.96 -45.02 16.20
C CYS F 255 -30.27 -45.89 15.00
N GLN F 256 -29.91 -47.18 15.08
CA GLN F 256 -30.24 -48.11 14.00
C GLN F 256 -31.74 -48.30 13.87
N THR F 257 -32.43 -48.52 15.00
CA THR F 257 -33.86 -48.79 14.95
C THR F 257 -34.68 -47.52 14.69
N LYS F 258 -34.13 -46.34 14.99
CA LYS F 258 -34.77 -45.06 14.69
C LYS F 258 -36.16 -44.95 15.33
N ASP F 259 -36.19 -45.01 16.65
CA ASP F 259 -37.43 -44.85 17.40
C ASP F 259 -37.19 -43.92 18.58
N LYS F 260 -38.20 -43.10 18.89
CA LYS F 260 -38.05 -42.09 19.93
C LYS F 260 -38.06 -42.71 21.32
N SER F 261 -38.88 -43.73 21.54
CA SER F 261 -39.02 -44.30 22.89
C SER F 261 -37.71 -44.90 23.38
N TYR F 262 -37.02 -45.65 22.52
CA TYR F 262 -35.75 -46.24 22.92
C TYR F 262 -34.72 -45.16 23.23
N PHE F 263 -34.68 -44.10 22.42
CA PHE F 263 -33.76 -43.00 22.68
C PHE F 263 -34.06 -42.34 24.01
N LEU F 264 -35.34 -42.12 24.31
CA LEU F 264 -35.69 -41.50 25.60
C LEU F 264 -35.31 -42.39 26.77
N ASN F 265 -35.55 -43.70 26.65
CA ASN F 265 -35.17 -44.61 27.72
C ASN F 265 -33.66 -44.63 27.94
N LEU F 266 -32.90 -44.68 26.85
CA LEU F 266 -31.45 -44.68 26.98
C LEU F 266 -30.94 -43.35 27.56
N LYS F 267 -31.55 -42.23 27.15
CA LYS F 267 -31.09 -40.93 27.61
C LYS F 267 -31.40 -40.73 29.09
N ASN F 268 -32.60 -41.08 29.53
CA ASN F 268 -32.93 -40.86 30.93
C ASN F 268 -32.42 -41.99 31.84
N HIS F 269 -31.92 -43.08 31.27
CA HIS F 269 -31.20 -44.06 32.09
C HIS F 269 -29.76 -43.62 32.30
N TYR F 270 -29.01 -43.46 31.21
CA TYR F 270 -27.63 -42.99 31.28
C TYR F 270 -27.60 -41.47 31.29
N LEU F 271 -28.10 -40.91 32.39
CA LEU F 271 -28.20 -39.45 32.51
C LEU F 271 -26.82 -38.79 32.51
N ASP F 272 -25.86 -39.37 33.24
CA ASP F 272 -24.54 -38.77 33.33
C ASP F 272 -23.83 -38.73 31.99
N PHE F 273 -23.87 -39.85 31.26
CA PHE F 273 -23.21 -39.89 29.96
C PHE F 273 -23.94 -39.06 28.92
N SER F 274 -25.27 -38.99 29.02
CA SER F 274 -26.03 -38.08 28.15
C SER F 274 -25.64 -36.63 28.40
N GLN F 275 -25.44 -36.27 29.67
CA GLN F 275 -24.97 -34.93 30.00
C GLN F 275 -23.56 -34.70 29.46
N ALA F 276 -22.69 -35.72 29.56
CA ALA F 276 -21.32 -35.57 29.09
C ALA F 276 -21.24 -35.40 27.58
N TYR F 277 -22.12 -36.06 26.83
CA TYR F 277 -22.11 -36.02 25.37
C TYR F 277 -23.34 -35.29 24.81
N LYS F 278 -23.77 -34.22 25.47
CA LYS F 278 -25.04 -33.59 25.12
C LYS F 278 -25.11 -33.18 23.66
N SER F 279 -24.03 -32.59 23.14
CA SER F 279 -24.02 -32.17 21.74
C SER F 279 -24.20 -33.36 20.81
N GLU F 280 -23.51 -34.46 21.08
CA GLU F 280 -23.58 -35.63 20.20
C GLU F 280 -24.97 -36.24 20.20
N LEU F 281 -25.57 -36.42 21.39
CA LEU F 281 -26.92 -36.98 21.44
C LEU F 281 -27.95 -36.06 20.82
N GLU F 282 -27.85 -34.74 21.04
CA GLU F 282 -28.86 -33.87 20.41
C GLU F 282 -28.70 -33.82 18.89
N PHE F 283 -27.46 -33.85 18.39
CA PHE F 283 -27.29 -33.92 16.94
C PHE F 283 -27.81 -35.25 16.39
N LEU F 284 -27.57 -36.34 17.10
CA LEU F 284 -28.06 -37.63 16.64
C LEU F 284 -29.59 -37.66 16.63
N GLY F 285 -30.22 -37.08 17.64
CA GLY F 285 -31.67 -37.00 17.66
C GLY F 285 -32.21 -36.14 16.52
N GLN F 286 -31.55 -35.03 16.25
CA GLN F 286 -31.97 -34.17 15.13
C GLN F 286 -31.82 -34.89 13.80
N GLU F 287 -30.73 -35.64 13.63
CA GLU F 287 -30.46 -36.28 12.35
C GLU F 287 -31.37 -37.50 12.12
N TYR F 288 -31.63 -38.27 13.17
CA TYR F 288 -32.30 -39.57 13.02
C TYR F 288 -33.77 -39.53 13.42
N PHE F 289 -34.09 -38.97 14.58
CA PHE F 289 -35.42 -39.05 15.16
C PHE F 289 -36.27 -37.83 14.83
N ASN F 290 -35.85 -36.99 13.90
CA ASN F 290 -36.60 -35.82 13.47
C ASN F 290 -36.94 -34.91 14.65
N ILE F 291 -35.97 -34.72 15.53
CA ILE F 291 -36.10 -33.83 16.67
C ILE F 291 -35.62 -32.45 16.24
N VAL F 292 -36.51 -31.45 16.33
CA VAL F 292 -36.20 -30.10 15.87
C VAL F 292 -35.31 -29.45 16.93
N ALA F 293 -34.00 -29.48 16.71
CA ALA F 293 -33.08 -28.83 17.62
C ALA F 293 -33.24 -27.32 17.56
N PRO F 294 -32.97 -26.61 18.67
CA PRO F 294 -33.08 -25.15 18.64
C PRO F 294 -32.11 -24.54 17.64
N LYS F 295 -32.55 -23.45 17.00
CA LYS F 295 -31.75 -22.79 15.98
C LYS F 295 -30.58 -22.06 16.62
N GLN F 296 -29.63 -21.66 15.77
CA GLN F 296 -28.44 -20.96 16.24
C GLN F 296 -28.83 -19.64 16.90
N THR F 297 -28.25 -19.37 18.06
CA THR F 297 -28.55 -18.16 18.83
C THR F 297 -27.62 -17.04 18.36
N ASN F 298 -28.04 -16.40 17.27
CA ASN F 298 -27.27 -15.27 16.74
C ASN F 298 -27.27 -14.11 17.73
N PHE F 299 -26.09 -13.50 17.89
CA PHE F 299 -25.93 -12.45 18.90
C PHE F 299 -26.81 -11.24 18.57
N LEU F 300 -26.79 -10.79 17.31
CA LEU F 300 -27.58 -9.63 16.93
C LEU F 300 -29.07 -9.90 17.07
N GLN F 301 -29.52 -11.09 16.65
CA GLN F 301 -30.92 -11.44 16.80
C GLN F 301 -31.32 -11.54 18.26
N ASP F 302 -30.42 -12.07 19.10
CA ASP F 302 -30.71 -12.16 20.53
C ASP F 302 -30.86 -10.78 21.14
N MET F 303 -29.97 -9.84 20.78
CA MET F 303 -30.10 -8.48 21.28
C MET F 303 -31.39 -7.82 20.79
N MET F 304 -31.73 -8.03 19.52
CA MET F 304 -32.93 -7.41 18.97
C MET F 304 -34.18 -7.95 19.65
N SER F 305 -34.23 -9.26 19.91
CA SER F 305 -35.42 -9.85 20.52
C SER F 305 -35.51 -9.52 22.00
N GLY F 306 -34.38 -9.53 22.71
CA GLY F 306 -34.41 -9.32 24.15
C GLY F 306 -34.44 -7.87 24.58
N PHE F 307 -33.98 -6.96 23.72
CA PHE F 307 -33.89 -5.55 24.06
C PHE F 307 -34.75 -4.68 23.15
N LEU F 308 -34.64 -4.84 21.85
CA LEU F 308 -35.40 -4.02 20.90
C LEU F 308 -36.82 -4.55 20.73
ZN ZN G . 35.12 -3.87 -20.36
PG ATP H . 15.13 -5.20 -7.05
O1G ATP H . 14.44 -5.40 -8.35
O2G ATP H . 15.03 -3.78 -6.51
O3G ATP H . 14.68 -6.17 -5.95
PB ATP H . 17.90 -5.97 -6.33
O1B ATP H . 18.53 -4.86 -5.57
O2B ATP H . 17.41 -7.15 -5.51
O3B ATP H . 16.68 -5.47 -7.19
PA ATP H . 19.77 -7.84 -7.64
O1A ATP H . 18.94 -8.99 -8.07
O2A ATP H . 20.54 -8.07 -6.35
O3A ATP H . 18.89 -6.54 -7.44
O5' ATP H . 20.81 -7.41 -8.75
C5' ATP H . 20.43 -7.34 -10.14
C4' ATP H . 21.27 -8.30 -10.95
O4' ATP H . 22.66 -7.91 -10.84
C3' ATP H . 21.20 -9.76 -10.50
O3' ATP H . 21.20 -10.64 -11.63
C2' ATP H . 22.46 -9.93 -9.65
O2' ATP H . 22.94 -11.27 -9.69
C1' ATP H . 23.43 -9.00 -10.38
N9 ATP H . 24.49 -8.46 -9.52
C8 ATP H . 24.35 -7.89 -8.29
N7 ATP H . 25.47 -7.50 -7.75
C5 ATP H . 26.43 -7.83 -8.69
C6 ATP H . 27.82 -7.68 -8.72
N6 ATP H . 28.53 -7.11 -7.74
N1 ATP H . 28.48 -8.12 -9.82
C2 ATP H . 27.77 -8.67 -10.81
N3 ATP H . 26.46 -8.86 -10.89
C4 ATP H . 25.84 -8.43 -9.80
MG MG I . 15.45 -7.76 -4.44
PG ATP J . 14.10 2.02 -10.14
O1G ATP J . 14.93 2.21 -8.92
O2G ATP J . 13.35 0.70 -10.19
O3G ATP J . 13.09 3.16 -10.37
PB ATP J . 14.90 2.40 -12.97
O1B ATP J . 14.37 1.30 -13.78
O2B ATP J . 14.15 3.72 -13.05
O3B ATP J . 14.99 2.02 -11.44
PA ATP J . 17.23 3.82 -14.12
O1A ATP J . 17.39 5.04 -13.30
O2A ATP J . 16.51 4.04 -15.45
O3A ATP J . 16.43 2.70 -13.33
O5' ATP J . 18.61 3.12 -14.43
C5' ATP J . 19.63 3.00 -13.41
C4' ATP J . 20.87 3.72 -13.85
O4' ATP J . 21.38 3.12 -15.06
C3' ATP J . 20.69 5.21 -14.13
O3' ATP J . 21.80 5.97 -13.67
C2' ATP J . 20.59 5.25 -15.66
O2' ATP J . 21.04 6.49 -16.19
C1' ATP J . 21.51 4.11 -16.06
N9 ATP J . 21.19 3.50 -17.34
C8 ATP J . 19.96 3.07 -17.77
N7 ATP J . 19.96 2.56 -18.97
C5 ATP J . 21.28 2.64 -19.36
C6 ATP J . 21.95 2.27 -20.55
N6 ATP J . 21.34 1.69 -21.60
N1 ATP J . 23.28 2.49 -20.62
C2 ATP J . 23.88 3.06 -19.58
N3 ATP J . 23.37 3.45 -18.41
C4 ATP J . 22.06 3.22 -18.38
MG MG K . 12.40 4.73 -11.94
#